data_7GAD
# 
_entry.id   7GAD 
# 
_audit_conform.dict_name       mmcif_pdbx.dic 
_audit_conform.dict_version    5.396 
_audit_conform.dict_location   http://mmcif.pdb.org/dictionaries/ascii/mmcif_pdbx.dic 
# 
loop_
_database_2.database_id 
_database_2.database_code 
_database_2.pdbx_database_accession 
_database_2.pdbx_DOI 
PDB   7GAD         pdb_00007gad 10.2210/pdb7gad/pdb 
WWPDB D_1001405934 ?            ?                   
# 
_pdbx_audit_revision_history.ordinal             1 
_pdbx_audit_revision_history.data_content_type   'Structure model' 
_pdbx_audit_revision_history.major_revision      1 
_pdbx_audit_revision_history.minor_revision      0 
_pdbx_audit_revision_history.revision_date       2024-09-04 
# 
_pdbx_audit_revision_details.ordinal             1 
_pdbx_audit_revision_details.revision_ordinal    1 
_pdbx_audit_revision_details.data_content_type   'Structure model' 
_pdbx_audit_revision_details.provider            repository 
_pdbx_audit_revision_details.type                'Initial release' 
_pdbx_audit_revision_details.description         ? 
_pdbx_audit_revision_details.details             ? 
# 
_pdbx_database_status.entry_id                        7GAD 
_pdbx_database_status.status_code                     REL 
_pdbx_database_status.status_code_sf                  REL 
_pdbx_database_status.status_code_mr                  ? 
_pdbx_database_status.status_code_cs                  ? 
_pdbx_database_status.recvd_initial_deposition_date   2023-08-10 
_pdbx_database_status.status_code_nmr_data            ? 
_pdbx_database_status.deposit_site                    RCSB 
_pdbx_database_status.process_site                    RCSB 
_pdbx_database_status.SG_entry                        ? 
_pdbx_database_status.pdb_format_compatible           Y 
_pdbx_database_status.methods_development_category    ? 
# 
_pdbx_contact_author.id                 1 
_pdbx_contact_author.email              knapp@pharmchem.uni-frankfurt.de 
_pdbx_contact_author.name_first         Stefan 
_pdbx_contact_author.name_last          Knapp 
_pdbx_contact_author.role               'principal investigator/group leader' 
_pdbx_contact_author.identifier_ORCID   0000-0001-5995-6494 
_pdbx_contact_author.name_mi            ? 
# 
loop_
_audit_author.name 
_audit_author.pdbx_ordinal 
_audit_author.identifier_ORCID 
'Kumar, A.'                            1 ? 
'Marples, P.G.'                        2 ? 
'Tomlinson, C.W.E.'                    3 ? 
'Fearon, D.'                           4 ? 
'von-Delft, F.'                        5 ? 
'Knapp, S.'                            6 ? 
'Structural Genomics Consortium (SGC)' 7 ? 
# 
_citation.id                        primary 
_citation.title                     'PanDDA analysis group deposition' 
_citation.journal_abbrev            'To Be Published' 
_citation.journal_volume            ? 
_citation.page_first                ? 
_citation.page_last                 ? 
_citation.year                      ? 
_citation.journal_id_ASTM           ? 
_citation.country                   ? 
_citation.journal_id_ISSN           ? 
_citation.journal_id_CSD            0353 
_citation.book_publisher            ? 
_citation.pdbx_database_id_PubMed   ? 
_citation.pdbx_database_id_DOI      ? 
# 
loop_
_citation_author.citation_id 
_citation_author.name 
_citation_author.identifier_ORCID 
_citation_author.ordinal 
primary 'Kumar, A.'                            ? 1 
primary 'Knapp, S.'                            ? 2 
primary 'Structural Genomics Consortium (SGC)' ? 3 
# 
loop_
_entity.id 
_entity.type 
_entity.src_method 
_entity.pdbx_description 
_entity.formula_weight 
_entity.pdbx_number_of_molecules 
_entity.pdbx_ec 
_entity.pdbx_mutation 
_entity.pdbx_fragment 
_entity.details 
1 polymer     man 'Microtubule-associated proteins 1A/1B light chain 3B' 14237.361 1  ? TruncationafterGly120 ? ? 
2 non-polymer syn 'N-[(1,3-thiazol-5-yl)methyl]acetamide'                156.206   2  ? ?                     ? ? 
3 non-polymer syn 1,2-ETHANEDIOL                                         62.068    8  ? ?                     ? ? 
4 non-polymer syn 'CHLORIDE ION'                                         35.453    1  ? ?                     ? ? 
5 water       nat water                                                  18.015    91 ? ?                     ? ? 
# 
_entity_name_com.entity_id   1 
_entity_name_com.name        
;Autophagy-related protein LC3 B,Autophagy-related ubiquitin-like modifier LC3 B,MAP1 light chain 3-like protein 2,MAP1A/MAP1B light chain 3 B,MAP1A/MAP1B LC3 B,Microtubule-associated protein 1 light chain 3 beta
;
# 
_entity_poly.entity_id                      1 
_entity_poly.type                           'polypeptide(L)' 
_entity_poly.nstd_linkage                   no 
_entity_poly.nstd_monomer                   no 
_entity_poly.pdbx_seq_one_letter_code       
;SMPSEKTFKQRRTFEQRVEDVRLIREQHPTKIPVIIERYKGEKQLPVLDKTKFLVPDHVNMSELIKIIRRRLQLNANQAF
FLLVNGHSMVSVSTPISEVYESEKDEDGFLYMVYASQETFG
;
_entity_poly.pdbx_seq_one_letter_code_can   
;SMPSEKTFKQRRTFEQRVEDVRLIREQHPTKIPVIIERYKGEKQLPVLDKTKFLVPDHVNMSELIKIIRRRLQLNANQAF
FLLVNGHSMVSVSTPISEVYESEKDEDGFLYMVYASQETFG
;
_entity_poly.pdbx_strand_id                 A 
_entity_poly.pdbx_target_identifier         ? 
# 
loop_
_pdbx_entity_nonpoly.entity_id 
_pdbx_entity_nonpoly.name 
_pdbx_entity_nonpoly.comp_id 
2 'N-[(1,3-thiazol-5-yl)methyl]acetamide' K8L 
3 1,2-ETHANEDIOL                          EDO 
4 'CHLORIDE ION'                          CL  
5 water                                   HOH 
# 
loop_
_entity_poly_seq.entity_id 
_entity_poly_seq.num 
_entity_poly_seq.mon_id 
_entity_poly_seq.hetero 
1 1   SER n 
1 2   MET n 
1 3   PRO n 
1 4   SER n 
1 5   GLU n 
1 6   LYS n 
1 7   THR n 
1 8   PHE n 
1 9   LYS n 
1 10  GLN n 
1 11  ARG n 
1 12  ARG n 
1 13  THR n 
1 14  PHE n 
1 15  GLU n 
1 16  GLN n 
1 17  ARG n 
1 18  VAL n 
1 19  GLU n 
1 20  ASP n 
1 21  VAL n 
1 22  ARG n 
1 23  LEU n 
1 24  ILE n 
1 25  ARG n 
1 26  GLU n 
1 27  GLN n 
1 28  HIS n 
1 29  PRO n 
1 30  THR n 
1 31  LYS n 
1 32  ILE n 
1 33  PRO n 
1 34  VAL n 
1 35  ILE n 
1 36  ILE n 
1 37  GLU n 
1 38  ARG n 
1 39  TYR n 
1 40  LYS n 
1 41  GLY n 
1 42  GLU n 
1 43  LYS n 
1 44  GLN n 
1 45  LEU n 
1 46  PRO n 
1 47  VAL n 
1 48  LEU n 
1 49  ASP n 
1 50  LYS n 
1 51  THR n 
1 52  LYS n 
1 53  PHE n 
1 54  LEU n 
1 55  VAL n 
1 56  PRO n 
1 57  ASP n 
1 58  HIS n 
1 59  VAL n 
1 60  ASN n 
1 61  MET n 
1 62  SER n 
1 63  GLU n 
1 64  LEU n 
1 65  ILE n 
1 66  LYS n 
1 67  ILE n 
1 68  ILE n 
1 69  ARG n 
1 70  ARG n 
1 71  ARG n 
1 72  LEU n 
1 73  GLN n 
1 74  LEU n 
1 75  ASN n 
1 76  ALA n 
1 77  ASN n 
1 78  GLN n 
1 79  ALA n 
1 80  PHE n 
1 81  PHE n 
1 82  LEU n 
1 83  LEU n 
1 84  VAL n 
1 85  ASN n 
1 86  GLY n 
1 87  HIS n 
1 88  SER n 
1 89  MET n 
1 90  VAL n 
1 91  SER n 
1 92  VAL n 
1 93  SER n 
1 94  THR n 
1 95  PRO n 
1 96  ILE n 
1 97  SER n 
1 98  GLU n 
1 99  VAL n 
1 100 TYR n 
1 101 GLU n 
1 102 SER n 
1 103 GLU n 
1 104 LYS n 
1 105 ASP n 
1 106 GLU n 
1 107 ASP n 
1 108 GLY n 
1 109 PHE n 
1 110 LEU n 
1 111 TYR n 
1 112 MET n 
1 113 VAL n 
1 114 TYR n 
1 115 ALA n 
1 116 SER n 
1 117 GLN n 
1 118 GLU n 
1 119 THR n 
1 120 PHE n 
1 121 GLY n 
# 
_entity_src_gen.entity_id                          1 
_entity_src_gen.pdbx_src_id                        1 
_entity_src_gen.pdbx_alt_source_flag               sample 
_entity_src_gen.pdbx_seq_type                      'Biological sequence' 
_entity_src_gen.pdbx_beg_seq_num                   1 
_entity_src_gen.pdbx_end_seq_num                   121 
_entity_src_gen.gene_src_common_name               human 
_entity_src_gen.gene_src_genus                     ? 
_entity_src_gen.pdbx_gene_src_gene                 'MAP1LC3B, MAP1ALC3' 
_entity_src_gen.gene_src_species                   ? 
_entity_src_gen.gene_src_strain                    ? 
_entity_src_gen.gene_src_tissue                    ? 
_entity_src_gen.gene_src_tissue_fraction           ? 
_entity_src_gen.gene_src_details                   ? 
_entity_src_gen.pdbx_gene_src_fragment             ? 
_entity_src_gen.pdbx_gene_src_scientific_name      'Homo sapiens' 
_entity_src_gen.pdbx_gene_src_ncbi_taxonomy_id     9606 
_entity_src_gen.pdbx_gene_src_variant              ? 
_entity_src_gen.pdbx_gene_src_cell_line            ? 
_entity_src_gen.pdbx_gene_src_atcc                 ? 
_entity_src_gen.pdbx_gene_src_organ                ? 
_entity_src_gen.pdbx_gene_src_organelle            ? 
_entity_src_gen.pdbx_gene_src_cell                 ? 
_entity_src_gen.pdbx_gene_src_cellular_location    ? 
_entity_src_gen.host_org_common_name               ? 
_entity_src_gen.pdbx_host_org_scientific_name      'Escherichia coli' 
_entity_src_gen.pdbx_host_org_ncbi_taxonomy_id     562 
_entity_src_gen.host_org_genus                     ? 
_entity_src_gen.pdbx_host_org_gene                 ? 
_entity_src_gen.pdbx_host_org_organ                ? 
_entity_src_gen.host_org_species                   ? 
_entity_src_gen.pdbx_host_org_tissue               ? 
_entity_src_gen.pdbx_host_org_tissue_fraction      ? 
_entity_src_gen.pdbx_host_org_strain               ? 
_entity_src_gen.pdbx_host_org_variant              ? 
_entity_src_gen.pdbx_host_org_cell_line            ? 
_entity_src_gen.pdbx_host_org_atcc                 ? 
_entity_src_gen.pdbx_host_org_culture_collection   ? 
_entity_src_gen.pdbx_host_org_cell                 ? 
_entity_src_gen.pdbx_host_org_organelle            ? 
_entity_src_gen.pdbx_host_org_cellular_location    ? 
_entity_src_gen.pdbx_host_org_vector_type          ? 
_entity_src_gen.pdbx_host_org_vector               ? 
_entity_src_gen.host_org_details                   ? 
_entity_src_gen.expression_system_id               ? 
_entity_src_gen.plasmid_name                       ? 
_entity_src_gen.plasmid_details                    ? 
_entity_src_gen.pdbx_description                   ? 
# 
loop_
_chem_comp.id 
_chem_comp.type 
_chem_comp.mon_nstd_flag 
_chem_comp.name 
_chem_comp.pdbx_synonyms 
_chem_comp.formula 
_chem_comp.formula_weight 
ALA 'L-peptide linking' y ALANINE                                 ?                 'C3 H7 N O2'     89.093  
ARG 'L-peptide linking' y ARGININE                                ?                 'C6 H15 N4 O2 1' 175.209 
ASN 'L-peptide linking' y ASPARAGINE                              ?                 'C4 H8 N2 O3'    132.118 
ASP 'L-peptide linking' y 'ASPARTIC ACID'                         ?                 'C4 H7 N O4'     133.103 
CL  non-polymer         . 'CHLORIDE ION'                          ?                 'Cl -1'          35.453  
EDO non-polymer         . 1,2-ETHANEDIOL                          'ETHYLENE GLYCOL' 'C2 H6 O2'       62.068  
GLN 'L-peptide linking' y GLUTAMINE                               ?                 'C5 H10 N2 O3'   146.144 
GLU 'L-peptide linking' y 'GLUTAMIC ACID'                         ?                 'C5 H9 N O4'     147.129 
GLY 'peptide linking'   y GLYCINE                                 ?                 'C2 H5 N O2'     75.067  
HIS 'L-peptide linking' y HISTIDINE                               ?                 'C6 H10 N3 O2 1' 156.162 
HOH non-polymer         . WATER                                   ?                 'H2 O'           18.015  
ILE 'L-peptide linking' y ISOLEUCINE                              ?                 'C6 H13 N O2'    131.173 
K8L non-polymer         . 'N-[(1,3-thiazol-5-yl)methyl]acetamide' ?                 'C6 H8 N2 O S'   156.206 
LEU 'L-peptide linking' y LEUCINE                                 ?                 'C6 H13 N O2'    131.173 
LYS 'L-peptide linking' y LYSINE                                  ?                 'C6 H15 N2 O2 1' 147.195 
MET 'L-peptide linking' y METHIONINE                              ?                 'C5 H11 N O2 S'  149.211 
PHE 'L-peptide linking' y PHENYLALANINE                           ?                 'C9 H11 N O2'    165.189 
PRO 'L-peptide linking' y PROLINE                                 ?                 'C5 H9 N O2'     115.130 
SER 'L-peptide linking' y SERINE                                  ?                 'C3 H7 N O3'     105.093 
THR 'L-peptide linking' y THREONINE                               ?                 'C4 H9 N O3'     119.119 
TYR 'L-peptide linking' y TYROSINE                                ?                 'C9 H11 N O3'    181.189 
VAL 'L-peptide linking' y VALINE                                  ?                 'C5 H11 N O2'    117.146 
# 
loop_
_pdbx_poly_seq_scheme.asym_id 
_pdbx_poly_seq_scheme.entity_id 
_pdbx_poly_seq_scheme.seq_id 
_pdbx_poly_seq_scheme.mon_id 
_pdbx_poly_seq_scheme.ndb_seq_num 
_pdbx_poly_seq_scheme.pdb_seq_num 
_pdbx_poly_seq_scheme.auth_seq_num 
_pdbx_poly_seq_scheme.pdb_mon_id 
_pdbx_poly_seq_scheme.auth_mon_id 
_pdbx_poly_seq_scheme.pdb_strand_id 
_pdbx_poly_seq_scheme.pdb_ins_code 
_pdbx_poly_seq_scheme.hetero 
A 1 1   SER 1   0   ?   ?   ?   A . n 
A 1 2   MET 2   1   ?   ?   ?   A . n 
A 1 3   PRO 3   2   ?   ?   ?   A . n 
A 1 4   SER 4   3   ?   ?   ?   A . n 
A 1 5   GLU 5   4   ?   ?   ?   A . n 
A 1 6   LYS 6   5   5   LYS LYS A . n 
A 1 7   THR 7   6   6   THR THR A . n 
A 1 8   PHE 8   7   7   PHE PHE A . n 
A 1 9   LYS 9   8   8   LYS LYS A . n 
A 1 10  GLN 10  9   9   GLN GLN A . n 
A 1 11  ARG 11  10  10  ARG ARG A . n 
A 1 12  ARG 12  11  11  ARG ARG A . n 
A 1 13  THR 13  12  12  THR THR A . n 
A 1 14  PHE 14  13  13  PHE PHE A . n 
A 1 15  GLU 15  14  14  GLU GLU A . n 
A 1 16  GLN 16  15  15  GLN GLN A . n 
A 1 17  ARG 17  16  16  ARG ARG A . n 
A 1 18  VAL 18  17  17  VAL VAL A . n 
A 1 19  GLU 19  18  18  GLU GLU A . n 
A 1 20  ASP 20  19  19  ASP ASP A . n 
A 1 21  VAL 21  20  20  VAL VAL A . n 
A 1 22  ARG 22  21  21  ARG ARG A . n 
A 1 23  LEU 23  22  22  LEU LEU A . n 
A 1 24  ILE 24  23  23  ILE ILE A . n 
A 1 25  ARG 25  24  24  ARG ARG A . n 
A 1 26  GLU 26  25  25  GLU GLU A . n 
A 1 27  GLN 27  26  26  GLN GLN A . n 
A 1 28  HIS 28  27  27  HIS HIS A . n 
A 1 29  PRO 29  28  28  PRO PRO A . n 
A 1 30  THR 30  29  29  THR THR A . n 
A 1 31  LYS 31  30  30  LYS LYS A . n 
A 1 32  ILE 32  31  31  ILE ILE A . n 
A 1 33  PRO 33  32  32  PRO PRO A . n 
A 1 34  VAL 34  33  33  VAL VAL A . n 
A 1 35  ILE 35  34  34  ILE ILE A . n 
A 1 36  ILE 36  35  35  ILE ILE A . n 
A 1 37  GLU 37  36  36  GLU GLU A . n 
A 1 38  ARG 38  37  37  ARG ARG A . n 
A 1 39  TYR 39  38  38  TYR TYR A . n 
A 1 40  LYS 40  39  39  LYS LYS A . n 
A 1 41  GLY 41  40  40  GLY GLY A . n 
A 1 42  GLU 42  41  41  GLU GLU A . n 
A 1 43  LYS 43  42  42  LYS LYS A . n 
A 1 44  GLN 44  43  43  GLN GLN A . n 
A 1 45  LEU 45  44  44  LEU LEU A . n 
A 1 46  PRO 46  45  45  PRO PRO A . n 
A 1 47  VAL 47  46  46  VAL VAL A . n 
A 1 48  LEU 48  47  47  LEU LEU A . n 
A 1 49  ASP 49  48  48  ASP ASP A . n 
A 1 50  LYS 50  49  49  LYS LYS A . n 
A 1 51  THR 51  50  50  THR THR A . n 
A 1 52  LYS 52  51  51  LYS LYS A . n 
A 1 53  PHE 53  52  52  PHE PHE A . n 
A 1 54  LEU 54  53  53  LEU LEU A . n 
A 1 55  VAL 55  54  54  VAL VAL A . n 
A 1 56  PRO 56  55  55  PRO PRO A . n 
A 1 57  ASP 57  56  56  ASP ASP A . n 
A 1 58  HIS 58  57  57  HIS HIS A . n 
A 1 59  VAL 59  58  58  VAL VAL A . n 
A 1 60  ASN 60  59  59  ASN ASN A . n 
A 1 61  MET 61  60  60  MET MET A . n 
A 1 62  SER 62  61  61  SER SER A . n 
A 1 63  GLU 63  62  62  GLU GLU A . n 
A 1 64  LEU 64  63  63  LEU LEU A . n 
A 1 65  ILE 65  64  64  ILE ILE A . n 
A 1 66  LYS 66  65  65  LYS LYS A . n 
A 1 67  ILE 67  66  66  ILE ILE A . n 
A 1 68  ILE 68  67  67  ILE ILE A . n 
A 1 69  ARG 69  68  68  ARG ARG A . n 
A 1 70  ARG 70  69  69  ARG ARG A . n 
A 1 71  ARG 71  70  70  ARG ARG A . n 
A 1 72  LEU 72  71  71  LEU LEU A . n 
A 1 73  GLN 73  72  72  GLN GLN A . n 
A 1 74  LEU 74  73  73  LEU LEU A . n 
A 1 75  ASN 75  74  74  ASN ASN A . n 
A 1 76  ALA 76  75  75  ALA ALA A . n 
A 1 77  ASN 77  76  76  ASN ASN A . n 
A 1 78  GLN 78  77  77  GLN GLN A . n 
A 1 79  ALA 79  78  78  ALA ALA A . n 
A 1 80  PHE 80  79  79  PHE PHE A . n 
A 1 81  PHE 81  80  80  PHE PHE A . n 
A 1 82  LEU 82  81  81  LEU LEU A . n 
A 1 83  LEU 83  82  82  LEU LEU A . n 
A 1 84  VAL 84  83  83  VAL VAL A . n 
A 1 85  ASN 85  84  84  ASN ASN A . n 
A 1 86  GLY 86  85  85  GLY GLY A . n 
A 1 87  HIS 87  86  86  HIS HIS A . n 
A 1 88  SER 88  87  87  SER SER A . n 
A 1 89  MET 89  88  88  MET MET A . n 
A 1 90  VAL 90  89  89  VAL VAL A . n 
A 1 91  SER 91  90  90  SER SER A . n 
A 1 92  VAL 92  91  91  VAL VAL A . n 
A 1 93  SER 93  92  92  SER SER A . n 
A 1 94  THR 94  93  93  THR THR A . n 
A 1 95  PRO 95  94  94  PRO PRO A . n 
A 1 96  ILE 96  95  95  ILE ILE A . n 
A 1 97  SER 97  96  96  SER SER A . n 
A 1 98  GLU 98  97  97  GLU GLU A . n 
A 1 99  VAL 99  98  98  VAL VAL A . n 
A 1 100 TYR 100 99  99  TYR TYR A . n 
A 1 101 GLU 101 100 100 GLU GLU A . n 
A 1 102 SER 102 101 101 SER SER A . n 
A 1 103 GLU 103 102 102 GLU GLU A . n 
A 1 104 LYS 104 103 103 LYS LYS A . n 
A 1 105 ASP 105 104 104 ASP ASP A . n 
A 1 106 GLU 106 105 105 GLU GLU A . n 
A 1 107 ASP 107 106 106 ASP ASP A . n 
A 1 108 GLY 108 107 107 GLY GLY A . n 
A 1 109 PHE 109 108 108 PHE PHE A . n 
A 1 110 LEU 110 109 109 LEU LEU A . n 
A 1 111 TYR 111 110 110 TYR TYR A . n 
A 1 112 MET 112 111 111 MET MET A . n 
A 1 113 VAL 113 112 112 VAL VAL A . n 
A 1 114 TYR 114 113 113 TYR TYR A . n 
A 1 115 ALA 115 114 114 ALA ALA A . n 
A 1 116 SER 116 115 115 SER SER A . n 
A 1 117 GLN 117 116 116 GLN GLN A . n 
A 1 118 GLU 118 117 117 GLU GLU A . n 
A 1 119 THR 119 118 118 THR THR A . n 
A 1 120 PHE 120 119 119 PHE PHE A . n 
A 1 121 GLY 121 120 ?   ?   ?   A . n 
# 
_pdbx_entity_instance_feature.ordinal        1 
_pdbx_entity_instance_feature.comp_id        K8L 
_pdbx_entity_instance_feature.asym_id        ? 
_pdbx_entity_instance_feature.seq_num        ? 
_pdbx_entity_instance_feature.auth_comp_id   K8L 
_pdbx_entity_instance_feature.auth_asym_id   ? 
_pdbx_entity_instance_feature.auth_seq_num   ? 
_pdbx_entity_instance_feature.feature_type   'SUBJECT OF INVESTIGATION' 
_pdbx_entity_instance_feature.details        ? 
# 
loop_
_pdbx_nonpoly_scheme.asym_id 
_pdbx_nonpoly_scheme.entity_id 
_pdbx_nonpoly_scheme.mon_id 
_pdbx_nonpoly_scheme.ndb_seq_num 
_pdbx_nonpoly_scheme.pdb_seq_num 
_pdbx_nonpoly_scheme.auth_seq_num 
_pdbx_nonpoly_scheme.pdb_mon_id 
_pdbx_nonpoly_scheme.auth_mon_id 
_pdbx_nonpoly_scheme.pdb_strand_id 
_pdbx_nonpoly_scheme.pdb_ins_code 
B 2 K8L 1  201 201 K8L LIG A . 
C 2 K8L 1  202 301 K8L LIG A . 
D 3 EDO 1  203 105 EDO EDO A . 
E 3 EDO 1  204 107 EDO EDO A . 
F 3 EDO 1  205 108 EDO EDO A . 
G 3 EDO 1  206 109 EDO EDO A . 
H 3 EDO 1  207 110 EDO EDO A . 
I 3 EDO 1  208 111 EDO EDO A . 
J 3 EDO 1  209 112 EDO EDO A . 
K 3 EDO 1  210 113 EDO EDO A . 
L 4 CL  1  211 114 CL  CL  A . 
M 5 HOH 1  301 56  HOH HOH A . 
M 5 HOH 2  302 43  HOH HOH A . 
M 5 HOH 3  303 62  HOH HOH A . 
M 5 HOH 4  304 86  HOH HOH A . 
M 5 HOH 5  305 33  HOH HOH A . 
M 5 HOH 6  306 57  HOH HOH A . 
M 5 HOH 7  307 10  HOH HOH A . 
M 5 HOH 8  308 55  HOH HOH A . 
M 5 HOH 9  309 82  HOH HOH A . 
M 5 HOH 10 310 20  HOH HOH A . 
M 5 HOH 11 311 38  HOH HOH A . 
M 5 HOH 12 312 40  HOH HOH A . 
M 5 HOH 13 313 84  HOH HOH A . 
M 5 HOH 14 314 34  HOH HOH A . 
M 5 HOH 15 315 48  HOH HOH A . 
M 5 HOH 16 316 19  HOH HOH A . 
M 5 HOH 17 317 42  HOH HOH A . 
M 5 HOH 18 318 41  HOH HOH A . 
M 5 HOH 19 319 21  HOH HOH A . 
M 5 HOH 20 320 27  HOH HOH A . 
M 5 HOH 21 321 9   HOH HOH A . 
M 5 HOH 22 322 16  HOH HOH A . 
M 5 HOH 23 323 49  HOH HOH A . 
M 5 HOH 24 324 35  HOH HOH A . 
M 5 HOH 25 325 89  HOH HOH A . 
M 5 HOH 26 326 52  HOH HOH A . 
M 5 HOH 27 327 64  HOH HOH A . 
M 5 HOH 28 328 66  HOH HOH A . 
M 5 HOH 29 329 91  HOH HOH A . 
M 5 HOH 30 330 17  HOH HOH A . 
M 5 HOH 31 331 45  HOH HOH A . 
M 5 HOH 32 332 75  HOH HOH A . 
M 5 HOH 33 333 59  HOH HOH A . 
M 5 HOH 34 334 53  HOH HOH A . 
M 5 HOH 35 335 12  HOH HOH A . 
M 5 HOH 36 336 44  HOH HOH A . 
M 5 HOH 37 337 77  HOH HOH A . 
M 5 HOH 38 338 7   HOH HOH A . 
M 5 HOH 39 339 8   HOH HOH A . 
M 5 HOH 40 340 2   HOH HOH A . 
M 5 HOH 41 341 1   HOH HOH A . 
M 5 HOH 42 342 69  HOH HOH A . 
M 5 HOH 43 343 18  HOH HOH A . 
M 5 HOH 44 344 32  HOH HOH A . 
M 5 HOH 45 345 54  HOH HOH A . 
M 5 HOH 46 346 63  HOH HOH A . 
M 5 HOH 47 347 22  HOH HOH A . 
M 5 HOH 48 348 92  HOH HOH A . 
M 5 HOH 49 349 51  HOH HOH A . 
M 5 HOH 50 350 47  HOH HOH A . 
M 5 HOH 51 351 13  HOH HOH A . 
M 5 HOH 52 352 15  HOH HOH A . 
M 5 HOH 53 353 5   HOH HOH A . 
M 5 HOH 54 354 4   HOH HOH A . 
M 5 HOH 55 355 11  HOH HOH A . 
M 5 HOH 56 356 6   HOH HOH A . 
M 5 HOH 57 357 83  HOH HOH A . 
M 5 HOH 58 358 23  HOH HOH A . 
M 5 HOH 59 359 14  HOH HOH A . 
M 5 HOH 60 360 25  HOH HOH A . 
M 5 HOH 61 361 31  HOH HOH A . 
M 5 HOH 62 362 80  HOH HOH A . 
M 5 HOH 63 363 81  HOH HOH A . 
M 5 HOH 64 364 71  HOH HOH A . 
M 5 HOH 65 365 30  HOH HOH A . 
M 5 HOH 66 366 60  HOH HOH A . 
M 5 HOH 67 367 67  HOH HOH A . 
M 5 HOH 68 368 36  HOH HOH A . 
M 5 HOH 69 369 24  HOH HOH A . 
M 5 HOH 70 370 93  HOH HOH A . 
M 5 HOH 71 371 79  HOH HOH A . 
M 5 HOH 72 372 72  HOH HOH A . 
M 5 HOH 73 373 78  HOH HOH A . 
M 5 HOH 74 374 46  HOH HOH A . 
M 5 HOH 75 375 85  HOH HOH A . 
M 5 HOH 76 376 90  HOH HOH A . 
M 5 HOH 77 377 37  HOH HOH A . 
M 5 HOH 78 378 76  HOH HOH A . 
M 5 HOH 79 379 58  HOH HOH A . 
M 5 HOH 80 380 26  HOH HOH A . 
M 5 HOH 81 381 39  HOH HOH A . 
M 5 HOH 82 382 70  HOH HOH A . 
M 5 HOH 83 383 61  HOH HOH A . 
M 5 HOH 84 384 28  HOH HOH A . 
M 5 HOH 85 385 88  HOH HOH A . 
M 5 HOH 86 386 94  HOH HOH A . 
M 5 HOH 87 387 68  HOH HOH A . 
M 5 HOH 88 388 29  HOH HOH A . 
M 5 HOH 89 389 50  HOH HOH A . 
M 5 HOH 90 390 65  HOH HOH A . 
M 5 HOH 91 391 87  HOH HOH A . 
# 
loop_
_pdbx_unobs_or_zero_occ_atoms.id 
_pdbx_unobs_or_zero_occ_atoms.PDB_model_num 
_pdbx_unobs_or_zero_occ_atoms.polymer_flag 
_pdbx_unobs_or_zero_occ_atoms.occupancy_flag 
_pdbx_unobs_or_zero_occ_atoms.auth_asym_id 
_pdbx_unobs_or_zero_occ_atoms.auth_comp_id 
_pdbx_unobs_or_zero_occ_atoms.auth_seq_id 
_pdbx_unobs_or_zero_occ_atoms.PDB_ins_code 
_pdbx_unobs_or_zero_occ_atoms.auth_atom_id 
_pdbx_unobs_or_zero_occ_atoms.label_alt_id 
_pdbx_unobs_or_zero_occ_atoms.label_asym_id 
_pdbx_unobs_or_zero_occ_atoms.label_comp_id 
_pdbx_unobs_or_zero_occ_atoms.label_seq_id 
_pdbx_unobs_or_zero_occ_atoms.label_atom_id 
1 1 Y 1 A GLN 116 ? CG  ? A GLN 117 CG  
2 1 Y 1 A GLN 116 ? CD  ? A GLN 117 CD  
3 1 Y 1 A GLN 116 ? OE1 ? A GLN 117 OE1 
4 1 Y 1 A GLN 116 ? NE2 ? A GLN 117 NE2 
5 1 Y 1 A THR 118 ? OG1 ? A THR 119 OG1 
6 1 Y 1 A THR 118 ? CG2 ? A THR 119 CG2 
# 
loop_
_software.pdbx_ordinal 
_software.name 
_software.version 
_software.date 
_software.type 
_software.contact_author 
_software.contact_author_email 
_software.classification 
_software.location 
_software.language 
_software.citation_id 
1 REFMAC      5.8.0267 ?               program 'Garib N. Murshudov' garib@ysbl.york.ac.uk    refinement        
http://www.ccp4.ac.uk/dist/html/refmac5.html        Fortran_77 ? 
2 Aimless     0.7.7    23/04/21        program 'Phil Evans'         ?                        'data scaling'    
http://www.mrc-lmb.cam.ac.uk/harry/pre/aimless.html ?          ? 
3 PDB_EXTRACT 3.23     'SEP. 23, 2016' package PDB                  deposit@deposit.rcsb.org 'data extraction' 
http://sw-tools.pdb.org/apps/PDB_EXTRACT/           C++        ? 
4 XDS         .        ?               program ?                    ?                        'data reduction'  ? ?          ? 
5 REFMAC      .        ?               program ?                    ?                        phasing           ? ?          ? 
# 
_cell.entry_id           7GAD 
_cell.length_a           61.026 
_cell.length_b           61.026 
_cell.length_c           35.547 
_cell.angle_alpha        90.000 
_cell.angle_beta         90.000 
_cell.angle_gamma        90.000 
_cell.Z_PDB              4 
_cell.pdbx_unique_axis   ? 
# 
_symmetry.entry_id                         7GAD 
_symmetry.space_group_name_H-M             'P 43' 
_symmetry.pdbx_full_space_group_name_H-M   ? 
_symmetry.cell_setting                     ? 
_symmetry.Int_Tables_number                78 
# 
_exptl.crystals_number   1 
_exptl.entry_id          7GAD 
_exptl.method            'X-RAY DIFFRACTION' 
# 
_exptl_crystal.id                    1 
_exptl_crystal.pdbx_mosaicity        0.000 
_exptl_crystal.pdbx_mosaicity_esd    ? 
_exptl_crystal.density_Matthews      2.24 
_exptl_crystal.density_diffrn        ? 
_exptl_crystal.density_meas          ? 
_exptl_crystal.density_meas_temp     ? 
_exptl_crystal.density_percent_sol   45.01 
_exptl_crystal.size_max              ? 
_exptl_crystal.size_mid              ? 
_exptl_crystal.size_min              ? 
_exptl_crystal.size_rad              ? 
_exptl_crystal.description           ? 
# 
_exptl_crystal_grow.crystal_id      1 
_exptl_crystal_grow.method          'VAPOR DIFFUSION, SITTING DROP' 
_exptl_crystal_grow.pH              4.7 
_exptl_crystal_grow.temp            293 
_exptl_crystal_grow.pdbx_details    '36% PEG 8000, 0.1M acetate pH 4.7' 
_exptl_crystal_grow.temp_details    ? 
_exptl_crystal_grow.pdbx_pH_range   ? 
# 
_diffrn.id                     1 
_diffrn.ambient_temp           100 
_diffrn.crystal_id             1 
_diffrn.ambient_temp_details   ? 
# 
_diffrn_detector.detector               PIXEL 
_diffrn_detector.type                   'DECTRIS PILATUS 6M' 
_diffrn_detector.pdbx_collection_date   2023-02-08 
_diffrn_detector.diffrn_id              1 
_diffrn_detector.details                ? 
# 
_diffrn_radiation.diffrn_id                        1 
_diffrn_radiation.wavelength_id                    1 
_diffrn_radiation.pdbx_diffrn_protocol             'SINGLE WAVELENGTH' 
_diffrn_radiation.pdbx_monochromatic_or_laue_m_l   ? 
_diffrn_radiation.monochromator                    ? 
_diffrn_radiation.pdbx_scattering_type             x-ray 
# 
_diffrn_radiation_wavelength.id           1 
_diffrn_radiation_wavelength.wavelength   0.92124 
_diffrn_radiation_wavelength.wt           1.0 
# 
_diffrn_source.diffrn_id                   1 
_diffrn_source.source                      SYNCHROTRON 
_diffrn_source.type                        'DIAMOND BEAMLINE I04-1' 
_diffrn_source.pdbx_wavelength_list        0.92124 
_diffrn_source.pdbx_synchrotron_site       Diamond 
_diffrn_source.pdbx_synchrotron_beamline   I04-1 
_diffrn_source.pdbx_wavelength             ? 
# 
_reflns.entry_id                     7GAD 
_reflns.pdbx_diffrn_id               1 
_reflns.pdbx_ordinal                 1 
_reflns.observed_criterion_sigma_I   ? 
_reflns.observed_criterion_sigma_F   ? 
_reflns.d_resolution_low             61.020 
_reflns.d_resolution_high            1.860 
_reflns.number_obs                   11186 
_reflns.number_all                   ? 
_reflns.percent_possible_obs         99.800 
_reflns.pdbx_Rmerge_I_obs            0.082 
_reflns.pdbx_Rsym_value              ? 
_reflns.pdbx_netI_over_sigmaI        15.200 
_reflns.B_iso_Wilson_estimate        ? 
_reflns.pdbx_redundancy              13.700 
_reflns.pdbx_Rrim_I_all              0.086 
_reflns.pdbx_Rpim_I_all              0.023 
_reflns.pdbx_CC_half                 0.999 
_reflns.pdbx_netI_over_av_sigmaI     ? 
_reflns.pdbx_number_measured_all     152869 
_reflns.pdbx_scaling_rejects         0 
_reflns.pdbx_chi_squared             ? 
_reflns.Rmerge_F_all                 ? 
_reflns.Rmerge_F_obs                 ? 
_reflns.observed_criterion_F_max     ? 
_reflns.observed_criterion_F_min     ? 
_reflns.observed_criterion_I_max     ? 
_reflns.observed_criterion_I_min     ? 
_reflns.pdbx_d_res_high_opt          ? 
_reflns.pdbx_d_res_low_opt           ? 
_reflns.details                      ? 
_reflns.pdbx_CC_star                 ? 
# 
loop_
_reflns_shell.pdbx_diffrn_id 
_reflns_shell.pdbx_ordinal 
_reflns_shell.d_res_high 
_reflns_shell.d_res_low 
_reflns_shell.number_measured_obs 
_reflns_shell.number_measured_all 
_reflns_shell.number_unique_obs 
_reflns_shell.pdbx_rejects 
_reflns_shell.Rmerge_I_obs 
_reflns_shell.meanI_over_sigI_obs 
_reflns_shell.pdbx_Rsym_value 
_reflns_shell.pdbx_chi_squared 
_reflns_shell.pdbx_redundancy 
_reflns_shell.percent_possible_obs 
_reflns_shell.pdbx_netI_over_sigmaI_obs 
_reflns_shell.number_possible 
_reflns_shell.number_unique_all 
_reflns_shell.Rmerge_F_all 
_reflns_shell.Rmerge_F_obs 
_reflns_shell.Rmerge_I_all 
_reflns_shell.meanI_over_sigI_all 
_reflns_shell.percent_possible_all 
_reflns_shell.pdbx_Rrim_I_all 
_reflns_shell.pdbx_Rpim_I_all 
_reflns_shell.pdbx_CC_half 
_reflns_shell.pdbx_CC_star 
1 1 1.860 1.900  ? 9459 665 ? 5.795 ? ? ? 14.200 ? 0.200  ? ? ? ? ? ? 96.400 6.009 1.585 0.356 ? 
1 2 9.110 61.020 ? 1152 111 ? 0.043 ? ? ? 10.400 ? 83.700 ? ? ? ? ? ? 99.700 0.046 0.015 0.999 ? 
# 
_refine.entry_id                                 7GAD 
_refine.pdbx_refine_id                           'X-RAY DIFFRACTION' 
_refine.ls_d_res_high                            1.8600 
_refine.ls_d_res_low                             61.0300 
_refine.pdbx_ls_sigma_F                          0.000 
_refine.pdbx_data_cutoff_high_absF               ? 
_refine.pdbx_data_cutoff_low_absF                ? 
_refine.ls_percent_reflns_obs                    96.4600 
_refine.ls_number_reflns_obs                     10362 
_refine.ls_number_reflns_all                     ? 
_refine.pdbx_ls_cross_valid_method               THROUGHOUT 
_refine.ls_matrix_type                           ? 
_refine.pdbx_R_Free_selection_details            RANDOM 
_refine.details                                  
'HYDROGENS HAVE BEEN ADDED IN THE RIDING POSITIONS U VALUES      : REFINED INDIVIDUALLY' 
_refine.ls_R_factor_all                          ? 
_refine.ls_R_factor_obs                          0.2036 
_refine.ls_R_factor_R_work                       0.2013 
_refine.ls_wR_factor_R_work                      ? 
_refine.ls_R_factor_R_free                       0.2581 
_refine.ls_wR_factor_R_free                      ? 
_refine.ls_percent_reflns_R_free                 4.0000 
_refine.ls_number_reflns_R_free                  436 
_refine.ls_number_reflns_R_work                  ? 
_refine.ls_R_factor_R_free_error                 ? 
_refine.B_iso_mean                               53.9860 
_refine.solvent_model_param_bsol                 ? 
_refine.solvent_model_param_ksol                 ? 
_refine.pdbx_isotropic_thermal_model             ? 
_refine.aniso_B[1][1]                            -0.9200 
_refine.aniso_B[2][2]                            -0.9200 
_refine.aniso_B[3][3]                            1.8500 
_refine.aniso_B[1][2]                            0.0000 
_refine.aniso_B[1][3]                            0.0000 
_refine.aniso_B[2][3]                            0.0000 
_refine.correlation_coeff_Fo_to_Fc               0.9690 
_refine.correlation_coeff_Fo_to_Fc_free          0.9360 
_refine.overall_SU_R_Cruickshank_DPI             ? 
_refine.pdbx_overall_SU_R_free_Cruickshank_DPI   ? 
_refine.pdbx_overall_SU_R_Blow_DPI               ? 
_refine.pdbx_overall_SU_R_free_Blow_DPI          ? 
_refine.overall_SU_R_free                        ? 
_refine.pdbx_overall_ESU_R                       0.1930 
_refine.pdbx_overall_ESU_R_Free                  0.1740 
_refine.overall_SU_ML                            0.2520 
_refine.overall_SU_B                             9.8170 
_refine.solvent_model_details                    MASK 
_refine.pdbx_solvent_vdw_probe_radii             1.2000 
_refine.pdbx_solvent_ion_probe_radii             0.8000 
_refine.pdbx_solvent_shrinkage_radii             0.8000 
_refine.ls_number_parameters                     ? 
_refine.ls_number_restraints                     ? 
_refine.pdbx_starting_model                      8Q53 
_refine.pdbx_method_to_determine_struct          'FOURIER SYNTHESIS' 
_refine.pdbx_stereochemistry_target_values       'MAXIMUM LIKELIHOOD' 
_refine.pdbx_stereochem_target_val_spec_case     ? 
_refine.overall_FOM_work_R_set                   ? 
_refine.B_iso_max                                198.390 
_refine.B_iso_min                                30.880 
_refine.pdbx_overall_phase_error                 ? 
_refine.occupancy_max                            ? 
_refine.occupancy_min                            ? 
_refine.pdbx_diffrn_id                           1 
_refine.pdbx_TLS_residual_ADP_flag               ? 
_refine.pdbx_ls_sigma_I                          ? 
_refine.pdbx_data_cutoff_high_rms_absF           ? 
_refine.ls_R_factor_R_free_error_details         ? 
# 
_refine_hist.cycle_id                         final 
_refine_hist.pdbx_refine_id                   'X-RAY DIFFRACTION' 
_refine_hist.d_res_high                       1.8600 
_refine_hist.d_res_low                        61.0300 
_refine_hist.pdbx_number_atoms_ligand         53 
_refine_hist.number_atoms_solvent             91 
_refine_hist.number_atoms_total               1098 
_refine_hist.pdbx_number_residues_total       113 
_refine_hist.pdbx_B_iso_mean_ligand           84.82 
_refine_hist.pdbx_B_iso_mean_solvent          64.98 
_refine_hist.pdbx_number_atoms_protein        954 
_refine_hist.pdbx_number_atoms_nucleic_acid   0 
# 
loop_
_refine_ls_restr.pdbx_refine_id 
_refine_ls_restr.type 
_refine_ls_restr.number 
_refine_ls_restr.dev_ideal 
_refine_ls_restr.dev_ideal_target 
_refine_ls_restr.weight 
_refine_ls_restr.pdbx_restraint_function 
'X-RAY DIFFRACTION' r_bond_refined_d       1370 0.008  0.014  ? ? 
'X-RAY DIFFRACTION' r_bond_other_d         1231 0.001  0.014  ? ? 
'X-RAY DIFFRACTION' r_angle_refined_deg    1664 1.524  1.672  ? ? 
'X-RAY DIFFRACTION' r_angle_other_deg      2796 1.183  1.582  ? ? 
'X-RAY DIFFRACTION' r_dihedral_angle_1_deg 156  6.400  5.000  ? ? 
'X-RAY DIFFRACTION' r_dihedral_angle_2_deg 74   32.562 18.919 ? ? 
'X-RAY DIFFRACTION' r_dihedral_angle_3_deg 224  15.943 15.000 ? ? 
'X-RAY DIFFRACTION' r_dihedral_angle_4_deg 15   22.275 15.000 ? ? 
'X-RAY DIFFRACTION' r_chiral_restr         152  0.069  0.200  ? ? 
'X-RAY DIFFRACTION' r_gen_planes_refined   1463 0.006  0.020  ? ? 
'X-RAY DIFFRACTION' r_gen_planes_other     315  0.001  0.020  ? ? 
'X-RAY DIFFRACTION' r_mcbond_it            623  4.231  5.150  ? ? 
'X-RAY DIFFRACTION' r_mcbond_other         619  4.218  5.144  ? ? 
'X-RAY DIFFRACTION' r_mcangle_it           740  6.010  7.706  ? ? 
# 
_refine_ls_shell.d_res_high                       1.8600 
_refine_ls_shell.d_res_low                        1.9080 
_refine_ls_shell.pdbx_total_number_of_bins_used   20 
_refine_ls_shell.percent_reflns_obs               54.0400 
_refine_ls_shell.number_reflns_R_work             421 
_refine_ls_shell.R_factor_all                     ? 
_refine_ls_shell.R_factor_R_work                  0.5010 
_refine_ls_shell.R_factor_R_free                  0.4510 
_refine_ls_shell.percent_reflns_R_free            ? 
_refine_ls_shell.number_reflns_R_free             20 
_refine_ls_shell.R_factor_R_free_error            ? 
_refine_ls_shell.number_reflns_all                441 
_refine_ls_shell.number_reflns_obs                ? 
_refine_ls_shell.pdbx_refine_id                   'X-RAY DIFFRACTION' 
_refine_ls_shell.R_factor_obs                     ? 
# 
_struct.entry_id                  7GAD 
_struct.title                     'PanDDA analysis group deposition -- Crystal Structure of MAP1LC3B in complex with Z1667545918' 
_struct.pdbx_model_details        ? 
_struct.pdbx_CASP_flag            ? 
_struct.pdbx_model_type_details   ? 
# 
_struct_keywords.entry_id        7GAD 
_struct_keywords.text            'SGC - Diamond I04-1 fragment screening, PanDDA, XChemExplorer, STRUCTURAL PROTEIN' 
_struct_keywords.pdbx_keywords   'STRUCTURAL PROTEIN' 
# 
loop_
_struct_asym.id 
_struct_asym.pdbx_blank_PDB_chainid_flag 
_struct_asym.pdbx_modified 
_struct_asym.entity_id 
_struct_asym.details 
A N N 1 ? 
B N N 2 ? 
C N N 2 ? 
D N N 3 ? 
E N N 3 ? 
F N N 3 ? 
G N N 3 ? 
H N N 3 ? 
I N N 3 ? 
J N N 3 ? 
K N N 3 ? 
L N N 4 ? 
M N N 5 ? 
# 
_struct_ref.id                         1 
_struct_ref.db_name                    UNP 
_struct_ref.db_code                    MLP3B_HUMAN 
_struct_ref.pdbx_db_accession          Q9GZQ8 
_struct_ref.pdbx_db_isoform            ? 
_struct_ref.entity_id                  1 
_struct_ref.pdbx_seq_one_letter_code   
;MPSEKTFKQRRTFEQRVEDVRLIREQHPTKIPVIIERYKGEKQLPVLDKTKFLVPDHVNMSELIKIIRRRLQLNANQAFF
LLVNGHSMVSVSTPISEVYESEKDEDGFLYMVYASQETFG
;
_struct_ref.pdbx_align_begin           1 
# 
_struct_ref_seq.align_id                      1 
_struct_ref_seq.ref_id                        1 
_struct_ref_seq.pdbx_PDB_id_code              7GAD 
_struct_ref_seq.pdbx_strand_id                A 
_struct_ref_seq.seq_align_beg                 2 
_struct_ref_seq.pdbx_seq_align_beg_ins_code   ? 
_struct_ref_seq.seq_align_end                 121 
_struct_ref_seq.pdbx_seq_align_end_ins_code   ? 
_struct_ref_seq.pdbx_db_accession             Q9GZQ8 
_struct_ref_seq.db_align_beg                  1 
_struct_ref_seq.pdbx_db_align_beg_ins_code    ? 
_struct_ref_seq.db_align_end                  120 
_struct_ref_seq.pdbx_db_align_end_ins_code    ? 
_struct_ref_seq.pdbx_auth_seq_align_beg       1 
_struct_ref_seq.pdbx_auth_seq_align_end       120 
# 
_struct_ref_seq_dif.align_id                     1 
_struct_ref_seq_dif.pdbx_pdb_id_code             7GAD 
_struct_ref_seq_dif.mon_id                       SER 
_struct_ref_seq_dif.pdbx_pdb_strand_id           A 
_struct_ref_seq_dif.seq_num                      1 
_struct_ref_seq_dif.pdbx_pdb_ins_code            ? 
_struct_ref_seq_dif.pdbx_seq_db_name             UNP 
_struct_ref_seq_dif.pdbx_seq_db_accession_code   Q9GZQ8 
_struct_ref_seq_dif.db_mon_id                    ? 
_struct_ref_seq_dif.pdbx_seq_db_seq_num          ? 
_struct_ref_seq_dif.details                      'expression tag' 
_struct_ref_seq_dif.pdbx_auth_seq_num            0 
_struct_ref_seq_dif.pdbx_ordinal                 1 
# 
_pdbx_struct_assembly.id                   1 
_pdbx_struct_assembly.details              author_and_software_defined_assembly 
_pdbx_struct_assembly.method_details       PISA 
_pdbx_struct_assembly.oligomeric_details   monomeric 
_pdbx_struct_assembly.oligomeric_count     1 
# 
_pdbx_struct_assembly_gen.assembly_id       1 
_pdbx_struct_assembly_gen.oper_expression   1 
_pdbx_struct_assembly_gen.asym_id_list      A,B,C,D,E,F,G,H,I,J,K,L,M 
# 
_pdbx_struct_oper_list.id                   1 
_pdbx_struct_oper_list.type                 'identity operation' 
_pdbx_struct_oper_list.name                 1_555 
_pdbx_struct_oper_list.symmetry_operation   x,y,z 
_pdbx_struct_oper_list.matrix[1][1]         1.0000000000 
_pdbx_struct_oper_list.matrix[1][2]         0.0000000000 
_pdbx_struct_oper_list.matrix[1][3]         0.0000000000 
_pdbx_struct_oper_list.vector[1]            0.0000000000 
_pdbx_struct_oper_list.matrix[2][1]         0.0000000000 
_pdbx_struct_oper_list.matrix[2][2]         1.0000000000 
_pdbx_struct_oper_list.matrix[2][3]         0.0000000000 
_pdbx_struct_oper_list.vector[2]            0.0000000000 
_pdbx_struct_oper_list.matrix[3][1]         0.0000000000 
_pdbx_struct_oper_list.matrix[3][2]         0.0000000000 
_pdbx_struct_oper_list.matrix[3][3]         1.0000000000 
_pdbx_struct_oper_list.vector[3]            0.0000000000 
# 
loop_
_struct_conf.conf_type_id 
_struct_conf.id 
_struct_conf.pdbx_PDB_helix_id 
_struct_conf.beg_label_comp_id 
_struct_conf.beg_label_asym_id 
_struct_conf.beg_label_seq_id 
_struct_conf.pdbx_beg_PDB_ins_code 
_struct_conf.end_label_comp_id 
_struct_conf.end_label_asym_id 
_struct_conf.end_label_seq_id 
_struct_conf.pdbx_end_PDB_ins_code 
_struct_conf.beg_auth_comp_id 
_struct_conf.beg_auth_asym_id 
_struct_conf.beg_auth_seq_id 
_struct_conf.end_auth_comp_id 
_struct_conf.end_auth_asym_id 
_struct_conf.end_auth_seq_id 
_struct_conf.pdbx_PDB_helix_class 
_struct_conf.details 
_struct_conf.pdbx_PDB_helix_length 
HELX_P HELX_P1 AA1 THR A 7  ? ARG A 12  ? THR A 6  ARG A 11  1 ? 6  
HELX_P HELX_P2 AA2 THR A 13 ? HIS A 28  ? THR A 12 HIS A 27  1 ? 16 
HELX_P HELX_P3 AA3 ASN A 60 ? GLN A 73  ? ASN A 59 GLN A 72  1 ? 14 
HELX_P HELX_P4 AA4 PRO A 95 ? LYS A 104 ? PRO A 94 LYS A 103 1 ? 10 
# 
_struct_conf_type.id          HELX_P 
_struct_conf_type.criteria    ? 
_struct_conf_type.reference   ? 
# 
_struct_sheet.id               AA1 
_struct_sheet.type             ? 
_struct_sheet.number_strands   5 
_struct_sheet.details          ? 
# 
loop_
_struct_sheet_order.sheet_id 
_struct_sheet_order.range_id_1 
_struct_sheet_order.range_id_2 
_struct_sheet_order.offset 
_struct_sheet_order.sense 
AA1 1 2 ? anti-parallel 
AA1 2 3 ? parallel      
AA1 3 4 ? anti-parallel 
AA1 4 5 ? anti-parallel 
# 
loop_
_struct_sheet_range.sheet_id 
_struct_sheet_range.id 
_struct_sheet_range.beg_label_comp_id 
_struct_sheet_range.beg_label_asym_id 
_struct_sheet_range.beg_label_seq_id 
_struct_sheet_range.pdbx_beg_PDB_ins_code 
_struct_sheet_range.end_label_comp_id 
_struct_sheet_range.end_label_asym_id 
_struct_sheet_range.end_label_seq_id 
_struct_sheet_range.pdbx_end_PDB_ins_code 
_struct_sheet_range.beg_auth_comp_id 
_struct_sheet_range.beg_auth_asym_id 
_struct_sheet_range.beg_auth_seq_id 
_struct_sheet_range.end_auth_comp_id 
_struct_sheet_range.end_auth_asym_id 
_struct_sheet_range.end_auth_seq_id 
AA1 1 LYS A 52  ? PRO A 56  ? LYS A 51  PRO A 55  
AA1 2 LYS A 31  ? ARG A 38  ? LYS A 30  ARG A 37  
AA1 3 LEU A 110 ? ALA A 115 ? LEU A 109 ALA A 114 
AA1 4 PHE A 81  ? VAL A 84  ? PHE A 80  VAL A 83  
AA1 5 HIS A 87  ? SER A 88  ? HIS A 86  SER A 87  
# 
loop_
_pdbx_struct_sheet_hbond.sheet_id 
_pdbx_struct_sheet_hbond.range_id_1 
_pdbx_struct_sheet_hbond.range_id_2 
_pdbx_struct_sheet_hbond.range_1_label_atom_id 
_pdbx_struct_sheet_hbond.range_1_label_comp_id 
_pdbx_struct_sheet_hbond.range_1_label_asym_id 
_pdbx_struct_sheet_hbond.range_1_label_seq_id 
_pdbx_struct_sheet_hbond.range_1_PDB_ins_code 
_pdbx_struct_sheet_hbond.range_1_auth_atom_id 
_pdbx_struct_sheet_hbond.range_1_auth_comp_id 
_pdbx_struct_sheet_hbond.range_1_auth_asym_id 
_pdbx_struct_sheet_hbond.range_1_auth_seq_id 
_pdbx_struct_sheet_hbond.range_2_label_atom_id 
_pdbx_struct_sheet_hbond.range_2_label_comp_id 
_pdbx_struct_sheet_hbond.range_2_label_asym_id 
_pdbx_struct_sheet_hbond.range_2_label_seq_id 
_pdbx_struct_sheet_hbond.range_2_PDB_ins_code 
_pdbx_struct_sheet_hbond.range_2_auth_atom_id 
_pdbx_struct_sheet_hbond.range_2_auth_comp_id 
_pdbx_struct_sheet_hbond.range_2_auth_asym_id 
_pdbx_struct_sheet_hbond.range_2_auth_seq_id 
AA1 1 2 O VAL A 55  ? O VAL A 54  N ILE A 32  ? N ILE A 31  
AA1 2 3 N ILE A 35  ? N ILE A 34  O LEU A 110 ? O LEU A 109 
AA1 3 4 O VAL A 113 ? O VAL A 112 N LEU A 83  ? N LEU A 82  
AA1 4 5 N VAL A 84  ? N VAL A 83  O HIS A 87  ? O HIS A 86  
# 
_pdbx_entry_details.entry_id                   7GAD 
_pdbx_entry_details.compound_details           ? 
_pdbx_entry_details.source_details             ? 
_pdbx_entry_details.nonpolymer_details         ? 
_pdbx_entry_details.sequence_details           ? 
_pdbx_entry_details.has_ligand_of_interest     Y 
_pdbx_entry_details.has_protein_modification   ? 
# 
loop_
_pdbx_validate_close_contact.id 
_pdbx_validate_close_contact.PDB_model_num 
_pdbx_validate_close_contact.auth_atom_id_1 
_pdbx_validate_close_contact.auth_asym_id_1 
_pdbx_validate_close_contact.auth_comp_id_1 
_pdbx_validate_close_contact.auth_seq_id_1 
_pdbx_validate_close_contact.PDB_ins_code_1 
_pdbx_validate_close_contact.label_alt_id_1 
_pdbx_validate_close_contact.auth_atom_id_2 
_pdbx_validate_close_contact.auth_asym_id_2 
_pdbx_validate_close_contact.auth_comp_id_2 
_pdbx_validate_close_contact.auth_seq_id_2 
_pdbx_validate_close_contact.PDB_ins_code_2 
_pdbx_validate_close_contact.label_alt_id_2 
_pdbx_validate_close_contact.dist 
1 1 OG1 A THR 6   ? ? O A HOH 301 ? ? 1.75 
2 1 O   A HOH 365 ? ? O A HOH 368 ? ? 2.04 
3 1 O   A HOH 345 ? ? O A HOH 360 ? ? 2.13 
4 1 O   A TYR 38  ? ? O A HOH 302 ? ? 2.15 
# 
_phasing.method   MR 
# 
loop_
_pdbx_unobs_or_zero_occ_residues.id 
_pdbx_unobs_or_zero_occ_residues.PDB_model_num 
_pdbx_unobs_or_zero_occ_residues.polymer_flag 
_pdbx_unobs_or_zero_occ_residues.occupancy_flag 
_pdbx_unobs_or_zero_occ_residues.auth_asym_id 
_pdbx_unobs_or_zero_occ_residues.auth_comp_id 
_pdbx_unobs_or_zero_occ_residues.auth_seq_id 
_pdbx_unobs_or_zero_occ_residues.PDB_ins_code 
_pdbx_unobs_or_zero_occ_residues.label_asym_id 
_pdbx_unobs_or_zero_occ_residues.label_comp_id 
_pdbx_unobs_or_zero_occ_residues.label_seq_id 
1 1 Y 1 A SER 0   ? A SER 1   
2 1 Y 1 A MET 1   ? A MET 2   
3 1 Y 1 A PRO 2   ? A PRO 3   
4 1 Y 1 A SER 3   ? A SER 4   
5 1 Y 1 A GLU 4   ? A GLU 5   
6 1 Y 1 A GLY 120 ? A GLY 121 
# 
loop_
_chem_comp_atom.comp_id 
_chem_comp_atom.atom_id 
_chem_comp_atom.type_symbol 
_chem_comp_atom.pdbx_aromatic_flag 
_chem_comp_atom.pdbx_stereo_config 
_chem_comp_atom.pdbx_ordinal 
ALA N    N  N N 1   
ALA CA   C  N S 2   
ALA C    C  N N 3   
ALA O    O  N N 4   
ALA CB   C  N N 5   
ALA OXT  O  N N 6   
ALA H    H  N N 7   
ALA H2   H  N N 8   
ALA HA   H  N N 9   
ALA HB1  H  N N 10  
ALA HB2  H  N N 11  
ALA HB3  H  N N 12  
ALA HXT  H  N N 13  
ARG N    N  N N 14  
ARG CA   C  N S 15  
ARG C    C  N N 16  
ARG O    O  N N 17  
ARG CB   C  N N 18  
ARG CG   C  N N 19  
ARG CD   C  N N 20  
ARG NE   N  N N 21  
ARG CZ   C  N N 22  
ARG NH1  N  N N 23  
ARG NH2  N  N N 24  
ARG OXT  O  N N 25  
ARG H    H  N N 26  
ARG H2   H  N N 27  
ARG HA   H  N N 28  
ARG HB2  H  N N 29  
ARG HB3  H  N N 30  
ARG HG2  H  N N 31  
ARG HG3  H  N N 32  
ARG HD2  H  N N 33  
ARG HD3  H  N N 34  
ARG HE   H  N N 35  
ARG HH11 H  N N 36  
ARG HH12 H  N N 37  
ARG HH21 H  N N 38  
ARG HH22 H  N N 39  
ARG HXT  H  N N 40  
ASN N    N  N N 41  
ASN CA   C  N S 42  
ASN C    C  N N 43  
ASN O    O  N N 44  
ASN CB   C  N N 45  
ASN CG   C  N N 46  
ASN OD1  O  N N 47  
ASN ND2  N  N N 48  
ASN OXT  O  N N 49  
ASN H    H  N N 50  
ASN H2   H  N N 51  
ASN HA   H  N N 52  
ASN HB2  H  N N 53  
ASN HB3  H  N N 54  
ASN HD21 H  N N 55  
ASN HD22 H  N N 56  
ASN HXT  H  N N 57  
ASP N    N  N N 58  
ASP CA   C  N S 59  
ASP C    C  N N 60  
ASP O    O  N N 61  
ASP CB   C  N N 62  
ASP CG   C  N N 63  
ASP OD1  O  N N 64  
ASP OD2  O  N N 65  
ASP OXT  O  N N 66  
ASP H    H  N N 67  
ASP H2   H  N N 68  
ASP HA   H  N N 69  
ASP HB2  H  N N 70  
ASP HB3  H  N N 71  
ASP HD2  H  N N 72  
ASP HXT  H  N N 73  
CL  CL   CL N N 74  
EDO C1   C  N N 75  
EDO O1   O  N N 76  
EDO C2   C  N N 77  
EDO O2   O  N N 78  
EDO H11  H  N N 79  
EDO H12  H  N N 80  
EDO HO1  H  N N 81  
EDO H21  H  N N 82  
EDO H22  H  N N 83  
EDO HO2  H  N N 84  
GLN N    N  N N 85  
GLN CA   C  N S 86  
GLN C    C  N N 87  
GLN O    O  N N 88  
GLN CB   C  N N 89  
GLN CG   C  N N 90  
GLN CD   C  N N 91  
GLN OE1  O  N N 92  
GLN NE2  N  N N 93  
GLN OXT  O  N N 94  
GLN H    H  N N 95  
GLN H2   H  N N 96  
GLN HA   H  N N 97  
GLN HB2  H  N N 98  
GLN HB3  H  N N 99  
GLN HG2  H  N N 100 
GLN HG3  H  N N 101 
GLN HE21 H  N N 102 
GLN HE22 H  N N 103 
GLN HXT  H  N N 104 
GLU N    N  N N 105 
GLU CA   C  N S 106 
GLU C    C  N N 107 
GLU O    O  N N 108 
GLU CB   C  N N 109 
GLU CG   C  N N 110 
GLU CD   C  N N 111 
GLU OE1  O  N N 112 
GLU OE2  O  N N 113 
GLU OXT  O  N N 114 
GLU H    H  N N 115 
GLU H2   H  N N 116 
GLU HA   H  N N 117 
GLU HB2  H  N N 118 
GLU HB3  H  N N 119 
GLU HG2  H  N N 120 
GLU HG3  H  N N 121 
GLU HE2  H  N N 122 
GLU HXT  H  N N 123 
GLY N    N  N N 124 
GLY CA   C  N N 125 
GLY C    C  N N 126 
GLY O    O  N N 127 
GLY OXT  O  N N 128 
GLY H    H  N N 129 
GLY H2   H  N N 130 
GLY HA2  H  N N 131 
GLY HA3  H  N N 132 
GLY HXT  H  N N 133 
HIS N    N  N N 134 
HIS CA   C  N S 135 
HIS C    C  N N 136 
HIS O    O  N N 137 
HIS CB   C  N N 138 
HIS CG   C  Y N 139 
HIS ND1  N  Y N 140 
HIS CD2  C  Y N 141 
HIS CE1  C  Y N 142 
HIS NE2  N  Y N 143 
HIS OXT  O  N N 144 
HIS H    H  N N 145 
HIS H2   H  N N 146 
HIS HA   H  N N 147 
HIS HB2  H  N N 148 
HIS HB3  H  N N 149 
HIS HD1  H  N N 150 
HIS HD2  H  N N 151 
HIS HE1  H  N N 152 
HIS HE2  H  N N 153 
HIS HXT  H  N N 154 
HOH O    O  N N 155 
HOH H1   H  N N 156 
HOH H2   H  N N 157 
ILE N    N  N N 158 
ILE CA   C  N S 159 
ILE C    C  N N 160 
ILE O    O  N N 161 
ILE CB   C  N S 162 
ILE CG1  C  N N 163 
ILE CG2  C  N N 164 
ILE CD1  C  N N 165 
ILE OXT  O  N N 166 
ILE H    H  N N 167 
ILE H2   H  N N 168 
ILE HA   H  N N 169 
ILE HB   H  N N 170 
ILE HG12 H  N N 171 
ILE HG13 H  N N 172 
ILE HG21 H  N N 173 
ILE HG22 H  N N 174 
ILE HG23 H  N N 175 
ILE HD11 H  N N 176 
ILE HD12 H  N N 177 
ILE HD13 H  N N 178 
ILE HXT  H  N N 179 
K8L N1   N  N N 180 
K8L C4   C  Y N 181 
K8L C5   C  Y N 182 
K8L C6   C  Y N 183 
K8L C1   C  N N 184 
K8L C2   C  N N 185 
K8L C3   C  N N 186 
K8L N2   N  Y N 187 
K8L O1   O  N N 188 
K8L S1   S  Y N 189 
K8L H4   H  N N 190 
K8L H7   H  N N 191 
K8L H8   H  N N 192 
K8L H3   H  N N 193 
K8L H2   H  N N 194 
K8L H1   H  N N 195 
K8L H6   H  N N 196 
K8L H5   H  N N 197 
LEU N    N  N N 198 
LEU CA   C  N S 199 
LEU C    C  N N 200 
LEU O    O  N N 201 
LEU CB   C  N N 202 
LEU CG   C  N N 203 
LEU CD1  C  N N 204 
LEU CD2  C  N N 205 
LEU OXT  O  N N 206 
LEU H    H  N N 207 
LEU H2   H  N N 208 
LEU HA   H  N N 209 
LEU HB2  H  N N 210 
LEU HB3  H  N N 211 
LEU HG   H  N N 212 
LEU HD11 H  N N 213 
LEU HD12 H  N N 214 
LEU HD13 H  N N 215 
LEU HD21 H  N N 216 
LEU HD22 H  N N 217 
LEU HD23 H  N N 218 
LEU HXT  H  N N 219 
LYS N    N  N N 220 
LYS CA   C  N S 221 
LYS C    C  N N 222 
LYS O    O  N N 223 
LYS CB   C  N N 224 
LYS CG   C  N N 225 
LYS CD   C  N N 226 
LYS CE   C  N N 227 
LYS NZ   N  N N 228 
LYS OXT  O  N N 229 
LYS H    H  N N 230 
LYS H2   H  N N 231 
LYS HA   H  N N 232 
LYS HB2  H  N N 233 
LYS HB3  H  N N 234 
LYS HG2  H  N N 235 
LYS HG3  H  N N 236 
LYS HD2  H  N N 237 
LYS HD3  H  N N 238 
LYS HE2  H  N N 239 
LYS HE3  H  N N 240 
LYS HZ1  H  N N 241 
LYS HZ2  H  N N 242 
LYS HZ3  H  N N 243 
LYS HXT  H  N N 244 
MET N    N  N N 245 
MET CA   C  N S 246 
MET C    C  N N 247 
MET O    O  N N 248 
MET CB   C  N N 249 
MET CG   C  N N 250 
MET SD   S  N N 251 
MET CE   C  N N 252 
MET OXT  O  N N 253 
MET H    H  N N 254 
MET H2   H  N N 255 
MET HA   H  N N 256 
MET HB2  H  N N 257 
MET HB3  H  N N 258 
MET HG2  H  N N 259 
MET HG3  H  N N 260 
MET HE1  H  N N 261 
MET HE2  H  N N 262 
MET HE3  H  N N 263 
MET HXT  H  N N 264 
PHE N    N  N N 265 
PHE CA   C  N S 266 
PHE C    C  N N 267 
PHE O    O  N N 268 
PHE CB   C  N N 269 
PHE CG   C  Y N 270 
PHE CD1  C  Y N 271 
PHE CD2  C  Y N 272 
PHE CE1  C  Y N 273 
PHE CE2  C  Y N 274 
PHE CZ   C  Y N 275 
PHE OXT  O  N N 276 
PHE H    H  N N 277 
PHE H2   H  N N 278 
PHE HA   H  N N 279 
PHE HB2  H  N N 280 
PHE HB3  H  N N 281 
PHE HD1  H  N N 282 
PHE HD2  H  N N 283 
PHE HE1  H  N N 284 
PHE HE2  H  N N 285 
PHE HZ   H  N N 286 
PHE HXT  H  N N 287 
PRO N    N  N N 288 
PRO CA   C  N S 289 
PRO C    C  N N 290 
PRO O    O  N N 291 
PRO CB   C  N N 292 
PRO CG   C  N N 293 
PRO CD   C  N N 294 
PRO OXT  O  N N 295 
PRO H    H  N N 296 
PRO HA   H  N N 297 
PRO HB2  H  N N 298 
PRO HB3  H  N N 299 
PRO HG2  H  N N 300 
PRO HG3  H  N N 301 
PRO HD2  H  N N 302 
PRO HD3  H  N N 303 
PRO HXT  H  N N 304 
SER N    N  N N 305 
SER CA   C  N S 306 
SER C    C  N N 307 
SER O    O  N N 308 
SER CB   C  N N 309 
SER OG   O  N N 310 
SER OXT  O  N N 311 
SER H    H  N N 312 
SER H2   H  N N 313 
SER HA   H  N N 314 
SER HB2  H  N N 315 
SER HB3  H  N N 316 
SER HG   H  N N 317 
SER HXT  H  N N 318 
THR N    N  N N 319 
THR CA   C  N S 320 
THR C    C  N N 321 
THR O    O  N N 322 
THR CB   C  N R 323 
THR OG1  O  N N 324 
THR CG2  C  N N 325 
THR OXT  O  N N 326 
THR H    H  N N 327 
THR H2   H  N N 328 
THR HA   H  N N 329 
THR HB   H  N N 330 
THR HG1  H  N N 331 
THR HG21 H  N N 332 
THR HG22 H  N N 333 
THR HG23 H  N N 334 
THR HXT  H  N N 335 
TYR N    N  N N 336 
TYR CA   C  N S 337 
TYR C    C  N N 338 
TYR O    O  N N 339 
TYR CB   C  N N 340 
TYR CG   C  Y N 341 
TYR CD1  C  Y N 342 
TYR CD2  C  Y N 343 
TYR CE1  C  Y N 344 
TYR CE2  C  Y N 345 
TYR CZ   C  Y N 346 
TYR OH   O  N N 347 
TYR OXT  O  N N 348 
TYR H    H  N N 349 
TYR H2   H  N N 350 
TYR HA   H  N N 351 
TYR HB2  H  N N 352 
TYR HB3  H  N N 353 
TYR HD1  H  N N 354 
TYR HD2  H  N N 355 
TYR HE1  H  N N 356 
TYR HE2  H  N N 357 
TYR HH   H  N N 358 
TYR HXT  H  N N 359 
VAL N    N  N N 360 
VAL CA   C  N S 361 
VAL C    C  N N 362 
VAL O    O  N N 363 
VAL CB   C  N N 364 
VAL CG1  C  N N 365 
VAL CG2  C  N N 366 
VAL OXT  O  N N 367 
VAL H    H  N N 368 
VAL H2   H  N N 369 
VAL HA   H  N N 370 
VAL HB   H  N N 371 
VAL HG11 H  N N 372 
VAL HG12 H  N N 373 
VAL HG13 H  N N 374 
VAL HG21 H  N N 375 
VAL HG22 H  N N 376 
VAL HG23 H  N N 377 
VAL HXT  H  N N 378 
# 
loop_
_chem_comp_bond.comp_id 
_chem_comp_bond.atom_id_1 
_chem_comp_bond.atom_id_2 
_chem_comp_bond.value_order 
_chem_comp_bond.pdbx_aromatic_flag 
_chem_comp_bond.pdbx_stereo_config 
_chem_comp_bond.pdbx_ordinal 
ALA N   CA   sing N N 1   
ALA N   H    sing N N 2   
ALA N   H2   sing N N 3   
ALA CA  C    sing N N 4   
ALA CA  CB   sing N N 5   
ALA CA  HA   sing N N 6   
ALA C   O    doub N N 7   
ALA C   OXT  sing N N 8   
ALA CB  HB1  sing N N 9   
ALA CB  HB2  sing N N 10  
ALA CB  HB3  sing N N 11  
ALA OXT HXT  sing N N 12  
ARG N   CA   sing N N 13  
ARG N   H    sing N N 14  
ARG N   H2   sing N N 15  
ARG CA  C    sing N N 16  
ARG CA  CB   sing N N 17  
ARG CA  HA   sing N N 18  
ARG C   O    doub N N 19  
ARG C   OXT  sing N N 20  
ARG CB  CG   sing N N 21  
ARG CB  HB2  sing N N 22  
ARG CB  HB3  sing N N 23  
ARG CG  CD   sing N N 24  
ARG CG  HG2  sing N N 25  
ARG CG  HG3  sing N N 26  
ARG CD  NE   sing N N 27  
ARG CD  HD2  sing N N 28  
ARG CD  HD3  sing N N 29  
ARG NE  CZ   sing N N 30  
ARG NE  HE   sing N N 31  
ARG CZ  NH1  sing N N 32  
ARG CZ  NH2  doub N N 33  
ARG NH1 HH11 sing N N 34  
ARG NH1 HH12 sing N N 35  
ARG NH2 HH21 sing N N 36  
ARG NH2 HH22 sing N N 37  
ARG OXT HXT  sing N N 38  
ASN N   CA   sing N N 39  
ASN N   H    sing N N 40  
ASN N   H2   sing N N 41  
ASN CA  C    sing N N 42  
ASN CA  CB   sing N N 43  
ASN CA  HA   sing N N 44  
ASN C   O    doub N N 45  
ASN C   OXT  sing N N 46  
ASN CB  CG   sing N N 47  
ASN CB  HB2  sing N N 48  
ASN CB  HB3  sing N N 49  
ASN CG  OD1  doub N N 50  
ASN CG  ND2  sing N N 51  
ASN ND2 HD21 sing N N 52  
ASN ND2 HD22 sing N N 53  
ASN OXT HXT  sing N N 54  
ASP N   CA   sing N N 55  
ASP N   H    sing N N 56  
ASP N   H2   sing N N 57  
ASP CA  C    sing N N 58  
ASP CA  CB   sing N N 59  
ASP CA  HA   sing N N 60  
ASP C   O    doub N N 61  
ASP C   OXT  sing N N 62  
ASP CB  CG   sing N N 63  
ASP CB  HB2  sing N N 64  
ASP CB  HB3  sing N N 65  
ASP CG  OD1  doub N N 66  
ASP CG  OD2  sing N N 67  
ASP OD2 HD2  sing N N 68  
ASP OXT HXT  sing N N 69  
EDO C1  O1   sing N N 70  
EDO C1  C2   sing N N 71  
EDO C1  H11  sing N N 72  
EDO C1  H12  sing N N 73  
EDO O1  HO1  sing N N 74  
EDO C2  O2   sing N N 75  
EDO C2  H21  sing N N 76  
EDO C2  H22  sing N N 77  
EDO O2  HO2  sing N N 78  
GLN N   CA   sing N N 79  
GLN N   H    sing N N 80  
GLN N   H2   sing N N 81  
GLN CA  C    sing N N 82  
GLN CA  CB   sing N N 83  
GLN CA  HA   sing N N 84  
GLN C   O    doub N N 85  
GLN C   OXT  sing N N 86  
GLN CB  CG   sing N N 87  
GLN CB  HB2  sing N N 88  
GLN CB  HB3  sing N N 89  
GLN CG  CD   sing N N 90  
GLN CG  HG2  sing N N 91  
GLN CG  HG3  sing N N 92  
GLN CD  OE1  doub N N 93  
GLN CD  NE2  sing N N 94  
GLN NE2 HE21 sing N N 95  
GLN NE2 HE22 sing N N 96  
GLN OXT HXT  sing N N 97  
GLU N   CA   sing N N 98  
GLU N   H    sing N N 99  
GLU N   H2   sing N N 100 
GLU CA  C    sing N N 101 
GLU CA  CB   sing N N 102 
GLU CA  HA   sing N N 103 
GLU C   O    doub N N 104 
GLU C   OXT  sing N N 105 
GLU CB  CG   sing N N 106 
GLU CB  HB2  sing N N 107 
GLU CB  HB3  sing N N 108 
GLU CG  CD   sing N N 109 
GLU CG  HG2  sing N N 110 
GLU CG  HG3  sing N N 111 
GLU CD  OE1  doub N N 112 
GLU CD  OE2  sing N N 113 
GLU OE2 HE2  sing N N 114 
GLU OXT HXT  sing N N 115 
GLY N   CA   sing N N 116 
GLY N   H    sing N N 117 
GLY N   H2   sing N N 118 
GLY CA  C    sing N N 119 
GLY CA  HA2  sing N N 120 
GLY CA  HA3  sing N N 121 
GLY C   O    doub N N 122 
GLY C   OXT  sing N N 123 
GLY OXT HXT  sing N N 124 
HIS N   CA   sing N N 125 
HIS N   H    sing N N 126 
HIS N   H2   sing N N 127 
HIS CA  C    sing N N 128 
HIS CA  CB   sing N N 129 
HIS CA  HA   sing N N 130 
HIS C   O    doub N N 131 
HIS C   OXT  sing N N 132 
HIS CB  CG   sing N N 133 
HIS CB  HB2  sing N N 134 
HIS CB  HB3  sing N N 135 
HIS CG  ND1  sing Y N 136 
HIS CG  CD2  doub Y N 137 
HIS ND1 CE1  doub Y N 138 
HIS ND1 HD1  sing N N 139 
HIS CD2 NE2  sing Y N 140 
HIS CD2 HD2  sing N N 141 
HIS CE1 NE2  sing Y N 142 
HIS CE1 HE1  sing N N 143 
HIS NE2 HE2  sing N N 144 
HIS OXT HXT  sing N N 145 
HOH O   H1   sing N N 146 
HOH O   H2   sing N N 147 
ILE N   CA   sing N N 148 
ILE N   H    sing N N 149 
ILE N   H2   sing N N 150 
ILE CA  C    sing N N 151 
ILE CA  CB   sing N N 152 
ILE CA  HA   sing N N 153 
ILE C   O    doub N N 154 
ILE C   OXT  sing N N 155 
ILE CB  CG1  sing N N 156 
ILE CB  CG2  sing N N 157 
ILE CB  HB   sing N N 158 
ILE CG1 CD1  sing N N 159 
ILE CG1 HG12 sing N N 160 
ILE CG1 HG13 sing N N 161 
ILE CG2 HG21 sing N N 162 
ILE CG2 HG22 sing N N 163 
ILE CG2 HG23 sing N N 164 
ILE CD1 HD11 sing N N 165 
ILE CD1 HD12 sing N N 166 
ILE CD1 HD13 sing N N 167 
ILE OXT HXT  sing N N 168 
K8L C1  C2   sing N N 169 
K8L C2  O1   doub N N 170 
K8L C2  N1   sing N N 171 
K8L N1  C3   sing N N 172 
K8L C3  C4   sing N N 173 
K8L C4  C5   doub Y N 174 
K8L C5  N2   sing Y N 175 
K8L N2  C6   doub Y N 176 
K8L C6  S1   sing Y N 177 
K8L C4  S1   sing Y N 178 
K8L N1  H4   sing N N 179 
K8L C5  H7   sing N N 180 
K8L C6  H8   sing N N 181 
K8L C1  H3   sing N N 182 
K8L C1  H2   sing N N 183 
K8L C1  H1   sing N N 184 
K8L C3  H6   sing N N 185 
K8L C3  H5   sing N N 186 
LEU N   CA   sing N N 187 
LEU N   H    sing N N 188 
LEU N   H2   sing N N 189 
LEU CA  C    sing N N 190 
LEU CA  CB   sing N N 191 
LEU CA  HA   sing N N 192 
LEU C   O    doub N N 193 
LEU C   OXT  sing N N 194 
LEU CB  CG   sing N N 195 
LEU CB  HB2  sing N N 196 
LEU CB  HB3  sing N N 197 
LEU CG  CD1  sing N N 198 
LEU CG  CD2  sing N N 199 
LEU CG  HG   sing N N 200 
LEU CD1 HD11 sing N N 201 
LEU CD1 HD12 sing N N 202 
LEU CD1 HD13 sing N N 203 
LEU CD2 HD21 sing N N 204 
LEU CD2 HD22 sing N N 205 
LEU CD2 HD23 sing N N 206 
LEU OXT HXT  sing N N 207 
LYS N   CA   sing N N 208 
LYS N   H    sing N N 209 
LYS N   H2   sing N N 210 
LYS CA  C    sing N N 211 
LYS CA  CB   sing N N 212 
LYS CA  HA   sing N N 213 
LYS C   O    doub N N 214 
LYS C   OXT  sing N N 215 
LYS CB  CG   sing N N 216 
LYS CB  HB2  sing N N 217 
LYS CB  HB3  sing N N 218 
LYS CG  CD   sing N N 219 
LYS CG  HG2  sing N N 220 
LYS CG  HG3  sing N N 221 
LYS CD  CE   sing N N 222 
LYS CD  HD2  sing N N 223 
LYS CD  HD3  sing N N 224 
LYS CE  NZ   sing N N 225 
LYS CE  HE2  sing N N 226 
LYS CE  HE3  sing N N 227 
LYS NZ  HZ1  sing N N 228 
LYS NZ  HZ2  sing N N 229 
LYS NZ  HZ3  sing N N 230 
LYS OXT HXT  sing N N 231 
MET N   CA   sing N N 232 
MET N   H    sing N N 233 
MET N   H2   sing N N 234 
MET CA  C    sing N N 235 
MET CA  CB   sing N N 236 
MET CA  HA   sing N N 237 
MET C   O    doub N N 238 
MET C   OXT  sing N N 239 
MET CB  CG   sing N N 240 
MET CB  HB2  sing N N 241 
MET CB  HB3  sing N N 242 
MET CG  SD   sing N N 243 
MET CG  HG2  sing N N 244 
MET CG  HG3  sing N N 245 
MET SD  CE   sing N N 246 
MET CE  HE1  sing N N 247 
MET CE  HE2  sing N N 248 
MET CE  HE3  sing N N 249 
MET OXT HXT  sing N N 250 
PHE N   CA   sing N N 251 
PHE N   H    sing N N 252 
PHE N   H2   sing N N 253 
PHE CA  C    sing N N 254 
PHE CA  CB   sing N N 255 
PHE CA  HA   sing N N 256 
PHE C   O    doub N N 257 
PHE C   OXT  sing N N 258 
PHE CB  CG   sing N N 259 
PHE CB  HB2  sing N N 260 
PHE CB  HB3  sing N N 261 
PHE CG  CD1  doub Y N 262 
PHE CG  CD2  sing Y N 263 
PHE CD1 CE1  sing Y N 264 
PHE CD1 HD1  sing N N 265 
PHE CD2 CE2  doub Y N 266 
PHE CD2 HD2  sing N N 267 
PHE CE1 CZ   doub Y N 268 
PHE CE1 HE1  sing N N 269 
PHE CE2 CZ   sing Y N 270 
PHE CE2 HE2  sing N N 271 
PHE CZ  HZ   sing N N 272 
PHE OXT HXT  sing N N 273 
PRO N   CA   sing N N 274 
PRO N   CD   sing N N 275 
PRO N   H    sing N N 276 
PRO CA  C    sing N N 277 
PRO CA  CB   sing N N 278 
PRO CA  HA   sing N N 279 
PRO C   O    doub N N 280 
PRO C   OXT  sing N N 281 
PRO CB  CG   sing N N 282 
PRO CB  HB2  sing N N 283 
PRO CB  HB3  sing N N 284 
PRO CG  CD   sing N N 285 
PRO CG  HG2  sing N N 286 
PRO CG  HG3  sing N N 287 
PRO CD  HD2  sing N N 288 
PRO CD  HD3  sing N N 289 
PRO OXT HXT  sing N N 290 
SER N   CA   sing N N 291 
SER N   H    sing N N 292 
SER N   H2   sing N N 293 
SER CA  C    sing N N 294 
SER CA  CB   sing N N 295 
SER CA  HA   sing N N 296 
SER C   O    doub N N 297 
SER C   OXT  sing N N 298 
SER CB  OG   sing N N 299 
SER CB  HB2  sing N N 300 
SER CB  HB3  sing N N 301 
SER OG  HG   sing N N 302 
SER OXT HXT  sing N N 303 
THR N   CA   sing N N 304 
THR N   H    sing N N 305 
THR N   H2   sing N N 306 
THR CA  C    sing N N 307 
THR CA  CB   sing N N 308 
THR CA  HA   sing N N 309 
THR C   O    doub N N 310 
THR C   OXT  sing N N 311 
THR CB  OG1  sing N N 312 
THR CB  CG2  sing N N 313 
THR CB  HB   sing N N 314 
THR OG1 HG1  sing N N 315 
THR CG2 HG21 sing N N 316 
THR CG2 HG22 sing N N 317 
THR CG2 HG23 sing N N 318 
THR OXT HXT  sing N N 319 
TYR N   CA   sing N N 320 
TYR N   H    sing N N 321 
TYR N   H2   sing N N 322 
TYR CA  C    sing N N 323 
TYR CA  CB   sing N N 324 
TYR CA  HA   sing N N 325 
TYR C   O    doub N N 326 
TYR C   OXT  sing N N 327 
TYR CB  CG   sing N N 328 
TYR CB  HB2  sing N N 329 
TYR CB  HB3  sing N N 330 
TYR CG  CD1  doub Y N 331 
TYR CG  CD2  sing Y N 332 
TYR CD1 CE1  sing Y N 333 
TYR CD1 HD1  sing N N 334 
TYR CD2 CE2  doub Y N 335 
TYR CD2 HD2  sing N N 336 
TYR CE1 CZ   doub Y N 337 
TYR CE1 HE1  sing N N 338 
TYR CE2 CZ   sing Y N 339 
TYR CE2 HE2  sing N N 340 
TYR CZ  OH   sing N N 341 
TYR OH  HH   sing N N 342 
TYR OXT HXT  sing N N 343 
VAL N   CA   sing N N 344 
VAL N   H    sing N N 345 
VAL N   H2   sing N N 346 
VAL CA  C    sing N N 347 
VAL CA  CB   sing N N 348 
VAL CA  HA   sing N N 349 
VAL C   O    doub N N 350 
VAL C   OXT  sing N N 351 
VAL CB  CG1  sing N N 352 
VAL CB  CG2  sing N N 353 
VAL CB  HB   sing N N 354 
VAL CG1 HG11 sing N N 355 
VAL CG1 HG12 sing N N 356 
VAL CG1 HG13 sing N N 357 
VAL CG2 HG21 sing N N 358 
VAL CG2 HG22 sing N N 359 
VAL CG2 HG23 sing N N 360 
VAL OXT HXT  sing N N 361 
# 
_pdbx_audit_support.ordinal                1 
_pdbx_audit_support.funding_organization   'European Union (EU)' 
_pdbx_audit_support.grant_number           875510 
_pdbx_audit_support.country                'European Union' 
# 
_pdbx_deposit_group.group_id            G_1002273 
_pdbx_deposit_group.group_description   
;MAP1LC3B screened against the DSi-poised Fragment Library by X-ray Crystallography at the XChem facility of Diamond Light Source beamline I04-1
;
_pdbx_deposit_group.group_title         'PanDDA analysis group deposition' 
_pdbx_deposit_group.group_type          'changed state' 
# 
_atom_sites.entry_id                    7GAD 
_atom_sites.fract_transf_matrix[1][1]   -0.00920468 
_atom_sites.fract_transf_matrix[1][2]   0.01353966 
_atom_sites.fract_transf_matrix[1][3]   -0.00067271 
_atom_sites.fract_transf_matrix[2][1]   0.01066849 
_atom_sites.fract_transf_matrix[2][2]   0.00673322 
_atom_sites.fract_transf_matrix[2][3]   -0.01045696 
_atom_sites.fract_transf_matrix[3][1]   -0.01435975 
_atom_sites.fract_transf_matrix[3][2]   -0.01083678 
_atom_sites.fract_transf_matrix[3][3]   -0.02162802 
_atom_sites.fract_transf_vector[1]      0.185643 
_atom_sites.fract_transf_vector[2]      -0.381039 
_atom_sites.fract_transf_vector[3]      0.021244 
# 
loop_
_atom_type.symbol 
C  
CL 
N  
O  
S  
# 
loop_
_atom_site.group_PDB 
_atom_site.id 
_atom_site.type_symbol 
_atom_site.label_atom_id 
_atom_site.label_alt_id 
_atom_site.label_comp_id 
_atom_site.label_asym_id 
_atom_site.label_entity_id 
_atom_site.label_seq_id 
_atom_site.pdbx_PDB_ins_code 
_atom_site.Cartn_x 
_atom_site.Cartn_y 
_atom_site.Cartn_z 
_atom_site.occupancy 
_atom_site.B_iso_or_equiv 
_atom_site.pdbx_formal_charge 
_atom_site.auth_seq_id 
_atom_site.auth_comp_id 
_atom_site.auth_asym_id 
_atom_site.auth_atom_id 
_atom_site.pdbx_PDB_model_num 
ATOM   1    N  N   . LYS A 1 6   ? 16.731  -0.951  4.415   1.00 88.08  ? 5   LYS A N   1 
ATOM   2    C  CA  . LYS A 1 6   ? 16.253  -0.464  3.081   1.00 89.54  ? 5   LYS A CA  1 
ATOM   3    C  C   . LYS A 1 6   ? 14.713  -0.434  3.057   1.00 83.09  ? 5   LYS A C   1 
ATOM   4    O  O   . LYS A 1 6   ? 14.162  0.672   2.926   1.00 67.83  ? 5   LYS A O   1 
ATOM   5    C  CB  . LYS A 1 6   ? 16.845  -1.310  1.946   1.00 90.36  ? 5   LYS A CB  1 
ATOM   6    C  CG  . LYS A 1 6   ? 17.960  -0.631  1.168   1.00 96.62  ? 5   LYS A CG  1 
ATOM   7    C  CD  . LYS A 1 6   ? 17.556  0.712   0.583   1.00 99.12  ? 5   LYS A CD  1 
ATOM   8    C  CE  . LYS A 1 6   ? 18.397  1.115   -0.608  1.00 100.95 ? 5   LYS A CE  1 
ATOM   9    N  NZ  . LYS A 1 6   ? 19.844  1.032   -0.300  1.00 104.71 ? 5   LYS A NZ  1 
ATOM   10   N  N   . THR A 1 7   ? 14.040  -1.589  3.190   1.00 80.45  ? 6   THR A N   1 
ATOM   11   C  CA  . THR A 1 7   ? 12.549  -1.691  3.205   1.00 67.36  ? 6   THR A CA  1 
ATOM   12   C  C   . THR A 1 7   ? 12.021  -1.259  4.573   1.00 66.97  ? 6   THR A C   1 
ATOM   13   O  O   . THR A 1 7   ? 12.809  -1.280  5.575   1.00 62.48  ? 6   THR A O   1 
ATOM   14   C  CB  . THR A 1 7   ? 12.002  -3.087  2.863   1.00 74.90  ? 6   THR A CB  1 
ATOM   15   O  OG1 . THR A 1 7   ? 12.193  -3.978  3.967   1.00 62.87  ? 6   THR A OG1 1 
ATOM   16   C  CG2 . THR A 1 7   ? 12.600  -3.682  1.602   1.00 81.43  ? 6   THR A CG2 1 
ATOM   17   N  N   . PHE A 1 8   ? 10.730  -0.900  4.609   1.00 60.25  ? 7   PHE A N   1 
ATOM   18   C  CA  . PHE A 1 8   ? 10.009  -0.413  5.816   1.00 56.89  ? 7   PHE A CA  1 
ATOM   19   C  C   . PHE A 1 8   ? 10.189  -1.405  6.972   1.00 56.18  ? 7   PHE A C   1 
ATOM   20   O  O   . PHE A 1 8   ? 10.542  -0.972  8.117   1.00 58.17  ? 7   PHE A O   1 
ATOM   21   C  CB  . PHE A 1 8   ? 8.519   -0.178  5.526   1.00 55.32  ? 7   PHE A CB  1 
ATOM   22   C  CG  . PHE A 1 8   ? 7.771   0.424   6.686   1.00 50.64  ? 7   PHE A CG  1 
ATOM   23   C  CD1 . PHE A 1 8   ? 7.953   1.754   7.026   1.00 50.70  ? 7   PHE A CD1 1 
ATOM   24   C  CD2 . PHE A 1 8   ? 6.923   -0.346  7.464   1.00 51.55  ? 7   PHE A CD2 1 
ATOM   25   C  CE1 . PHE A 1 8   ? 7.258   2.320   8.086   1.00 51.88  ? 7   PHE A CE1 1 
ATOM   26   C  CE2 . PHE A 1 8   ? 6.258   0.211   8.545   1.00 52.96  ? 7   PHE A CE2 1 
ATOM   27   C  CZ  . PHE A 1 8   ? 6.418   1.544   8.849   1.00 49.76  ? 7   PHE A CZ  1 
ATOM   28   N  N   . LYS A 1 9   ? 9.974   -2.702  6.714   1.00 56.87  ? 8   LYS A N   1 
ATOM   29   C  CA  . LYS A 1 9   ? 10.029  -3.731  7.791   1.00 57.16  ? 8   LYS A CA  1 
ATOM   30   C  C   . LYS A 1 9   ? 11.447  -3.783  8.404   1.00 61.21  ? 8   LYS A C   1 
ATOM   31   O  O   . LYS A 1 9   ? 11.561  -4.039  9.639   1.00 65.17  ? 8   LYS A O   1 
ATOM   32   C  CB  . LYS A 1 9   ? 9.546   -5.086  7.265   1.00 57.08  ? 8   LYS A CB  1 
ATOM   33   C  CG  . LYS A 1 9   ? 8.035   -5.246  7.207   1.00 58.56  ? 8   LYS A CG  1 
ATOM   34   C  CD  . LYS A 1 9   ? 7.586   -6.686  7.243   1.00 59.57  ? 8   LYS A CD  1 
ATOM   35   C  CE  . LYS A 1 9   ? 6.084   -6.845  7.182   1.00 60.78  ? 8   LYS A CE  1 
ATOM   36   N  NZ  . LYS A 1 9   ? 5.689   -8.187  6.689   1.00 61.43  ? 8   LYS A NZ  1 
ATOM   37   N  N   . GLN A 1 10  ? 12.475  -3.513  7.595   1.00 58.92  ? 9   GLN A N   1 
ATOM   38   C  CA  . GLN A 1 10  ? 13.916  -3.485  7.988   1.00 64.48  ? 9   GLN A CA  1 
ATOM   39   C  C   . GLN A 1 10  ? 14.281  -2.232  8.810   1.00 61.65  ? 9   GLN A C   1 
ATOM   40   O  O   . GLN A 1 10  ? 15.155  -2.333  9.676   1.00 64.92  ? 9   GLN A O   1 
ATOM   41   C  CB  . GLN A 1 10  ? 14.787  -3.563  6.732   1.00 63.18  ? 9   GLN A CB  1 
ATOM   42   C  CG  . GLN A 1 10  ? 14.661  -4.892  6.002   1.00 64.05  ? 9   GLN A CG  1 
ATOM   43   C  CD  . GLN A 1 10  ? 15.235  -4.862  4.603   1.00 73.80  ? 9   GLN A CD  1 
ATOM   44   O  OE1 . GLN A 1 10  ? 15.638  -3.820  4.080   1.00 76.15  ? 9   GLN A OE1 1 
ATOM   45   N  NE2 . GLN A 1 10  ? 15.278  -6.025  3.978   1.00 74.33  ? 9   GLN A NE2 1 
ATOM   46   N  N   A ARG A 1 11  ? 13.625  -1.098  8.528   0.34 58.92  ? 10  ARG A N   1 
ATOM   47   N  N   B ARG A 1 11  ? 13.619  -1.101  8.543   0.17 60.05  ? 10  ARG A N   1 
ATOM   48   C  CA  A ARG A 1 11  ? 13.890  0.233   9.146   0.34 59.52  ? 10  ARG A CA  1 
ATOM   49   C  CA  B ARG A 1 11  ? 13.921  0.219   9.161   0.17 59.77  ? 10  ARG A CA  1 
ATOM   50   C  C   A ARG A 1 11  ? 13.289  0.314   10.554  0.34 60.40  ? 10  ARG A C   1 
ATOM   51   C  C   B ARG A 1 11  ? 13.280  0.329   10.551  0.17 59.98  ? 10  ARG A C   1 
ATOM   52   O  O   A ARG A 1 11  ? 13.856  1.046   11.395  0.34 56.41  ? 10  ARG A O   1 
ATOM   53   O  O   B ARG A 1 11  ? 13.831  1.078   11.387  0.17 57.89  ? 10  ARG A O   1 
ATOM   54   C  CB  A ARG A 1 11  ? 13.272  1.361   8.313   0.34 61.45  ? 10  ARG A CB  1 
ATOM   55   C  CB  B ARG A 1 11  ? 13.420  1.350   8.261   0.17 60.55  ? 10  ARG A CB  1 
ATOM   56   C  CG  A ARG A 1 11  ? 13.993  1.667   7.010   0.34 65.30  ? 10  ARG A CG  1 
ATOM   57   C  CG  B ARG A 1 11  ? 14.261  1.563   7.011   0.17 62.23  ? 10  ARG A CG  1 
ATOM   58   C  CD  A ARG A 1 11  ? 13.492  2.956   6.379   0.34 69.06  ? 10  ARG A CD  1 
ATOM   59   C  CD  B ARG A 1 11  ? 13.679  2.647   6.127   0.17 63.55  ? 10  ARG A CD  1 
ATOM   60   N  NE  A ARG A 1 11  ? 12.490  2.752   5.339   0.34 70.91  ? 10  ARG A NE  1 
ATOM   61   N  NE  B ARG A 1 11  ? 12.887  2.101   5.035   0.17 64.29  ? 10  ARG A NE  1 
ATOM   62   C  CZ  A ARG A 1 11  ? 11.297  3.335   5.311   0.34 71.00  ? 10  ARG A CZ  1 
ATOM   63   C  CZ  B ARG A 1 11  ? 11.949  2.772   4.380   0.17 62.33  ? 10  ARG A CZ  1 
ATOM   64   N  NH1 A ARG A 1 11  ? 10.942  4.172   6.270   0.34 74.14  ? 10  ARG A NH1 1 
ATOM   65   N  NH1 B ARG A 1 11  ? 11.668  4.018   4.717   0.17 64.07  ? 10  ARG A NH1 1 
ATOM   66   N  NH2 A ARG A 1 11  ? 10.467  3.086   4.314   0.34 70.10  ? 10  ARG A NH2 1 
ATOM   67   N  NH2 B ARG A 1 11  ? 11.288  2.191   3.398   0.17 63.52  ? 10  ARG A NH2 1 
ATOM   68   N  N   . ARG A 1 12  ? 12.156  -0.362  10.784  1.00 59.04  ? 11  ARG A N   1 
ATOM   69   C  CA  . ARG A 1 12  ? 11.409  -0.280  12.071  1.00 57.78  ? 11  ARG A CA  1 
ATOM   70   C  C   . ARG A 1 12  ? 11.269  -1.683  12.658  1.00 53.02  ? 11  ARG A C   1 
ATOM   71   O  O   . ARG A 1 12  ? 10.947  -2.599  11.895  1.00 50.67  ? 11  ARG A O   1 
ATOM   72   C  CB  . ARG A 1 12  ? 10.027  0.353   11.847  1.00 61.00  ? 11  ARG A CB  1 
ATOM   73   C  CG  . ARG A 1 12  ? 10.026  1.660   11.061  1.00 58.68  ? 11  ARG A CG  1 
ATOM   74   C  CD  . ARG A 1 12  ? 10.327  2.856   11.939  1.00 57.98  ? 11  ARG A CD  1 
ATOM   75   N  NE  . ARG A 1 12  ? 9.296   3.100   12.941  1.00 68.40  ? 11  ARG A NE  1 
ATOM   76   C  CZ  . ARG A 1 12  ? 9.449   3.824   14.053  1.00 67.89  ? 11  ARG A CZ  1 
ATOM   77   N  NH1 . ARG A 1 12  ? 10.612  4.388   14.354  1.00 66.99  ? 11  ARG A NH1 1 
ATOM   78   N  NH2 . ARG A 1 12  ? 8.422   3.985   14.866  1.00 75.91  ? 11  ARG A NH2 1 
ATOM   79   N  N   . THR A 1 13  ? 11.434  -1.816  13.974  1.00 52.03  ? 12  THR A N   1 
ATOM   80   C  CA  . THR A 1 13  ? 11.214  -3.091  14.706  1.00 50.50  ? 12  THR A CA  1 
ATOM   81   C  C   . THR A 1 13  ? 9.714   -3.435  14.683  1.00 50.18  ? 12  THR A C   1 
ATOM   82   O  O   . THR A 1 13  ? 8.883   -2.517  14.625  1.00 46.86  ? 12  THR A O   1 
ATOM   83   C  CB  . THR A 1 13  ? 11.783  -3.045  16.133  1.00 52.33  ? 12  THR A CB  1 
ATOM   84   O  OG1 . THR A 1 13  ? 11.014  -2.182  16.970  1.00 57.26  ? 12  THR A OG1 1 
ATOM   85   C  CG2 . THR A 1 13  ? 13.218  -2.573  16.203  1.00 59.31  ? 12  THR A CG2 1 
ATOM   86   N  N   . PHE A 1 14  ? 9.368   -4.709  14.782  1.00 43.62  ? 13  PHE A N   1 
ATOM   87   C  CA  . PHE A 1 14  ? 7.971   -5.174  14.936  1.00 53.77  ? 13  PHE A CA  1 
ATOM   88   C  C   . PHE A 1 14  ? 7.278   -4.350  16.026  1.00 58.28  ? 13  PHE A C   1 
ATOM   89   O  O   . PHE A 1 14  ? 6.095   -3.994  15.857  1.00 50.33  ? 13  PHE A O   1 
ATOM   90   C  CB  . PHE A 1 14  ? 7.896   -6.661  15.291  1.00 50.13  ? 13  PHE A CB  1 
ATOM   91   C  CG  . PHE A 1 14  ? 6.483   -7.187  15.322  1.00 45.03  ? 13  PHE A CG  1 
ATOM   92   C  CD1 . PHE A 1 14  ? 5.863   -7.591  14.151  1.00 50.62  ? 13  PHE A CD1 1 
ATOM   93   C  CD2 . PHE A 1 14  ? 5.778   -7.261  16.509  1.00 47.60  ? 13  PHE A CD2 1 
ATOM   94   C  CE1 . PHE A 1 14  ? 4.555   -8.050  14.161  1.00 50.10  ? 13  PHE A CE1 1 
ATOM   95   C  CE2 . PHE A 1 14  ? 4.468   -7.720  16.524  1.00 46.82  ? 13  PHE A CE2 1 
ATOM   96   C  CZ  . PHE A 1 14  ? 3.864   -8.116  15.350  1.00 51.70  ? 13  PHE A CZ  1 
ATOM   97   N  N   . GLU A 1 15  ? 7.976   -4.102  17.134  1.00 52.98  ? 14  GLU A N   1 
ATOM   98   C  CA  . GLU A 1 15  ? 7.428   -3.363  18.296  1.00 53.79  ? 14  GLU A CA  1 
ATOM   99   C  C   . GLU A 1 15  ? 7.047   -1.937  17.871  1.00 48.91  ? 14  GLU A C   1 
ATOM   100  O  O   . GLU A 1 15  ? 6.012   -1.396  18.348  1.00 47.70  ? 14  GLU A O   1 
ATOM   101  C  CB  . GLU A 1 15  ? 8.471   -3.328  19.410  1.00 59.71  ? 14  GLU A CB  1 
ATOM   102  C  CG  . GLU A 1 15  ? 7.988   -2.632  20.672  1.00 70.31  ? 14  GLU A CG  1 
ATOM   103  C  CD  . GLU A 1 15  ? 8.989   -2.657  21.812  1.00 77.72  ? 14  GLU A CD  1 
ATOM   104  O  OE1 . GLU A 1 15  ? 10.194  -2.838  21.533  1.00 71.45  ? 14  GLU A OE1 1 
ATOM   105  O  OE2 . GLU A 1 15  ? 8.559   -2.487  22.968  1.00 84.86  ? 14  GLU A OE2 1 
ATOM   106  N  N   . GLN A 1 16  ? 7.880   -1.343  17.027  1.00 47.70  ? 15  GLN A N   1 
ATOM   107  C  CA  . GLN A 1 16  ? 7.731   0.046   16.539  1.00 49.35  ? 15  GLN A CA  1 
ATOM   108  C  C   . GLN A 1 16  ? 6.563   0.150   15.554  1.00 51.88  ? 15  GLN A C   1 
ATOM   109  O  O   . GLN A 1 16  ? 5.763   1.124   15.652  1.00 49.15  ? 15  GLN A O   1 
ATOM   110  C  CB  . GLN A 1 16  ? 9.039   0.516   15.907  1.00 49.85  ? 15  GLN A CB  1 
ATOM   111  C  CG  . GLN A 1 16  ? 9.979   1.155   16.929  1.00 49.34  ? 15  GLN A CG  1 
ATOM   112  C  CD  . GLN A 1 16  ? 11.345  1.422   16.352  1.00 47.04  ? 15  GLN A CD  1 
ATOM   113  O  OE1 . GLN A 1 16  ? 11.686  0.921   15.289  1.00 47.63  ? 15  GLN A OE1 1 
ATOM   114  N  NE2 . GLN A 1 16  ? 12.138  2.208   17.064  1.00 52.33  ? 15  GLN A NE2 1 
ATOM   115  N  N   A ARG A 1 17  ? 6.466   -0.807  14.625  0.15 50.91  ? 16  ARG A N   1 
ATOM   116  N  N   B ARG A 1 17  ? 6.472   -0.799  14.618  0.35 49.77  ? 16  ARG A N   1 
ATOM   117  C  CA  A ARG A 1 17  ? 5.380   -0.882  13.610  0.15 51.82  ? 16  ARG A CA  1 
ATOM   118  C  CA  B ARG A 1 17  ? 5.376   -0.869  13.616  0.35 51.13  ? 16  ARG A CA  1 
ATOM   119  C  C   A ARG A 1 17  ? 4.040   -1.087  14.328  0.15 50.21  ? 16  ARG A C   1 
ATOM   120  C  C   B ARG A 1 17  ? 4.048   -1.048  14.363  0.35 50.09  ? 16  ARG A C   1 
ATOM   121  O  O   A ARG A 1 17  ? 3.049   -0.456  13.909  0.15 51.95  ? 16  ARG A O   1 
ATOM   122  O  O   B ARG A 1 17  ? 3.085   -0.335  14.029  0.35 52.57  ? 16  ARG A O   1 
ATOM   123  C  CB  A ARG A 1 17  ? 5.680   -1.984  12.587  0.15 53.10  ? 16  ARG A CB  1 
ATOM   124  C  CB  B ARG A 1 17  ? 5.678   -1.961  12.583  0.35 50.89  ? 16  ARG A CB  1 
ATOM   125  C  CG  A ARG A 1 17  ? 7.023   -1.820  11.888  0.15 53.43  ? 16  ARG A CG  1 
ATOM   126  C  CG  B ARG A 1 17  ? 6.927   -1.675  11.758  0.35 48.64  ? 16  ARG A CG  1 
ATOM   127  C  CD  A ARG A 1 17  ? 7.193   -2.685  10.652  0.15 55.16  ? 16  ARG A CD  1 
ATOM   128  C  CD  B ARG A 1 17  ? 7.232   -2.676  10.657  0.35 49.84  ? 16  ARG A CD  1 
ATOM   129  N  NE  A ARG A 1 17  ? 6.904   -4.095  10.882  0.15 58.62  ? 16  ARG A NE  1 
ATOM   130  N  NE  B ARG A 1 17  ? 8.307   -3.612  10.977  0.35 53.60  ? 16  ARG A NE  1 
ATOM   131  C  CZ  A ARG A 1 17  ? 7.814   -5.065  10.911  0.15 58.58  ? 16  ARG A CZ  1 
ATOM   132  C  CZ  B ARG A 1 17  ? 8.131   -4.897  11.280  0.35 54.33  ? 16  ARG A CZ  1 
ATOM   133  N  NH1 A ARG A 1 17  ? 9.093   -4.789  10.726  0.15 57.06  ? 16  ARG A NH1 1 
ATOM   134  N  NH1 B ARG A 1 17  ? 6.913   -5.417  11.311  0.35 55.65  ? 16  ARG A NH1 1 
ATOM   135  N  NH2 A ARG A 1 17  ? 7.436   -6.313  11.125  0.15 59.74  ? 16  ARG A NH2 1 
ATOM   136  N  NH2 B ARG A 1 17  ? 9.173   -5.660  11.556  0.35 53.39  ? 16  ARG A NH2 1 
ATOM   137  N  N   . VAL A 1 18  ? 4.016   -1.912  15.380  1.00 47.34  ? 17  VAL A N   1 
ATOM   138  C  CA  . VAL A 1 18  ? 2.784   -2.153  16.192  1.00 44.03  ? 17  VAL A CA  1 
ATOM   139  C  C   . VAL A 1 18  ? 2.317   -0.847  16.870  1.00 55.75  ? 17  VAL A C   1 
ATOM   140  O  O   . VAL A 1 18  ? 1.078   -0.560  16.846  1.00 45.52  ? 17  VAL A O   1 
ATOM   141  C  CB  . VAL A 1 18  ? 3.002   -3.267  17.213  1.00 41.99  ? 17  VAL A CB  1 
ATOM   142  C  CG1 . VAL A 1 18  ? 1.992   -3.203  18.344  1.00 45.91  ? 17  VAL A CG1 1 
ATOM   143  C  CG2 . VAL A 1 18  ? 2.969   -4.633  16.530  1.00 48.42  ? 17  VAL A CG2 1 
ATOM   144  N  N   . GLU A 1 19  ? 3.249   -0.089  17.462  1.00 53.33  ? 18  GLU A N   1 
ATOM   145  C  CA  . GLU A 1 19  ? 2.922   1.134   18.233  1.00 56.48  ? 18  GLU A CA  1 
ATOM   146  C  C   . GLU A 1 19  ? 2.474   2.225   17.271  1.00 48.39  ? 18  GLU A C   1 
ATOM   147  O  O   . GLU A 1 19  ? 1.557   2.983   17.623  1.00 56.98  ? 18  GLU A O   1 
ATOM   148  C  CB  . GLU A 1 19  ? 4.104   1.642   19.068  1.00 63.85  ? 18  GLU A CB  1 
ATOM   149  C  CG  . GLU A 1 19  ? 4.099   1.106   20.484  1.00 69.68  ? 18  GLU A CG  1 
ATOM   150  C  CD  . GLU A 1 19  ? 2.731   0.927   21.123  1.00 79.05  ? 18  GLU A CD  1 
ATOM   151  O  OE1 . GLU A 1 19  ? 1.975   1.939   21.223  1.00 78.48  ? 18  GLU A OE1 1 
ATOM   152  O  OE2 . GLU A 1 19  ? 2.417   -0.239  21.503  1.00 72.84  ? 18  GLU A OE2 1 
ATOM   153  N  N   . ASP A 1 20  ? 3.098   2.310   16.106  1.00 48.85  ? 19  ASP A N   1 
ATOM   154  C  CA  . ASP A 1 20  ? 2.678   3.324   15.119  1.00 51.61  ? 19  ASP A CA  1 
ATOM   155  C  C   . ASP A 1 20  ? 1.245   3.062   14.671  1.00 55.13  ? 19  ASP A C   1 
ATOM   156  O  O   . ASP A 1 20  ? 0.509   4.054   14.518  1.00 49.76  ? 19  ASP A O   1 
ATOM   157  C  CB  . ASP A 1 20  ? 3.585   3.432   13.913  1.00 56.97  ? 19  ASP A CB  1 
ATOM   158  C  CG  . ASP A 1 20  ? 3.278   4.719   13.149  1.00 79.81  ? 19  ASP A CG  1 
ATOM   159  O  OD1 . ASP A 1 20  ? 3.725   4.813   11.994  1.00 92.43  ? 19  ASP A OD1 1 
ATOM   160  O  OD2 . ASP A 1 20  ? 2.571   5.638   13.716  1.00 74.00  ? 19  ASP A OD2 1 
ATOM   161  N  N   . VAL A 1 21  ? 0.866   1.797   14.465  1.00 44.63  ? 20  VAL A N   1 
ATOM   162  C  CA  . VAL A 1 21  ? -0.506  1.455   14.007  1.00 45.06  ? 20  VAL A CA  1 
ATOM   163  C  C   . VAL A 1 21  ? -1.488  1.817   15.124  1.00 50.26  ? 20  VAL A C   1 
ATOM   164  O  O   . VAL A 1 21  ? -2.610  2.286   14.803  1.00 47.26  ? 20  VAL A O   1 
ATOM   165  C  CB  . VAL A 1 21  ? -0.609  -0.022  13.588  1.00 44.61  ? 20  VAL A CB  1 
ATOM   166  C  CG1 . VAL A 1 21  ? -2.051  -0.500  13.477  1.00 45.34  ? 20  VAL A CG1 1 
ATOM   167  C  CG2 . VAL A 1 21  ? 0.130   -0.265  12.306  1.00 35.51  ? 20  VAL A CG2 1 
ATOM   168  N  N   . ARG A 1 22  ? -1.073  1.650   16.381  1.00 51.50  ? 21  ARG A N   1 
ATOM   169  C  CA  . ARG A 1 22  ? -1.927  1.913   17.562  1.00 55.24  ? 21  ARG A CA  1 
ATOM   170  C  C   . ARG A 1 22  ? -2.200  3.423   17.687  1.00 55.70  ? 21  ARG A C   1 
ATOM   171  O  O   . ARG A 1 22  ? -3.317  3.774   18.165  1.00 46.63  ? 21  ARG A O   1 
ATOM   172  C  CB  . ARG A 1 22  ? -1.260  1.289   18.784  1.00 58.06  ? 21  ARG A CB  1 
ATOM   173  C  CG  . ARG A 1 22  ? -1.383  -0.227  18.811  1.00 63.27  ? 21  ARG A CG  1 
ATOM   174  C  CD  . ARG A 1 22  ? -0.644  -0.770  20.011  1.00 64.33  ? 21  ARG A CD  1 
ATOM   175  N  NE  . ARG A 1 22  ? -0.738  -2.210  20.215  1.00 69.09  ? 21  ARG A NE  1 
ATOM   176  C  CZ  . ARG A 1 22  ? -0.141  -2.856  21.218  1.00 63.89  ? 21  ARG A CZ  1 
ATOM   177  N  NH1 . ARG A 1 22  ? 0.610   -2.189  22.079  1.00 62.37  ? 21  ARG A NH1 1 
ATOM   178  N  NH2 . ARG A 1 22  ? -0.274  -4.164  21.342  1.00 66.28  ? 21  ARG A NH2 1 
ATOM   179  N  N   . LEU A 1 23  ? -1.250  4.255   17.246  1.00 55.30  ? 22  LEU A N   1 
ATOM   180  C  CA  . LEU A 1 23  ? -1.313  5.747   17.244  1.00 57.11  ? 22  LEU A CA  1 
ATOM   181  C  C   . LEU A 1 23  ? -2.277  6.213   16.147  1.00 52.99  ? 22  LEU A C   1 
ATOM   182  O  O   . LEU A 1 23  ? -3.123  7.058   16.448  1.00 49.81  ? 22  LEU A O   1 
ATOM   183  C  CB  . LEU A 1 23  ? 0.088   6.325   16.992  1.00 63.03  ? 22  LEU A CB  1 
ATOM   184  C  CG  . LEU A 1 23  ? 0.221   7.853   17.057  1.00 69.28  ? 22  LEU A CG  1 
ATOM   185  C  CD1 . LEU A 1 23  ? -0.068  8.366   18.464  1.00 63.86  ? 22  LEU A CD1 1 
ATOM   186  C  CD2 . LEU A 1 23  ? 1.596   8.311   16.586  1.00 70.70  ? 22  LEU A CD2 1 
ATOM   187  N  N   . ILE A 1 24  ? -2.114  5.694   14.925  1.00 49.10  ? 23  ILE A N   1 
ATOM   188  C  CA  . ILE A 1 24  ? -3.041  5.905   13.772  1.00 46.08  ? 23  ILE A CA  1 
ATOM   189  C  C   . ILE A 1 24  ? -4.465  5.520   14.204  1.00 46.92  ? 23  ILE A C   1 
ATOM   190  O  O   . ILE A 1 24  ? -5.363  6.328   14.026  1.00 46.46  ? 23  ILE A O   1 
ATOM   191  C  CB  . ILE A 1 24  ? -2.522  5.181   12.522  1.00 49.61  ? 23  ILE A CB  1 
ATOM   192  C  CG1 . ILE A 1 24  ? -1.117  5.690   12.166  1.00 47.03  ? 23  ILE A CG1 1 
ATOM   193  C  CG2 . ILE A 1 24  ? -3.498  5.340   11.356  1.00 51.62  ? 23  ILE A CG2 1 
ATOM   194  C  CD1 . ILE A 1 24  ? -0.449  4.974   11.020  1.00 48.87  ? 23  ILE A CD1 1 
ATOM   195  N  N   . ARG A 1 25  ? -4.665  4.375   14.850  1.00 40.68  ? 24  ARG A N   1 
ATOM   196  C  CA  . ARG A 1 25  ? -5.983  3.990   15.410  1.00 45.17  ? 24  ARG A CA  1 
ATOM   197  C  C   . ARG A 1 25  ? -6.541  5.080   16.327  1.00 49.79  ? 24  ARG A C   1 
ATOM   198  O  O   . ARG A 1 25  ? -7.725  5.368   16.204  1.00 44.43  ? 24  ARG A O   1 
ATOM   199  C  CB  . ARG A 1 25  ? -5.926  2.681   16.190  1.00 45.11  ? 24  ARG A CB  1 
ATOM   200  C  CG  . ARG A 1 25  ? -5.997  1.486   15.263  1.00 50.01  ? 24  ARG A CG  1 
ATOM   201  C  CD  . ARG A 1 25  ? -6.108  0.159   15.972  1.00 57.57  ? 24  ARG A CD  1 
ATOM   202  N  NE  . ARG A 1 25  ? -5.645  -0.829  15.000  1.00 60.21  ? 24  ARG A NE  1 
ATOM   203  C  CZ  . ARG A 1 25  ? -4.905  -1.895  15.286  1.00 69.14  ? 24  ARG A CZ  1 
ATOM   204  N  NH1 . ARG A 1 25  ? -4.538  -2.152  16.533  1.00 71.72  ? 24  ARG A NH1 1 
ATOM   205  N  NH2 . ARG A 1 25  ? -4.531  -2.704  14.310  1.00 72.17  ? 24  ARG A NH2 1 
ATOM   206  N  N   . GLU A 1 26  ? -5.714  5.623   17.213  1.00 51.45  ? 25  GLU A N   1 
ATOM   207  C  CA  . GLU A 1 26  ? -6.127  6.600   18.244  1.00 55.76  ? 25  GLU A CA  1 
ATOM   208  C  C   . GLU A 1 26  ? -6.364  7.971   17.591  1.00 43.72  ? 25  GLU A C   1 
ATOM   209  O  O   . GLU A 1 26  ? -7.338  8.593   17.952  1.00 48.79  ? 25  GLU A O   1 
ATOM   210  C  CB  . GLU A 1 26  ? -5.094  6.653   19.373  1.00 64.34  ? 25  GLU A CB  1 
ATOM   211  C  CG  . GLU A 1 26  ? -5.663  7.249   20.651  1.00 78.26  ? 25  GLU A CG  1 
ATOM   212  C  CD  . GLU A 1 26  ? -6.517  6.294   21.481  1.00 90.43  ? 25  GLU A CD  1 
ATOM   213  O  OE1 . GLU A 1 26  ? -5.908  5.447   22.191  1.00 98.94  ? 25  GLU A OE1 1 
ATOM   214  O  OE2 . GLU A 1 26  ? -7.789  6.387   21.424  1.00 79.21  ? 25  GLU A OE2 1 
ATOM   215  N  N   . GLN A 1 27  ? -5.522  8.399   16.651  1.00 43.48  ? 26  GLN A N   1 
ATOM   216  C  CA  . GLN A 1 27  ? -5.493  9.770   16.078  1.00 45.47  ? 26  GLN A CA  1 
ATOM   217  C  C   . GLN A 1 27  ? -6.182  9.860   14.712  1.00 52.97  ? 26  GLN A C   1 
ATOM   218  O  O   . GLN A 1 27  ? -6.461  10.977  14.268  1.00 44.09  ? 26  GLN A O   1 
ATOM   219  C  CB  . GLN A 1 27  ? -4.055  10.204  15.839  1.00 49.49  ? 26  GLN A CB  1 
ATOM   220  C  CG  . GLN A 1 27  ? -3.299  10.444  17.134  1.00 57.00  ? 26  GLN A CG  1 
ATOM   221  C  CD  . GLN A 1 27  ? -1.923  11.005  16.883  1.00 65.44  ? 26  GLN A CD  1 
ATOM   222  O  OE1 . GLN A 1 27  ? -1.424  11.017  15.753  1.00 76.19  ? 26  GLN A OE1 1 
ATOM   223  N  NE2 . GLN A 1 27  ? -1.297  11.471  17.955  1.00 74.65  ? 26  GLN A NE2 1 
ATOM   224  N  N   . HIS A 1 28  ? -6.328  8.757   13.983  1.00 45.97  ? 27  HIS A N   1 
ATOM   225  C  CA  . HIS A 1 28  ? -6.965  8.778   12.646  1.00 45.06  ? 27  HIS A CA  1 
ATOM   226  C  C   . HIS A 1 28  ? -7.785  7.517   12.535  1.00 39.46  ? 27  HIS A C   1 
ATOM   227  O  O   . HIS A 1 28  ? -7.526  6.682   11.687  1.00 38.98  ? 27  HIS A O   1 
ATOM   228  C  CB  . HIS A 1 28  ? -5.931  8.930   11.536  1.00 51.33  ? 27  HIS A CB  1 
ATOM   229  C  CG  . HIS A 1 28  ? -5.000  10.075  11.742  1.00 59.41  ? 27  HIS A CG  1 
ATOM   230  N  ND1 . HIS A 1 28  ? -5.320  11.355  11.347  1.00 56.28  ? 27  HIS A ND1 1 
ATOM   231  C  CD2 . HIS A 1 28  ? -3.755  10.127  12.280  1.00 58.45  ? 27  HIS A CD2 1 
ATOM   232  C  CE1 . HIS A 1 28  ? -4.307  12.153  11.639  1.00 60.70  ? 27  HIS A CE1 1 
ATOM   233  N  NE2 . HIS A 1 28  ? -3.339  11.424  12.223  1.00 60.22  ? 27  HIS A NE2 1 
ATOM   234  N  N   . PRO A 1 29  ? -8.790  7.374   13.414  1.00 39.10  ? 28  PRO A N   1 
ATOM   235  C  CA  . PRO A 1 29  ? -9.549  6.130   13.514  1.00 41.68  ? 28  PRO A CA  1 
ATOM   236  C  C   . PRO A 1 29  ? -10.270 5.700   12.222  1.00 40.17  ? 28  PRO A C   1 
ATOM   237  O  O   . PRO A 1 29  ? -10.490 4.513   12.088  1.00 42.52  ? 28  PRO A O   1 
ATOM   238  C  CB  . PRO A 1 29  ? -10.551 6.416   14.650  1.00 42.60  ? 28  PRO A CB  1 
ATOM   239  C  CG  . PRO A 1 29  ? -10.688 7.952   14.644  1.00 45.53  ? 28  PRO A CG  1 
ATOM   240  C  CD  . PRO A 1 29  ? -9.294  8.434   14.307  1.00 45.41  ? 28  PRO A CD  1 
ATOM   241  N  N   . THR A 1 30  ? -10.606 6.607   11.301  1.00 36.63  ? 29  THR A N   1 
ATOM   242  C  CA  . THR A 1 30  ? -11.340 6.243   10.039  1.00 35.27  ? 29  THR A CA  1 
ATOM   243  C  C   . THR A 1 30  ? -10.368 5.920   8.884   1.00 34.89  ? 29  THR A C   1 
ATOM   244  O  O   . THR A 1 30  ? -10.835 5.629   7.761   1.00 38.90  ? 29  THR A O   1 
ATOM   245  C  CB  . THR A 1 30  ? -12.323 7.342   9.604   1.00 33.79  ? 29  THR A CB  1 
ATOM   246  O  OG1 . THR A 1 30  ? -11.537 8.396   9.080   1.00 34.86  ? 29  THR A OG1 1 
ATOM   247  C  CG2 . THR A 1 30  ? -13.221 7.856   10.701  1.00 38.06  ? 29  THR A CG2 1 
ATOM   248  N  N   . LYS A 1 31  ? -9.056  5.903   9.126   1.00 37.50  ? 30  LYS A N   1 
ATOM   249  C  CA  . LYS A 1 31  ? -8.027  5.721   8.073   1.00 36.70  ? 30  LYS A CA  1 
ATOM   250  C  C   . LYS A 1 31  ? -7.430  4.317   8.165   1.00 36.44  ? 30  LYS A C   1 
ATOM   251  O  O   . LYS A 1 31  ? -7.252  3.833   9.269   1.00 35.03  ? 30  LYS A O   1 
ATOM   252  C  CB  . LYS A 1 31  ? -6.920  6.767   8.221   1.00 36.44  ? 30  LYS A CB  1 
ATOM   253  C  CG  . LYS A 1 31  ? -7.366  8.216   8.055   1.00 41.77  ? 30  LYS A CG  1 
ATOM   254  C  CD  . LYS A 1 31  ? -8.188  8.424   6.813   1.00 42.96  ? 30  LYS A CD  1 
ATOM   255  C  CE  . LYS A 1 31  ? -8.906  9.758   6.782   1.00 48.51  ? 30  LYS A CE  1 
ATOM   256  N  NZ  . LYS A 1 31  ? -7.984  10.849  7.138   1.00 44.44  ? 30  LYS A NZ  1 
ATOM   257  N  N   . ILE A 1 32  ? -7.059  3.746   7.016   1.00 38.96  ? 31  ILE A N   1 
ATOM   258  C  CA  . ILE A 1 32  ? -6.341  2.441   6.931   1.00 36.87  ? 31  ILE A CA  1 
ATOM   259  C  C   . ILE A 1 32  ? -4.847  2.762   6.837   1.00 35.20  ? 31  ILE A C   1 
ATOM   260  O  O   . ILE A 1 32  ? -4.436  3.527   5.960   1.00 36.79  ? 31  ILE A O   1 
ATOM   261  C  CB  . ILE A 1 32  ? -6.885  1.590   5.749   1.00 34.38  ? 31  ILE A CB  1 
ATOM   262  C  CG1 . ILE A 1 32  ? -8.379  1.280   5.893   1.00 31.91  ? 31  ILE A CG1 1 
ATOM   263  C  CG2 . ILE A 1 32  ? -6.063  0.313   5.579   1.00 35.13  ? 31  ILE A CG2 1 
ATOM   264  C  CD1 . ILE A 1 32  ? -8.806  0.680   7.241   1.00 30.88  ? 31  ILE A CD1 1 
ATOM   265  N  N   . PRO A 1 33  ? -3.987  2.212   7.727   1.00 36.22  ? 32  PRO A N   1 
ATOM   266  C  CA  . PRO A 1 33  ? -2.540  2.401   7.617   1.00 38.10  ? 32  PRO A CA  1 
ATOM   267  C  C   . PRO A 1 33  ? -1.941  1.497   6.540   1.00 38.53  ? 32  PRO A C   1 
ATOM   268  O  O   . PRO A 1 33  ? -1.991  0.252   6.674   1.00 38.21  ? 32  PRO A O   1 
ATOM   269  C  CB  . PRO A 1 33  ? -2.037  2.048   9.009   1.00 36.24  ? 32  PRO A CB  1 
ATOM   270  C  CG  . PRO A 1 33  ? -3.008  0.994   9.490   1.00 38.40  ? 32  PRO A CG  1 
ATOM   271  C  CD  . PRO A 1 33  ? -4.337  1.374   8.883   1.00 38.31  ? 32  PRO A CD  1 
ATOM   272  N  N   . VAL A 1 34  ? -1.459  2.116   5.465   1.00 36.48  ? 33  VAL A N   1 
ATOM   273  C  CA  . VAL A 1 34  ? -0.950  1.388   4.270   1.00 39.62  ? 33  VAL A CA  1 
ATOM   274  C  C   . VAL A 1 34  ? 0.542   1.708   4.085   1.00 42.72  ? 33  VAL A C   1 
ATOM   275  O  O   . VAL A 1 34  ? 0.903   2.882   4.233   1.00 46.78  ? 33  VAL A O   1 
ATOM   276  C  CB  . VAL A 1 34  ? -1.794  1.752   3.036   1.00 37.55  ? 33  VAL A CB  1 
ATOM   277  C  CG1 . VAL A 1 34  ? -1.339  0.982   1.818   1.00 41.24  ? 33  VAL A CG1 1 
ATOM   278  C  CG2 . VAL A 1 34  ? -3.265  1.507   3.294   1.00 36.82  ? 33  VAL A CG2 1 
ATOM   279  N  N   . ILE A 1 35  ? 1.356   0.672   3.839   1.00 47.17  ? 34  ILE A N   1 
ATOM   280  C  CA  . ILE A 1 35  ? 2.753   0.753   3.319   1.00 40.08  ? 34  ILE A CA  1 
ATOM   281  C  C   . ILE A 1 35  ? 2.740   0.469   1.825   1.00 38.93  ? 34  ILE A C   1 
ATOM   282  O  O   . ILE A 1 35  ? 2.187   -0.564  1.418   1.00 41.10  ? 34  ILE A O   1 
ATOM   283  C  CB  . ILE A 1 35  ? 3.645   -0.260  4.037   1.00 47.70  ? 34  ILE A CB  1 
ATOM   284  C  CG1 . ILE A 1 35  ? 3.585   -0.057  5.553   1.00 41.14  ? 34  ILE A CG1 1 
ATOM   285  C  CG2 . ILE A 1 35  ? 5.060   -0.213  3.469   1.00 46.94  ? 34  ILE A CG2 1 
ATOM   286  C  CD1 . ILE A 1 35  ? 3.826   1.357   6.023   1.00 48.71  ? 34  ILE A CD1 1 
ATOM   287  N  N   . ILE A 1 36  ? 3.257   1.400   1.029   1.00 38.61  ? 35  ILE A N   1 
ATOM   288  C  CA  . ILE A 1 36  ? 3.306   1.249   -0.447  1.00 42.91  ? 35  ILE A CA  1 
ATOM   289  C  C   . ILE A 1 36  ? 4.762   1.429   -0.874  1.00 50.90  ? 35  ILE A C   1 
ATOM   290  O  O   . ILE A 1 36  ? 5.321   2.488   -0.626  1.00 48.12  ? 35  ILE A O   1 
ATOM   291  C  CB  . ILE A 1 36  ? 2.378   2.241   -1.164  1.00 45.56  ? 35  ILE A CB  1 
ATOM   292  C  CG1 . ILE A 1 36  ? 1.006   2.336   -0.472  1.00 49.47  ? 35  ILE A CG1 1 
ATOM   293  C  CG2 . ILE A 1 36  ? 2.289   1.838   -2.629  1.00 39.49  ? 35  ILE A CG2 1 
ATOM   294  C  CD1 . ILE A 1 36  ? 0.059   3.393   -1.041  1.00 48.29  ? 35  ILE A CD1 1 
ATOM   295  N  N   . GLU A 1 37  ? 5.321   0.396   -1.491  1.00 59.27  ? 36  GLU A N   1 
ATOM   296  C  CA  . GLU A 1 37  ? 6.757   0.306   -1.831  1.00 58.08  ? 36  GLU A CA  1 
ATOM   297  C  C   . GLU A 1 37  ? 6.876   -0.093  -3.297  1.00 55.81  ? 36  GLU A C   1 
ATOM   298  O  O   . GLU A 1 37  ? 6.027   -0.836  -3.800  1.00 44.17  ? 36  GLU A O   1 
ATOM   299  C  CB  . GLU A 1 37  ? 7.449   -0.673  -0.878  1.00 56.67  ? 36  GLU A CB  1 
ATOM   300  C  CG  . GLU A 1 37  ? 7.557   -0.110  0.526   1.00 56.95  ? 36  GLU A CG  1 
ATOM   301  C  CD  . GLU A 1 37  ? 8.251   -1.013  1.523   1.00 59.14  ? 36  GLU A CD  1 
ATOM   302  O  OE1 . GLU A 1 37  ? 7.762   -2.149  1.738   1.00 61.30  ? 36  GLU A OE1 1 
ATOM   303  O  OE2 . GLU A 1 37  ? 9.285   -0.580  2.080   1.00 62.89  ? 36  GLU A OE2 1 
ATOM   304  N  N   . ARG A 1 38  ? 7.897   0.429   -3.957  1.00 52.94  ? 37  ARG A N   1 
ATOM   305  C  CA  . ARG A 1 38  ? 8.274   -0.007  -5.304  1.00 51.18  ? 37  ARG A CA  1 
ATOM   306  C  C   . ARG A 1 38  ? 8.967   -1.367  -5.188  1.00 57.02  ? 37  ARG A C   1 
ATOM   307  O  O   . ARG A 1 38  ? 9.673   -1.612  -4.172  1.00 59.09  ? 37  ARG A O   1 
ATOM   308  C  CB  . ARG A 1 38  ? 9.181   1.025   -5.971  1.00 56.62  ? 37  ARG A CB  1 
ATOM   309  C  CG  . ARG A 1 38  ? 9.373   0.707   -7.444  1.00 62.05  ? 37  ARG A CG  1 
ATOM   310  C  CD  . ARG A 1 38  ? 10.091  1.791   -8.202  1.00 67.32  ? 37  ARG A CD  1 
ATOM   311  N  NE  . ARG A 1 38  ? 11.438  1.973   -7.689  1.00 74.46  ? 37  ARG A NE  1 
ATOM   312  C  CZ  . ARG A 1 38  ? 12.395  2.619   -8.338  1.00 77.81  ? 37  ARG A CZ  1 
ATOM   313  N  NH1 . ARG A 1 38  ? 12.159  3.136   -9.535  1.00 74.12  ? 37  ARG A NH1 1 
ATOM   314  N  NH2 . ARG A 1 38  ? 13.588  2.742   -7.786  1.00 75.92  ? 37  ARG A NH2 1 
ATOM   315  N  N   . TYR A 1 39  ? 8.680   -2.240  -6.151  1.00 57.20  ? 38  TYR A N   1 
ATOM   316  C  CA  . TYR A 1 39  ? 9.303   -3.573  -6.307  1.00 61.85  ? 38  TYR A CA  1 
ATOM   317  C  C   . TYR A 1 39  ? 10.821  -3.367  -6.443  1.00 66.12  ? 38  TYR A C   1 
ATOM   318  O  O   . TYR A 1 39  ? 11.251  -2.361  -7.078  1.00 51.22  ? 38  TYR A O   1 
ATOM   319  C  CB  . TYR A 1 39  ? 8.645   -4.266  -7.496  1.00 66.27  ? 38  TYR A CB  1 
ATOM   320  C  CG  . TYR A 1 39  ? 9.335   -5.529  -7.926  1.00 78.68  ? 38  TYR A CG  1 
ATOM   321  C  CD1 . TYR A 1 39  ? 9.444   -6.607  -7.061  1.00 79.64  ? 38  TYR A CD1 1 
ATOM   322  C  CD2 . TYR A 1 39  ? 9.858   -5.650  -9.204  1.00 78.25  ? 38  TYR A CD2 1 
ATOM   323  C  CE1 . TYR A 1 39  ? 10.078  -7.772  -7.452  1.00 93.02  ? 38  TYR A CE1 1 
ATOM   324  C  CE2 . TYR A 1 39  ? 10.485  -6.813  -9.614  1.00 85.79  ? 38  TYR A CE2 1 
ATOM   325  C  CZ  . TYR A 1 39  ? 10.600  -7.872  -8.731  1.00 93.05  ? 38  TYR A CZ  1 
ATOM   326  O  OH  . TYR A 1 39  ? 11.218  -9.019  -9.131  1.00 115.34 ? 38  TYR A OH  1 
ATOM   327  N  N   . LYS A 1 40  ? 11.635  -4.221  -5.813  1.00 76.18  ? 39  LYS A N   1 
ATOM   328  C  CA  . LYS A 1 40  ? 13.102  -3.973  -5.715  1.00 78.31  ? 39  LYS A CA  1 
ATOM   329  C  C   . LYS A 1 40  ? 13.697  -4.114  -7.118  1.00 69.36  ? 39  LYS A C   1 
ATOM   330  O  O   . LYS A 1 40  ? 14.594  -3.345  -7.420  1.00 67.09  ? 39  LYS A O   1 
ATOM   331  C  CB  . LYS A 1 40  ? 13.774  -4.857  -4.661  1.00 94.01  ? 39  LYS A CB  1 
ATOM   332  C  CG  . LYS A 1 40  ? 14.025  -6.304  -5.065  1.00 108.61 ? 39  LYS A CG  1 
ATOM   333  C  CD  . LYS A 1 40  ? 14.324  -7.207  -3.883  1.00 118.40 ? 39  LYS A CD  1 
ATOM   334  C  CE  . LYS A 1 40  ? 15.274  -6.602  -2.867  1.00 124.93 ? 39  LYS A CE  1 
ATOM   335  N  NZ  . LYS A 1 40  ? 16.598  -6.305  -3.462  1.00 130.14 ? 39  LYS A NZ  1 
ATOM   336  N  N   . GLY A 1 41  ? 13.122  -4.966  -7.975  1.00 63.98  ? 40  GLY A N   1 
ATOM   337  C  CA  . GLY A 1 41  ? 13.471  -5.064  -9.409  1.00 69.10  ? 40  GLY A CA  1 
ATOM   338  C  C   . GLY A 1 41  ? 13.206  -3.793  -10.223 1.00 77.40  ? 40  GLY A C   1 
ATOM   339  O  O   . GLY A 1 41  ? 13.935  -3.572  -11.225 1.00 76.33  ? 40  GLY A O   1 
ATOM   340  N  N   . GLU A 1 42  ? 12.231  -2.959  -9.829  1.00 78.81  ? 41  GLU A N   1 
ATOM   341  C  CA  . GLU A 1 42  ? 11.530  -1.986  -10.720 1.00 74.46  ? 41  GLU A CA  1 
ATOM   342  C  C   . GLU A 1 42  ? 12.463  -0.895  -11.281 1.00 77.21  ? 41  GLU A C   1 
ATOM   343  O  O   . GLU A 1 42  ? 13.092  -0.168  -10.493 1.00 69.99  ? 41  GLU A O   1 
ATOM   344  C  CB  . GLU A 1 42  ? 10.364  -1.326  -9.978  1.00 73.43  ? 41  GLU A CB  1 
ATOM   345  C  CG  . GLU A 1 42  ? 9.575   -0.350  -10.837 1.00 65.21  ? 41  GLU A CG  1 
ATOM   346  C  CD  . GLU A 1 42  ? 9.006   -0.911  -12.128 1.00 58.67  ? 41  GLU A CD  1 
ATOM   347  O  OE1 . GLU A 1 42  ? 8.525   -2.056  -12.126 1.00 56.26  ? 41  GLU A OE1 1 
ATOM   348  O  OE2 . GLU A 1 42  ? 9.017   -0.176  -13.135 1.00 56.28  ? 41  GLU A OE2 1 
ATOM   349  N  N   . LYS A 1 43  ? 12.439  -0.737  -12.611 1.00 80.27  ? 42  LYS A N   1 
ATOM   350  C  CA  . LYS A 1 43  ? 13.282  0.193   -13.403 1.00 92.09  ? 42  LYS A CA  1 
ATOM   351  C  C   . LYS A 1 43  ? 12.450  1.402   -13.835 1.00 92.57  ? 42  LYS A C   1 
ATOM   352  O  O   . LYS A 1 43  ? 12.900  2.547   -13.609 1.00 99.41  ? 42  LYS A O   1 
ATOM   353  C  CB  . LYS A 1 43  ? 13.821  -0.531  -14.644 1.00 102.65 ? 42  LYS A CB  1 
ATOM   354  C  CG  . LYS A 1 43  ? 14.697  -1.744  -14.360 1.00 114.38 ? 42  LYS A CG  1 
ATOM   355  C  CD  . LYS A 1 43  ? 15.702  -1.510  -13.243 1.00 114.87 ? 42  LYS A CD  1 
ATOM   356  C  CE  . LYS A 1 43  ? 16.803  -2.547  -13.201 1.00 114.12 ? 42  LYS A CE  1 
ATOM   357  N  NZ  . LYS A 1 43  ? 17.928  -2.099  -12.347 1.00 121.72 ? 42  LYS A NZ  1 
ATOM   358  N  N   . GLN A 1 44  ? 11.283  1.146   -14.432 1.00 87.44  ? 43  GLN A N   1 
ATOM   359  C  CA  . GLN A 1 44  ? 10.463  2.154   -15.157 1.00 83.78  ? 43  GLN A CA  1 
ATOM   360  C  C   . GLN A 1 44  ? 9.871   3.168   -14.154 1.00 79.08  ? 43  GLN A C   1 
ATOM   361  O  O   . GLN A 1 44  ? 10.285  4.345   -14.191 1.00 79.43  ? 43  GLN A O   1 
ATOM   362  C  CB  . GLN A 1 44  ? 9.382   1.469   -16.013 1.00 94.15  ? 43  GLN A CB  1 
ATOM   363  C  CG  . GLN A 1 44  ? 9.842   0.228   -16.783 1.00 107.97 ? 43  GLN A CG  1 
ATOM   364  C  CD  . GLN A 1 44  ? 11.087  0.435   -17.615 1.00 125.12 ? 43  GLN A CD  1 
ATOM   365  O  OE1 . GLN A 1 44  ? 11.151  1.318   -18.466 1.00 138.96 ? 43  GLN A OE1 1 
ATOM   366  N  NE2 . GLN A 1 44  ? 12.089  -0.401  -17.392 1.00 135.06 ? 43  GLN A NE2 1 
ATOM   367  N  N   . LEU A 1 45  ? 8.955   2.746   -13.274 1.00 67.84  ? 44  LEU A N   1 
ATOM   368  C  CA  . LEU A 1 45  ? 8.125   3.662   -12.447 1.00 61.11  ? 44  LEU A CA  1 
ATOM   369  C  C   . LEU A 1 45  ? 9.004   4.347   -11.404 1.00 58.05  ? 44  LEU A C   1 
ATOM   370  O  O   . LEU A 1 45  ? 9.957   3.767   -10.897 1.00 59.83  ? 44  LEU A O   1 
ATOM   371  C  CB  . LEU A 1 45  ? 7.004   2.880   -11.746 1.00 64.86  ? 44  LEU A CB  1 
ATOM   372  C  CG  . LEU A 1 45  ? 6.023   2.128   -12.639 1.00 64.36  ? 44  LEU A CG  1 
ATOM   373  C  CD1 . LEU A 1 45  ? 5.177   1.182   -11.809 1.00 64.02  ? 44  LEU A CD1 1 
ATOM   374  C  CD2 . LEU A 1 45  ? 5.145   3.074   -13.441 1.00 58.38  ? 44  LEU A CD2 1 
ATOM   375  N  N   . PRO A 1 46  ? 8.671   5.593   -11.011 1.00 53.02  ? 45  PRO A N   1 
ATOM   376  C  CA  . PRO A 1 46  ? 9.386   6.280   -9.941  1.00 56.89  ? 45  PRO A CA  1 
ATOM   377  C  C   . PRO A 1 46  ? 9.134   5.720   -8.536  1.00 59.76  ? 45  PRO A C   1 
ATOM   378  O  O   . PRO A 1 46  ? 8.186   5.000   -8.342  1.00 58.43  ? 45  PRO A O   1 
ATOM   379  C  CB  . PRO A 1 46  ? 8.872   7.727   -9.961  1.00 54.28  ? 45  PRO A CB  1 
ATOM   380  C  CG  . PRO A 1 46  ? 7.723   7.767   -10.953 1.00 54.87  ? 45  PRO A CG  1 
ATOM   381  C  CD  . PRO A 1 46  ? 7.611   6.406   -11.610 1.00 55.90  ? 45  PRO A CD  1 
ATOM   382  N  N   . VAL A 1 47  ? 9.976   6.122   -7.585  1.00 64.39  ? 46  VAL A N   1 
ATOM   383  C  CA  . VAL A 1 47  ? 9.705   5.966   -6.130  1.00 64.98  ? 46  VAL A CA  1 
ATOM   384  C  C   . VAL A 1 47  ? 8.772   7.094   -5.683  1.00 65.02  ? 46  VAL A C   1 
ATOM   385  O  O   . VAL A 1 47  ? 8.857   8.213   -6.233  1.00 60.26  ? 46  VAL A O   1 
ATOM   386  C  CB  . VAL A 1 47  ? 10.979  5.940   -5.268  1.00 65.92  ? 46  VAL A CB  1 
ATOM   387  C  CG1 . VAL A 1 47  ? 11.872  4.770   -5.647  1.00 62.44  ? 46  VAL A CG1 1 
ATOM   388  C  CG2 . VAL A 1 47  ? 11.733  7.261   -5.306  1.00 72.49  ? 46  VAL A CG2 1 
ATOM   389  N  N   . LEU A 1 48  ? 7.934   6.783   -4.697  1.00 57.17  ? 47  LEU A N   1 
ATOM   390  C  CA  . LEU A 1 48  ? 7.006   7.727   -4.033  1.00 60.21  ? 47  LEU A CA  1 
ATOM   391  C  C   . LEU A 1 48  ? 7.806   8.691   -3.165  1.00 59.11  ? 47  LEU A C   1 
ATOM   392  O  O   . LEU A 1 48  ? 8.952   8.387   -2.810  1.00 59.31  ? 47  LEU A O   1 
ATOM   393  C  CB  . LEU A 1 48  ? 6.021   6.938   -3.165  1.00 61.01  ? 47  LEU A CB  1 
ATOM   394  C  CG  . LEU A 1 48  ? 4.960   6.138   -3.922  1.00 61.69  ? 47  LEU A CG  1 
ATOM   395  C  CD1 . LEU A 1 48  ? 4.331   5.099   -3.007  1.00 63.83  ? 47  LEU A CD1 1 
ATOM   396  C  CD2 . LEU A 1 48  ? 3.897   7.062   -4.486  1.00 57.55  ? 47  LEU A CD2 1 
ATOM   397  N  N   . ASP A 1 49  ? 7.155   9.788   -2.807  1.00 58.75  ? 48  ASP A N   1 
ATOM   398  C  CA  . ASP A 1 49  ? 7.668   10.847  -1.910  1.00 57.78  ? 48  ASP A CA  1 
ATOM   399  C  C   . ASP A 1 49  ? 7.651   10.340  -0.460  1.00 62.70  ? 48  ASP A C   1 
ATOM   400  O  O   . ASP A 1 49  ? 8.314   10.973  0.401   1.00 56.22  ? 48  ASP A O   1 
ATOM   401  C  CB  . ASP A 1 49  ? 6.804   12.085  -2.124  1.00 62.67  ? 48  ASP A CB  1 
ATOM   402  C  CG  . ASP A 1 49  ? 5.316   11.796  -1.928  1.00 67.78  ? 48  ASP A CG  1 
ATOM   403  O  OD1 . ASP A 1 49  ? 4.834   12.040  -0.804  1.00 65.18  ? 48  ASP A OD1 1 
ATOM   404  O  OD2 . ASP A 1 49  ? 4.635   11.353  -2.906  1.00 61.47  ? 48  ASP A OD2 1 
ATOM   405  N  N   . LYS A 1 50  ? 6.882   9.279   -0.168  1.00 56.24  ? 49  LYS A N   1 
ATOM   406  C  CA  . LYS A 1 50  ? 6.814   8.684   1.190   1.00 53.22  ? 49  LYS A CA  1 
ATOM   407  C  C   . LYS A 1 50  ? 6.402   7.210   1.062   1.00 49.48  ? 49  LYS A C   1 
ATOM   408  O  O   . LYS A 1 50  ? 6.181   6.734   -0.082  1.00 50.04  ? 49  LYS A O   1 
ATOM   409  C  CB  . LYS A 1 50  ? 5.950   9.556   2.115   1.00 55.59  ? 49  LYS A CB  1 
ATOM   410  C  CG  . LYS A 1 50  ? 4.439   9.413   2.014   1.00 56.42  ? 49  LYS A CG  1 
ATOM   411  C  CD  . LYS A 1 50  ? 3.679   10.409  2.878   1.00 60.28  ? 49  LYS A CD  1 
ATOM   412  C  CE  . LYS A 1 50  ? 2.174   10.272  2.721   1.00 67.26  ? 49  LYS A CE  1 
ATOM   413  N  NZ  . LYS A 1 50  ? 1.436   10.945  3.816   1.00 66.53  ? 49  LYS A NZ  1 
ATOM   414  N  N   A THR A 1 51  ? 6.317   6.492   2.187   0.06 49.17  ? 50  THR A N   1 
ATOM   415  N  N   B THR A 1 51  ? 6.325   6.524   2.209   0.45 49.51  ? 50  THR A N   1 
ATOM   416  C  CA  A THR A 1 51  ? 5.990   5.037   2.226   0.06 48.83  ? 50  THR A CA  1 
ATOM   417  C  CA  B THR A 1 51  ? 6.086   5.057   2.343   0.45 52.64  ? 50  THR A CA  1 
ATOM   418  C  C   A THR A 1 51  ? 4.709   4.782   3.036   0.06 47.89  ? 50  THR A C   1 
ATOM   419  C  C   B THR A 1 51  ? 4.749   4.784   3.051   0.45 48.43  ? 50  THR A C   1 
ATOM   420  O  O   A THR A 1 51  ? 3.951   3.877   2.632   0.06 47.83  ? 50  THR A O   1 
ATOM   421  O  O   B THR A 1 51  ? 4.015   3.859   2.619   0.45 47.76  ? 50  THR A O   1 
ATOM   422  C  CB  A THR A 1 51  ? 7.186   4.218   2.730   0.06 48.56  ? 50  THR A CB  1 
ATOM   423  C  CB  B THR A 1 51  ? 7.242   4.392   3.103   0.45 53.22  ? 50  THR A CB  1 
ATOM   424  O  OG1 A THR A 1 51  ? 6.814   2.839   2.741   0.06 48.56  ? 50  THR A OG1 1 
ATOM   425  O  OG1 B THR A 1 51  ? 8.441   4.589   2.356   0.45 60.11  ? 50  THR A OG1 1 
ATOM   426  C  CG2 A THR A 1 51  ? 7.656   4.631   4.107   0.06 48.56  ? 50  THR A CG2 1 
ATOM   427  C  CG2 B THR A 1 51  ? 7.043   2.909   3.319   0.45 53.13  ? 50  THR A CG2 1 
ATOM   428  N  N   . LYS A 1 52  ? 4.465   5.538   4.115   1.00 47.91  ? 51  LYS A N   1 
ATOM   429  C  CA  . LYS A 1 52  ? 3.286   5.327   4.993   1.00 44.79  ? 51  LYS A CA  1 
ATOM   430  C  C   . LYS A 1 52  ? 2.143   6.310   4.655   1.00 49.71  ? 51  LYS A C   1 
ATOM   431  O  O   . LYS A 1 52  ? 2.351   7.539   4.762   1.00 44.28  ? 51  LYS A O   1 
ATOM   432  C  CB  . LYS A 1 52  ? 3.782   5.448   6.428   1.00 43.78  ? 51  LYS A CB  1 
ATOM   433  C  CG  . LYS A 1 52  ? 2.748   5.115   7.481   1.00 49.60  ? 51  LYS A CG  1 
ATOM   434  C  CD  . LYS A 1 52  ? 3.291   5.318   8.855   1.00 55.72  ? 51  LYS A CD  1 
ATOM   435  C  CE  . LYS A 1 52  ? 3.609   6.764   9.172   1.00 57.42  ? 51  LYS A CE  1 
ATOM   436  N  NZ  . LYS A 1 52  ? 3.409   7.023   10.614  1.00 59.50  ? 51  LYS A NZ  1 
ATOM   437  N  N   . PHE A 1 53  ? 0.970   5.767   4.296   1.00 44.17  ? 52  PHE A N   1 
ATOM   438  C  CA  . PHE A 1 53  ? -0.238  6.497   3.845   1.00 39.32  ? 52  PHE A CA  1 
ATOM   439  C  C   . PHE A 1 53  ? -1.424  6.178   4.755   1.00 43.50  ? 52  PHE A C   1 
ATOM   440  O  O   . PHE A 1 53  ? -1.596  4.998   5.156   1.00 39.27  ? 52  PHE A O   1 
ATOM   441  C  CB  . PHE A 1 53  ? -0.543  6.100   2.403   1.00 41.96  ? 52  PHE A CB  1 
ATOM   442  C  CG  . PHE A 1 53  ? 0.528   6.578   1.460   1.00 43.71  ? 52  PHE A CG  1 
ATOM   443  C  CD1 . PHE A 1 53  ? 1.639   5.792   1.195   1.00 42.95  ? 52  PHE A CD1 1 
ATOM   444  C  CD2 . PHE A 1 53  ? 0.468   7.849   0.915   1.00 47.47  ? 52  PHE A CD2 1 
ATOM   445  C  CE1 . PHE A 1 53  ? 2.646   6.247   0.352   1.00 44.50  ? 52  PHE A CE1 1 
ATOM   446  C  CE2 . PHE A 1 53  ? 1.473   8.305   0.067   1.00 50.23  ? 52  PHE A CE2 1 
ATOM   447  C  CZ  . PHE A 1 53  ? 2.569   7.504   -0.196  1.00 43.20  ? 52  PHE A CZ  1 
ATOM   448  N  N   . LEU A 1 54  ? -2.260  7.182   5.031   1.00 42.64  ? 53  LEU A N   1 
ATOM   449  C  CA  . LEU A 1 54  ? -3.539  6.984   5.757   1.00 42.98  ? 53  LEU A CA  1 
ATOM   450  C  C   . LEU A 1 54  ? -4.678  7.032   4.734   1.00 38.42  ? 53  LEU A C   1 
ATOM   451  O  O   . LEU A 1 54  ? -5.091  8.117   4.340   1.00 39.38  ? 53  LEU A O   1 
ATOM   452  C  CB  . LEU A 1 54  ? -3.667  8.040   6.864   1.00 42.59  ? 53  LEU A CB  1 
ATOM   453  C  CG  . LEU A 1 54  ? -2.544  8.058   7.904   1.00 46.10  ? 53  LEU A CG  1 
ATOM   454  C  CD1 . LEU A 1 54  ? -2.922  8.905   9.103   1.00 51.68  ? 53  LEU A CD1 1 
ATOM   455  C  CD2 . LEU A 1 54  ? -2.166  6.672   8.373   1.00 46.24  ? 53  LEU A CD2 1 
ATOM   456  N  N   . VAL A 1 55  ? -5.205  5.883   4.326   1.00 38.10  ? 54  VAL A N   1 
ATOM   457  C  CA  . VAL A 1 55  ? -6.239  5.808   3.247   1.00 36.17  ? 54  VAL A CA  1 
ATOM   458  C  C   . VAL A 1 55  ? -7.626  5.816   3.884   1.00 38.28  ? 54  VAL A C   1 
ATOM   459  O  O   . VAL A 1 55  ? -7.901  5.017   4.763   1.00 42.77  ? 54  VAL A O   1 
ATOM   460  C  CB  . VAL A 1 55  ? -5.991  4.581   2.342   1.00 36.70  ? 54  VAL A CB  1 
ATOM   461  C  CG1 . VAL A 1 55  ? -6.891  4.557   1.128   1.00 34.73  ? 54  VAL A CG1 1 
ATOM   462  C  CG2 . VAL A 1 55  ? -4.539  4.522   1.915   1.00 44.71  ? 54  VAL A CG2 1 
ATOM   463  N  N   . PRO A 1 56  ? -8.548  6.717   3.455   1.00 43.29  ? 55  PRO A N   1 
ATOM   464  C  CA  . PRO A 1 56  ? -9.953  6.666   3.872   1.00 40.86  ? 55  PRO A CA  1 
ATOM   465  C  C   . PRO A 1 56  ? -10.563 5.280   3.683   1.00 38.29  ? 55  PRO A C   1 
ATOM   466  O  O   . PRO A 1 56  ? -10.460 4.762   2.574   1.00 35.01  ? 55  PRO A O   1 
ATOM   467  C  CB  . PRO A 1 56  ? -10.677 7.665   2.939   1.00 37.27  ? 55  PRO A CB  1 
ATOM   468  C  CG  . PRO A 1 56  ? -9.569  8.643   2.544   1.00 42.39  ? 55  PRO A CG  1 
ATOM   469  C  CD  . PRO A 1 56  ? -8.285  7.841   2.540   1.00 40.66  ? 55  PRO A CD  1 
ATOM   470  N  N   . ASP A 1 57  ? -11.196 4.726   4.739   1.00 39.49  ? 56  ASP A N   1 
ATOM   471  C  CA  . ASP A 1 57  ? -11.568 3.282   4.790   1.00 37.56  ? 56  ASP A CA  1 
ATOM   472  C  C   . ASP A 1 57  ? -12.724 2.934   3.818   1.00 37.59  ? 56  ASP A C   1 
ATOM   473  O  O   . ASP A 1 57  ? -12.990 1.725   3.623   1.00 37.58  ? 56  ASP A O   1 
ATOM   474  C  CB  . ASP A 1 57  ? -11.814 2.816   6.217   1.00 37.74  ? 56  ASP A CB  1 
ATOM   475  C  CG  . ASP A 1 57  ? -13.180 3.168   6.778   1.00 41.13  ? 56  ASP A CG  1 
ATOM   476  O  OD1 . ASP A 1 57  ? -13.798 4.087   6.240   1.00 39.71  ? 56  ASP A OD1 1 
ATOM   477  O  OD2 . ASP A 1 57  ? -13.607 2.486   7.737   1.00 40.52  ? 56  ASP A OD2 1 
ATOM   478  N  N   . HIS A 1 58  ? -13.357 3.917   3.197   1.00 39.32  ? 57  HIS A N   1 
ATOM   479  C  CA  . HIS A 1 58  ? -14.500 3.729   2.264   1.00 42.57  ? 57  HIS A CA  1 
ATOM   480  C  C   . HIS A 1 58  ? -14.027 3.615   0.816   1.00 40.20  ? 57  HIS A C   1 
ATOM   481  O  O   . HIS A 1 58  ? -14.862 3.212   -0.036  1.00 41.87  ? 57  HIS A O   1 
ATOM   482  C  CB  . HIS A 1 58  ? -15.513 4.889   2.368   1.00 43.50  ? 57  HIS A CB  1 
ATOM   483  C  CG  . HIS A 1 58  ? -14.964 6.201   1.930   1.00 44.58  ? 57  HIS A CG  1 
ATOM   484  N  ND1 . HIS A 1 58  ? -15.036 6.639   0.612   1.00 46.70  ? 57  HIS A ND1 1 
ATOM   485  C  CD2 . HIS A 1 58  ? -14.325 7.169   2.625   1.00 45.77  ? 57  HIS A CD2 1 
ATOM   486  C  CE1 . HIS A 1 58  ? -14.457 7.825   0.518   1.00 50.70  ? 57  HIS A CE1 1 
ATOM   487  N  NE2 . HIS A 1 58  ? -14.013 8.171   1.745   1.00 48.70  ? 57  HIS A NE2 1 
ATOM   488  N  N   . VAL A 1 59  ? -12.777 3.956   0.479   1.00 38.71  ? 58  VAL A N   1 
ATOM   489  C  CA  . VAL A 1 59  ? -12.377 3.883   -0.964  1.00 40.39  ? 58  VAL A CA  1 
ATOM   490  C  C   . VAL A 1 59  ? -12.179 2.408   -1.354  1.00 38.79  ? 58  VAL A C   1 
ATOM   491  O  O   . VAL A 1 59  ? -11.639 1.660   -0.570  1.00 42.35  ? 58  VAL A O   1 
ATOM   492  C  CB  . VAL A 1 59  ? -11.152 4.753   -1.316  1.00 45.02  ? 58  VAL A CB  1 
ATOM   493  C  CG1 . VAL A 1 59  ? -11.318 6.195   -0.837  1.00 42.11  ? 58  VAL A CG1 1 
ATOM   494  C  CG2 . VAL A 1 59  ? -9.879  4.130   -0.789  1.00 47.92  ? 58  VAL A CG2 1 
ATOM   495  N  N   . ASN A 1 60  ? -12.564 2.004   -2.559  1.00 40.99  ? 59  ASN A N   1 
ATOM   496  C  CA  . ASN A 1 60  ? -12.312 0.618   -3.032  1.00 43.04  ? 59  ASN A CA  1 
ATOM   497  C  C   . ASN A 1 60  ? -10.959 0.546   -3.753  1.00 45.50  ? 59  ASN A C   1 
ATOM   498  O  O   . ASN A 1 60  ? -10.302 1.620   -3.930  1.00 33.67  ? 59  ASN A O   1 
ATOM   499  C  CB  . ASN A 1 60  ? -13.505 0.108   -3.835  1.00 46.26  ? 59  ASN A CB  1 
ATOM   500  C  CG  . ASN A 1 60  ? -13.635 0.776   -5.178  1.00 44.78  ? 59  ASN A CG  1 
ATOM   501  O  OD1 . ASN A 1 60  ? -12.651 1.239   -5.752  1.00 51.89  ? 59  ASN A OD1 1 
ATOM   502  N  ND2 . ASN A 1 60  ? -14.836 0.751   -5.714  1.00 47.36  ? 59  ASN A ND2 1 
ATOM   503  N  N   . MET A 1 61  ? -10.480 -0.670  -4.064  1.00 41.50  ? 60  MET A N   1 
ATOM   504  C  CA  . MET A 1 61  ? -9.087  -0.846  -4.549  1.00 44.63  ? 60  MET A CA  1 
ATOM   505  C  C   . MET A 1 61  ? -8.880  -0.146  -5.904  1.00 42.43  ? 60  MET A C   1 
ATOM   506  O  O   . MET A 1 61  ? -7.767  0.345   -6.168  1.00 38.92  ? 60  MET A O   1 
ATOM   507  C  CB  . MET A 1 61  ? -8.693  -2.327  -4.632  1.00 51.11  ? 60  MET A CB  1 
ATOM   508  C  CG  . MET A 1 61  ? -8.567  -2.995  -3.264  1.00 51.65  ? 60  MET A CG  1 
ATOM   509  S  SD  . MET A 1 61  ? -7.541  -2.087  -2.069  1.00 56.70  ? 60  MET A SD  1 
ATOM   510  C  CE  . MET A 1 61  ? -5.940  -2.186  -2.856  1.00 52.12  ? 60  MET A CE  1 
ATOM   511  N  N   A SER A 1 62  ? -9.925  -0.105  -6.734  0.47 40.33  ? 61  SER A N   1 
ATOM   512  N  N   B SER A 1 62  ? -9.930  -0.105  -6.734  0.04 41.16  ? 61  SER A N   1 
ATOM   513  C  CA  A SER A 1 62  ? -9.916  0.558   -8.057  0.47 43.65  ? 61  SER A CA  1 
ATOM   514  C  CA  B SER A 1 62  ? -9.945  0.559   -8.063  0.04 40.91  ? 61  SER A CA  1 
ATOM   515  C  C   A SER A 1 62  ? -9.589  2.046   -7.886  0.47 42.29  ? 61  SER A C   1 
ATOM   516  C  C   B SER A 1 62  ? -9.614  2.049   -7.903  0.04 40.75  ? 61  SER A C   1 
ATOM   517  O  O   A SER A 1 62  ? -8.745  2.548   -8.635  0.47 40.84  ? 61  SER A O   1 
ATOM   518  O  O   B SER A 1 62  ? -8.804  2.559   -8.699  0.04 40.73  ? 61  SER A O   1 
ATOM   519  C  CB  A SER A 1 62  ? -11.222 0.370   -8.757  0.47 48.41  ? 61  SER A CB  1 
ATOM   520  C  CB  B SER A 1 62  ? -11.268 0.360   -8.760  0.04 40.82  ? 61  SER A CB  1 
ATOM   521  O  OG  A SER A 1 62  ? -11.175 1.000   -10.023 0.47 55.10  ? 61  SER A OG  1 
ATOM   522  O  OG  B SER A 1 62  ? -12.258 1.231   -8.236  0.04 40.15  ? 61  SER A OG  1 
ATOM   523  N  N   . GLU A 1 63  ? -10.209 2.710   -6.905  1.00 39.98  ? 62  GLU A N   1 
ATOM   524  C  CA  . GLU A 1 63  ? -9.933  4.151   -6.625  1.00 41.17  ? 62  GLU A CA  1 
ATOM   525  C  C   . GLU A 1 63  ? -8.545  4.296   -5.987  1.00 38.57  ? 62  GLU A C   1 
ATOM   526  O  O   . GLU A 1 63  ? -7.899  5.282   -6.270  1.00 33.18  ? 62  GLU A O   1 
ATOM   527  C  CB  . GLU A 1 63  ? -11.053 4.778   -5.794  1.00 39.27  ? 62  GLU A CB  1 
ATOM   528  C  CG  . GLU A 1 63  ? -10.743 6.176   -5.308  1.00 38.95  ? 62  GLU A CG  1 
ATOM   529  C  CD  . GLU A 1 63  ? -10.511 7.199   -6.409  1.00 39.34  ? 62  GLU A CD  1 
ATOM   530  O  OE1 . GLU A 1 63  ? -10.908 6.929   -7.576  1.00 37.50  ? 62  GLU A OE1 1 
ATOM   531  O  OE2 . GLU A 1 63  ? -9.946  8.268   -6.106  1.00 37.22  ? 62  GLU A OE2 1 
ATOM   532  N  N   . LEU A 1 64  ? -8.078  3.380   -5.137  1.00 41.92  ? 63  LEU A N   1 
ATOM   533  C  CA  . LEU A 1 64  ? -6.708  3.504   -4.572  1.00 41.71  ? 63  LEU A CA  1 
ATOM   534  C  C   . LEU A 1 64  ? -5.648  3.398   -5.683  1.00 40.14  ? 63  LEU A C   1 
ATOM   535  O  O   . LEU A 1 64  ? -4.589  4.050   -5.562  1.00 41.00  ? 63  LEU A O   1 
ATOM   536  C  CB  . LEU A 1 64  ? -6.413  2.461   -3.496  1.00 43.96  ? 63  LEU A CB  1 
ATOM   537  C  CG  . LEU A 1 64  ? -5.026  2.590   -2.858  1.00 45.19  ? 63  LEU A CG  1 
ATOM   538  C  CD1 . LEU A 1 64  ? -4.780  4.013   -2.355  1.00 48.73  ? 63  LEU A CD1 1 
ATOM   539  C  CD2 . LEU A 1 64  ? -4.834  1.589   -1.730  1.00 46.89  ? 63  LEU A CD2 1 
ATOM   540  N  N   . ILE A 1 65  ? -5.864  2.580   -6.694  1.00 44.46  ? 64  ILE A N   1 
ATOM   541  C  CA  . ILE A 1 65  ? -4.930  2.488   -7.860  1.00 45.51  ? 64  ILE A CA  1 
ATOM   542  C  C   . ILE A 1 65  ? -4.920  3.847   -8.570  1.00 42.10  ? 64  ILE A C   1 
ATOM   543  O  O   . ILE A 1 65  ? -3.825  4.322   -8.927  1.00 42.73  ? 64  ILE A O   1 
ATOM   544  C  CB  . ILE A 1 65  ? -5.313  1.315   -8.792  1.00 46.30  ? 64  ILE A CB  1 
ATOM   545  C  CG1 . ILE A 1 65  ? -5.008  -0.045  -8.139  1.00 48.42  ? 64  ILE A CG1 1 
ATOM   546  C  CG2 . ILE A 1 65  ? -4.641  1.457   -10.159 1.00 50.17  ? 64  ILE A CG2 1 
ATOM   547  C  CD1 . ILE A 1 65  ? -5.708  -1.239  -8.776  1.00 47.14  ? 64  ILE A CD1 1 
ATOM   548  N  N   . LYS A 1 66  ? -6.091  4.470   -8.755  1.00 44.33  ? 65  LYS A N   1 
ATOM   549  C  CA  . LYS A 1 66  ? -6.219  5.800   -9.422  1.00 41.78  ? 65  LYS A CA  1 
ATOM   550  C  C   . LYS A 1 66  ? -5.411  6.837   -8.646  1.00 44.18  ? 65  LYS A C   1 
ATOM   551  O  O   . LYS A 1 66  ? -4.644  7.600   -9.255  1.00 42.40  ? 65  LYS A O   1 
ATOM   552  C  CB  . LYS A 1 66  ? -7.694  6.157   -9.545  1.00 46.23  ? 65  LYS A CB  1 
ATOM   553  C  CG  . LYS A 1 66  ? -8.319  5.512   -10.768 1.00 44.17  ? 65  LYS A CG  1 
ATOM   554  C  CD  . LYS A 1 66  ? -9.770  5.812   -10.986 1.00 49.93  ? 65  LYS A CD  1 
ATOM   555  C  CE  . LYS A 1 66  ? -10.393 4.803   -11.936 1.00 52.82  ? 65  LYS A CE  1 
ATOM   556  N  NZ  . LYS A 1 66  ? -11.409 3.967   -11.256 1.00 64.26  ? 65  LYS A NZ  1 
ATOM   557  N  N   . ILE A 1 67  ? -5.544  6.809   -7.332  1.00 39.22  ? 66  ILE A N   1 
ATOM   558  C  CA  . ILE A 1 67  ? -4.818  7.709   -6.390  1.00 39.70  ? 66  ILE A CA  1 
ATOM   559  C  C   . ILE A 1 67  ? -3.289  7.538   -6.523  1.00 40.50  ? 66  ILE A C   1 
ATOM   560  O  O   . ILE A 1 67  ? -2.593  8.541   -6.601  1.00 38.44  ? 66  ILE A O   1 
ATOM   561  C  CB  . ILE A 1 67  ? -5.310  7.458   -4.952  1.00 36.47  ? 66  ILE A CB  1 
ATOM   562  C  CG1 . ILE A 1 67  ? -6.766  7.872   -4.741  1.00 38.17  ? 66  ILE A CG1 1 
ATOM   563  C  CG2 . ILE A 1 67  ? -4.395  8.099   -3.935  1.00 39.57  ? 66  ILE A CG2 1 
ATOM   564  C  CD1 . ILE A 1 67  ? -7.363  7.375   -3.415  1.00 38.39  ? 66  ILE A CD1 1 
ATOM   565  N  N   A ILE A 1 68  ? -2.779  6.303   -6.517  0.13 42.19  ? 67  ILE A N   1 
ATOM   566  N  N   B ILE A 1 68  ? -2.796  6.294   -6.501  0.31 41.50  ? 67  ILE A N   1 
ATOM   567  C  CA  A ILE A 1 68  ? -1.306  6.042   -6.537  0.13 43.57  ? 67  ILE A CA  1 
ATOM   568  C  CA  B ILE A 1 68  ? -1.332  5.989   -6.546  0.31 42.10  ? 67  ILE A CA  1 
ATOM   569  C  C   A ILE A 1 68  ? -0.745  6.389   -7.924  0.13 44.84  ? 67  ILE A C   1 
ATOM   570  C  C   B ILE A 1 68  ? -0.782  6.433   -7.908  0.31 45.04  ? 67  ILE A C   1 
ATOM   571  O  O   A ILE A 1 68  ? 0.386   6.911   -7.971  0.13 46.86  ? 67  ILE A O   1 
ATOM   572  O  O   B ILE A 1 68  ? 0.292   7.069   -7.923  0.31 48.81  ? 67  ILE A O   1 
ATOM   573  C  CB  A ILE A 1 68  ? -0.966  4.604   -6.097  0.13 44.95  ? 67  ILE A CB  1 
ATOM   574  C  CB  B ILE A 1 68  ? -1.022  4.505   -6.267  0.31 43.22  ? 67  ILE A CB  1 
ATOM   575  C  CG1 A ILE A 1 68  ? -1.371  4.345   -4.643  0.13 45.61  ? 67  ILE A CG1 1 
ATOM   576  C  CG1 B ILE A 1 68  ? -1.507  4.047   -4.888  0.31 42.00  ? 67  ILE A CG1 1 
ATOM   577  C  CG2 A ILE A 1 68  ? 0.512   4.306   -6.320  0.13 45.47  ? 67  ILE A CG2 1 
ATOM   578  C  CG2 B ILE A 1 68  ? 0.470   4.248   -6.435  0.31 44.54  ? 67  ILE A CG2 1 
ATOM   579  C  CD1 A ILE A 1 68  ? -0.804  5.340   -3.653  0.13 45.44  ? 67  ILE A CD1 1 
ATOM   580  C  CD1 B ILE A 1 68  ? -1.693  2.554   -4.761  0.31 40.04  ? 67  ILE A CD1 1 
ATOM   581  N  N   . ARG A 1 69  ? -1.498  6.136   -9.001  1.00 44.44  ? 68  ARG A N   1 
ATOM   582  C  CA  . ARG A 1 69  ? -1.108  6.596   -10.372 1.00 44.25  ? 68  ARG A CA  1 
ATOM   583  C  C   . ARG A 1 69  ? -1.006  8.124   -10.379 1.00 44.84  ? 68  ARG A C   1 
ATOM   584  O  O   . ARG A 1 69  ? -0.043  8.659   -10.952 1.00 49.76  ? 68  ARG A O   1 
ATOM   585  C  CB  . ARG A 1 69  ? -2.069  6.117   -11.473 1.00 38.80  ? 68  ARG A CB  1 
ATOM   586  C  CG  . ARG A 1 69  ? -2.056  4.611   -11.735 1.00 41.80  ? 68  ARG A CG  1 
ATOM   587  C  CD  . ARG A 1 69  ? -3.056  4.190   -12.813 1.00 42.48  ? 68  ARG A CD  1 
ATOM   588  N  NE  . ARG A 1 69  ? -2.629  4.796   -14.077 1.00 48.73  ? 68  ARG A NE  1 
ATOM   589  C  CZ  . ARG A 1 69  ? -1.761  4.266   -14.959 1.00 56.47  ? 68  ARG A CZ  1 
ATOM   590  N  NH1 . ARG A 1 69  ? -1.232  3.060   -14.773 1.00 50.05  ? 68  ARG A NH1 1 
ATOM   591  N  NH2 . ARG A 1 69  ? -1.443  4.952   -16.048 1.00 55.88  ? 68  ARG A NH2 1 
ATOM   592  N  N   . ARG A 1 70  ? -1.950  8.821   -9.753  1.00 41.17  ? 69  ARG A N   1 
ATOM   593  C  CA  . ARG A 1 70  ? -1.918  10.301  -9.665  1.00 40.47  ? 69  ARG A CA  1 
ATOM   594  C  C   . ARG A 1 70  ? -0.721  10.753  -8.820  1.00 40.33  ? 69  ARG A C   1 
ATOM   595  O  O   . ARG A 1 70  ? -0.074  11.722  -9.201  1.00 44.39  ? 69  ARG A O   1 
ATOM   596  C  CB  . ARG A 1 70  ? -3.240  10.851  -9.123  1.00 40.44  ? 69  ARG A CB  1 
ATOM   597  C  CG  . ARG A 1 70  ? -4.337  10.928  -10.183 1.00 41.57  ? 69  ARG A CG  1 
ATOM   598  C  CD  . ARG A 1 70  ? -5.542  11.776  -9.771  1.00 38.86  ? 69  ARG A CD  1 
ATOM   599  N  NE  . ARG A 1 70  ? -6.324  11.311  -8.616  1.00 37.35  ? 69  ARG A NE  1 
ATOM   600  C  CZ  . ARG A 1 70  ? -7.445  10.584  -8.653  1.00 36.80  ? 69  ARG A CZ  1 
ATOM   601  N  NH1 . ARG A 1 70  ? -7.903  10.101  -9.801  1.00 37.33  ? 69  ARG A NH1 1 
ATOM   602  N  NH2 . ARG A 1 70  ? -8.068  10.259  -7.523  1.00 32.67  ? 69  ARG A NH2 1 
ATOM   603  N  N   . ARG A 1 71  ? -0.422  10.070  -7.717  1.00 42.98  ? 70  ARG A N   1 
ATOM   604  C  CA  . ARG A 1 71  ? 0.697   10.457  -6.826  1.00 43.85  ? 70  ARG A CA  1 
ATOM   605  C  C   . ARG A 1 71  ? 2.039   10.245  -7.549  1.00 54.10  ? 70  ARG A C   1 
ATOM   606  O  O   . ARG A 1 71  ? 2.943   11.092  -7.335  1.00 56.80  ? 70  ARG A O   1 
ATOM   607  C  CB  . ARG A 1 71  ? 0.634   9.708   -5.503  1.00 45.37  ? 70  ARG A CB  1 
ATOM   608  C  CG  . ARG A 1 71  ? 1.648   10.208  -4.492  1.00 53.92  ? 70  ARG A CG  1 
ATOM   609  C  CD  . ARG A 1 71  ? 1.003   10.466  -3.160  1.00 62.25  ? 70  ARG A CD  1 
ATOM   610  N  NE  . ARG A 1 71  ? 1.814   11.233  -2.224  1.00 62.49  ? 70  ARG A NE  1 
ATOM   611  C  CZ  . ARG A 1 71  ? 1.311   11.880  -1.181  1.00 62.13  ? 70  ARG A CZ  1 
ATOM   612  N  NH1 . ARG A 1 71  ? -0.001  11.890  -0.989  1.00 54.25  ? 70  ARG A NH1 1 
ATOM   613  N  NH2 . ARG A 1 71  ? 2.117   12.540  -0.359  1.00 61.23  ? 70  ARG A NH2 1 
ATOM   614  N  N   . LEU A 1 72  ? 2.147   9.193   -8.375  1.00 54.50  ? 71  LEU A N   1 
ATOM   615  C  CA  . LEU A 1 72  ? 3.348   8.871   -9.206  1.00 55.24  ? 71  LEU A CA  1 
ATOM   616  C  C   . LEU A 1 72  ? 3.404   9.769   -10.454 1.00 55.88  ? 71  LEU A C   1 
ATOM   617  O  O   . LEU A 1 72  ? 4.451   9.752   -11.126 1.00 56.08  ? 71  LEU A O   1 
ATOM   618  C  CB  . LEU A 1 72  ? 3.311   7.399   -9.632  1.00 52.03  ? 71  LEU A CB  1 
ATOM   619  C  CG  . LEU A 1 72  ? 3.544   6.361   -8.532  1.00 54.24  ? 71  LEU A CG  1 
ATOM   620  C  CD1 . LEU A 1 72  ? 3.286   4.941   -9.040  1.00 49.75  ? 71  LEU A CD1 1 
ATOM   621  C  CD2 . LEU A 1 72  ? 4.934   6.481   -7.946  1.00 59.46  ? 71  LEU A CD2 1 
ATOM   622  N  N   . GLN A 1 73  ? 2.338   10.523  -10.749 1.00 61.74  ? 72  GLN A N   1 
ATOM   623  C  CA  . GLN A 1 73  ? 2.245   11.422  -11.926 1.00 59.70  ? 72  GLN A CA  1 
ATOM   624  C  C   . GLN A 1 73  ? 2.537   10.603  -13.192 1.00 63.12  ? 72  GLN A C   1 
ATOM   625  O  O   . GLN A 1 73  ? 3.432   11.006  -13.967 1.00 59.06  ? 72  GLN A O   1 
ATOM   626  C  CB  . GLN A 1 73  ? 3.209   12.603  -11.738 1.00 69.71  ? 72  GLN A CB  1 
ATOM   627  C  CG  . GLN A 1 73  ? 2.658   13.750  -10.899 1.00 78.64  ? 72  GLN A CG  1 
ATOM   628  C  CD  . GLN A 1 73  ? 1.475   14.481  -11.509 1.00 92.77  ? 72  GLN A CD  1 
ATOM   629  O  OE1 . GLN A 1 73  ? 1.594   15.606  -12.001 1.00 78.52  ? 72  GLN A OE1 1 
ATOM   630  N  NE2 . GLN A 1 73  ? 0.292   13.873  -11.440 1.00 101.50 ? 72  GLN A NE2 1 
ATOM   631  N  N   . LEU A 1 74  ? 1.856   9.463   -13.349 1.00 59.51  ? 73  LEU A N   1 
ATOM   632  C  CA  . LEU A 1 74  ? 1.903   8.571   -14.548 1.00 58.34  ? 73  LEU A CA  1 
ATOM   633  C  C   . LEU A 1 74  ? 1.090   9.170   -15.702 1.00 55.62  ? 73  LEU A C   1 
ATOM   634  O  O   . LEU A 1 74  ? 0.273   10.050  -15.460 1.00 56.24  ? 73  LEU A O   1 
ATOM   635  C  CB  . LEU A 1 74  ? 1.333   7.181   -14.198 1.00 53.98  ? 73  LEU A CB  1 
ATOM   636  C  CG  . LEU A 1 74  ? 2.041   6.384   -13.092 1.00 49.62  ? 73  LEU A CG  1 
ATOM   637  C  CD1 . LEU A 1 74  ? 1.627   4.925   -13.133 1.00 50.66  ? 73  LEU A CD1 1 
ATOM   638  C  CD2 . LEU A 1 74  ? 3.554   6.496   -13.189 1.00 55.96  ? 73  LEU A CD2 1 
ATOM   639  N  N   . ASN A 1 75  ? 1.261   8.637   -16.915 1.00 65.01  ? 74  ASN A N   1 
ATOM   640  C  CA  . ASN A 1 75  ? 0.397   8.947   -18.088 1.00 64.16  ? 74  ASN A CA  1 
ATOM   641  C  C   . ASN A 1 75  ? -0.334  7.669   -18.508 1.00 58.77  ? 74  ASN A C   1 
ATOM   642  O  O   . ASN A 1 75  ? -0.039  6.593   -17.935 1.00 54.99  ? 74  ASN A O   1 
ATOM   643  C  CB  . ASN A 1 75  ? 1.171   9.605   -19.236 1.00 73.23  ? 74  ASN A CB  1 
ATOM   644  C  CG  . ASN A 1 75  ? 2.391   8.810   -19.649 1.00 76.16  ? 74  ASN A CG  1 
ATOM   645  O  OD1 . ASN A 1 75  ? 2.277   7.672   -20.120 1.00 65.44  ? 74  ASN A OD1 1 
ATOM   646  N  ND2 . ASN A 1 75  ? 3.560   9.405   -19.458 1.00 74.33  ? 74  ASN A ND2 1 
ATOM   647  N  N   . ALA A 1 76  ? -1.251  7.804   -19.466 1.00 60.73  ? 75  ALA A N   1 
ATOM   648  C  CA  . ALA A 1 76  ? -2.317  6.830   -19.775 1.00 74.02  ? 75  ALA A CA  1 
ATOM   649  C  C   . ALA A 1 76  ? -1.722  5.466   -20.141 1.00 84.27  ? 75  ALA A C   1 
ATOM   650  O  O   . ALA A 1 76  ? -2.398  4.459   -19.885 1.00 90.34  ? 75  ALA A O   1 
ATOM   651  C  CB  . ALA A 1 76  ? -3.186  7.368   -20.886 1.00 77.77  ? 75  ALA A CB  1 
ATOM   652  N  N   . ASN A 1 77  ? -0.515  5.414   -20.711 1.00 89.73  ? 76  ASN A N   1 
ATOM   653  C  CA  . ASN A 1 77  ? 0.007   4.154   -21.309 1.00 102.69 ? 76  ASN A CA  1 
ATOM   654  C  C   . ASN A 1 77  ? 1.170   3.579   -20.486 1.00 97.50  ? 76  ASN A C   1 
ATOM   655  O  O   . ASN A 1 77  ? 1.766   2.592   -20.968 1.00 119.04 ? 76  ASN A O   1 
ATOM   656  C  CB  . ASN A 1 77  ? 0.373   4.345   -22.782 1.00 112.18 ? 76  ASN A CB  1 
ATOM   657  C  CG  . ASN A 1 77  ? 1.278   5.536   -22.998 1.00 118.39 ? 76  ASN A CG  1 
ATOM   658  O  OD1 . ASN A 1 77  ? 2.124   5.832   -22.156 1.00 122.71 ? 76  ASN A OD1 1 
ATOM   659  N  ND2 . ASN A 1 77  ? 1.092   6.232   -24.107 1.00 122.13 ? 76  ASN A ND2 1 
ATOM   660  N  N   . GLN A 1 78  ? 1.466   4.122   -19.294 1.00 79.60  ? 77  GLN A N   1 
ATOM   661  C  CA  . GLN A 1 78  ? 2.391   3.470   -18.320 1.00 68.87  ? 77  GLN A CA  1 
ATOM   662  C  C   . GLN A 1 78  ? 1.608   2.365   -17.613 1.00 66.94  ? 77  GLN A C   1 
ATOM   663  O  O   . GLN A 1 78  ? 0.458   2.624   -17.197 1.00 63.44  ? 77  GLN A O   1 
ATOM   664  C  CB  . GLN A 1 78  ? 2.998   4.456   -17.320 1.00 68.33  ? 77  GLN A CB  1 
ATOM   665  C  CG  . GLN A 1 78  ? 4.006   5.399   -17.963 1.00 74.64  ? 77  GLN A CG  1 
ATOM   666  C  CD  . GLN A 1 78  ? 4.373   6.593   -17.113 1.00 72.99  ? 77  GLN A CD  1 
ATOM   667  O  OE1 . GLN A 1 78  ? 3.823   7.677   -17.258 1.00 75.83  ? 77  GLN A OE1 1 
ATOM   668  N  NE2 . GLN A 1 78  ? 5.330   6.411   -16.224 1.00 73.17  ? 77  GLN A NE2 1 
ATOM   669  N  N   . ALA A 1 79  ? 2.189   1.163   -17.551 1.00 64.44  ? 78  ALA A N   1 
ATOM   670  C  CA  . ALA A 1 79  ? 1.584   -0.023  -16.908 1.00 60.33  ? 78  ALA A CA  1 
ATOM   671  C  C   . ALA A 1 79  ? 1.838   0.089   -15.410 1.00 54.65  ? 78  ALA A C   1 
ATOM   672  O  O   . ALA A 1 79  ? 2.871   0.645   -15.014 1.00 62.62  ? 78  ALA A O   1 
ATOM   673  C  CB  . ALA A 1 79  ? 2.129   -1.320  -17.461 1.00 66.24  ? 78  ALA A CB  1 
ATOM   674  N  N   . PHE A 1 80  ? 0.886   -0.414  -14.630 1.00 57.71  ? 79  PHE A N   1 
ATOM   675  C  CA  . PHE A 1 80  ? 0.910   -0.372  -13.160 1.00 53.14  ? 79  PHE A CA  1 
ATOM   676  C  C   . PHE A 1 80  ? 0.201   -1.631  -12.657 1.00 57.00  ? 79  PHE A C   1 
ATOM   677  O  O   . PHE A 1 80  ? -0.930  -1.947  -13.102 1.00 54.08  ? 79  PHE A O   1 
ATOM   678  C  CB  . PHE A 1 80  ? 0.325   0.963   -12.693 1.00 53.60  ? 79  PHE A CB  1 
ATOM   679  C  CG  . PHE A 1 80  ? 0.313   1.122   -11.204 1.00 48.17  ? 79  PHE A CG  1 
ATOM   680  C  CD1 . PHE A 1 80  ? 1.408   1.630   -10.540 1.00 50.17  ? 79  PHE A CD1 1 
ATOM   681  C  CD2 . PHE A 1 80  ? -0.782  0.716   -10.464 1.00 50.31  ? 79  PHE A CD2 1 
ATOM   682  C  CE1 . PHE A 1 80  ? 1.400   1.762   -9.165  1.00 49.71  ? 79  PHE A CE1 1 
ATOM   683  C  CE2 . PHE A 1 80  ? -0.785  0.845   -9.085  1.00 46.66  ? 79  PHE A CE2 1 
ATOM   684  C  CZ  . PHE A 1 80  ? 0.304   1.369   -8.439  1.00 48.65  ? 79  PHE A CZ  1 
ATOM   685  N  N   . PHE A 1 81  ? 0.904   -2.368  -11.795 1.00 53.56  ? 80  PHE A N   1 
ATOM   686  C  CA  . PHE A 1 81  ? 0.408   -3.582  -11.114 1.00 50.60  ? 80  PHE A CA  1 
ATOM   687  C  C   . PHE A 1 81  ? 0.658   -3.365  -9.630  1.00 50.46  ? 80  PHE A C   1 
ATOM   688  O  O   . PHE A 1 81  ? 1.704   -2.777  -9.267  1.00 49.47  ? 80  PHE A O   1 
ATOM   689  C  CB  . PHE A 1 81  ? 1.073   -4.823  -11.722 1.00 57.19  ? 80  PHE A CB  1 
ATOM   690  C  CG  . PHE A 1 81  ? 0.807   -4.967  -13.200 1.00 58.51  ? 80  PHE A CG  1 
ATOM   691  C  CD1 . PHE A 1 81  ? 1.718   -4.498  -14.142 1.00 70.46  ? 80  PHE A CD1 1 
ATOM   692  C  CD2 . PHE A 1 81  ? -0.389  -5.513  -13.651 1.00 61.14  ? 80  PHE A CD2 1 
ATOM   693  C  CE1 . PHE A 1 81  ? 1.458   -4.607  -15.505 1.00 66.98  ? 80  PHE A CE1 1 
ATOM   694  C  CE2 . PHE A 1 81  ? -0.653  -5.612  -15.012 1.00 65.82  ? 80  PHE A CE2 1 
ATOM   695  C  CZ  . PHE A 1 81  ? 0.274   -5.166  -15.934 1.00 71.05  ? 80  PHE A CZ  1 
ATOM   696  N  N   . LEU A 1 82  ? -0.322  -3.755  -8.823  1.00 51.47  ? 81  LEU A N   1 
ATOM   697  C  CA  . LEU A 1 82  ? -0.317  -3.597  -7.353  1.00 51.71  ? 81  LEU A CA  1 
ATOM   698  C  C   . LEU A 1 82  ? -0.540  -4.967  -6.718  1.00 53.85  ? 81  LEU A C   1 
ATOM   699  O  O   . LEU A 1 82  ? -1.573  -5.608  -7.004  1.00 55.25  ? 81  LEU A O   1 
ATOM   700  C  CB  . LEU A 1 82  ? -1.426  -2.620  -6.952  1.00 55.75  ? 81  LEU A CB  1 
ATOM   701  C  CG  . LEU A 1 82  ? -1.369  -2.117  -5.513  1.00 53.07  ? 81  LEU A CG  1 
ATOM   702  C  CD1 . LEU A 1 82  ? -0.106  -1.302  -5.276  1.00 47.45  ? 81  LEU A CD1 1 
ATOM   703  C  CD2 . LEU A 1 82  ? -2.616  -1.315  -5.192  1.00 52.89  ? 81  LEU A CD2 1 
ATOM   704  N  N   . LEU A 1 83  ? 0.429   -5.398  -5.919  1.00 47.93  ? 82  LEU A N   1 
ATOM   705  C  CA  . LEU A 1 83  ? 0.289   -6.544  -5.008  1.00 51.27  ? 82  LEU A CA  1 
ATOM   706  C  C   . LEU A 1 83  ? -0.122  -6.046  -3.625  1.00 50.53  ? 82  LEU A C   1 
ATOM   707  O  O   . LEU A 1 83  ? 0.378   -4.984  -3.162  1.00 46.03  ? 82  LEU A O   1 
ATOM   708  C  CB  . LEU A 1 83  ? 1.631   -7.270  -4.946  1.00 57.85  ? 82  LEU A CB  1 
ATOM   709  C  CG  . LEU A 1 83  ? 2.112   -7.854  -6.269  1.00 56.41  ? 82  LEU A CG  1 
ATOM   710  C  CD1 . LEU A 1 83  ? 3.456   -8.526  -6.062  1.00 63.56  ? 82  LEU A CD1 1 
ATOM   711  C  CD2 . LEU A 1 83  ? 1.098   -8.836  -6.843  1.00 53.21  ? 82  LEU A CD2 1 
ATOM   712  N  N   . VAL A 1 84  ? -0.991  -6.804  -2.984  1.00 43.55  ? 83  VAL A N   1 
ATOM   713  C  CA  . VAL A 1 84  ? -1.452  -6.516  -1.601  1.00 47.49  ? 83  VAL A CA  1 
ATOM   714  C  C   . VAL A 1 84  ? -1.111  -7.774  -0.810  1.00 45.86  ? 83  VAL A C   1 
ATOM   715  O  O   . VAL A 1 84  ? -1.502  -8.862  -1.282  1.00 41.02  ? 83  VAL A O   1 
ATOM   716  C  CB  . VAL A 1 84  ? -2.963  -6.187  -1.526  1.00 45.60  ? 83  VAL A CB  1 
ATOM   717  C  CG1 . VAL A 1 84  ? -3.385  -5.915  -0.094  1.00 51.61  ? 83  VAL A CG1 1 
ATOM   718  C  CG2 . VAL A 1 84  ? -3.362  -5.032  -2.436  1.00 50.37  ? 83  VAL A CG2 1 
ATOM   719  N  N   . ASN A 1 85  ? -0.457  -7.608  0.341   1.00 40.46  ? 84  ASN A N   1 
ATOM   720  C  CA  . ASN A 1 85  ? -0.062  -8.701  1.254   1.00 43.52  ? 84  ASN A CA  1 
ATOM   721  C  C   . ASN A 1 85  ? 0.669   -9.779  0.433   1.00 42.73  ? 84  ASN A C   1 
ATOM   722  O  O   . ASN A 1 85  ? 0.471   -10.958 0.727   1.00 46.41  ? 84  ASN A O   1 
ATOM   723  C  CB  . ASN A 1 85  ? -1.289  -9.192  2.032   1.00 47.07  ? 84  ASN A CB  1 
ATOM   724  C  CG  . ASN A 1 85  ? -0.986  -10.308 3.017   1.00 49.52  ? 84  ASN A CG  1 
ATOM   725  O  OD1 . ASN A 1 85  ? -0.013  -10.254 3.763   1.00 48.99  ? 84  ASN A OD1 1 
ATOM   726  N  ND2 . ASN A 1 85  ? -1.832  -11.317 3.037   1.00 52.24  ? 84  ASN A ND2 1 
ATOM   727  N  N   . GLY A 1 86  ? 1.446   -9.387  -0.588  1.00 43.29  ? 85  GLY A N   1 
ATOM   728  C  CA  . GLY A 1 86  ? 2.330   -10.311 -1.328  1.00 49.30  ? 85  GLY A CA  1 
ATOM   729  C  C   . GLY A 1 86  ? 1.730   -10.873 -2.616  1.00 52.04  ? 85  GLY A C   1 
ATOM   730  O  O   . GLY A 1 86  ? 2.498   -11.464 -3.346  1.00 51.60  ? 85  GLY A O   1 
ATOM   731  N  N   . HIS A 1 87  ? 0.424   -10.738 -2.886  1.00 43.24  ? 86  HIS A N   1 
ATOM   732  C  CA  . HIS A 1 87  ? -0.264  -11.393 -4.030  1.00 43.42  ? 86  HIS A CA  1 
ATOM   733  C  C   . HIS A 1 87  ? -1.182  -10.417 -4.765  1.00 48.27  ? 86  HIS A C   1 
ATOM   734  O  O   . HIS A 1 87  ? -1.473  -9.334  -4.227  1.00 42.23  ? 86  HIS A O   1 
ATOM   735  C  CB  . HIS A 1 87  ? -1.125  -12.566 -3.543  1.00 48.01  ? 86  HIS A CB  1 
ATOM   736  C  CG  . HIS A 1 87  ? -2.031  -12.234 -2.412  1.00 45.50  ? 86  HIS A CG  1 
ATOM   737  N  ND1 . HIS A 1 87  ? -3.344  -11.822 -2.609  1.00 54.65  ? 86  HIS A ND1 1 
ATOM   738  C  CD2 . HIS A 1 87  ? -1.825  -12.240 -1.077  1.00 47.73  ? 86  HIS A CD2 1 
ATOM   739  C  CE1 . HIS A 1 87  ? -3.905  -11.599 -1.441  1.00 53.80  ? 86  HIS A CE1 1 
ATOM   740  N  NE2 . HIS A 1 87  ? -3.000  -11.888 -0.481  1.00 48.24  ? 86  HIS A NE2 1 
ATOM   741  N  N   A SER A 1 88  ? -1.630  -10.800 -5.964  0.06 47.08  ? 87  SER A N   1 
ATOM   742  N  N   B SER A 1 88  ? -1.638  -10.813 -5.960  0.44 46.81  ? 87  SER A N   1 
ATOM   743  C  CA  A SER A 1 88  ? -2.552  -10.010 -6.821  0.06 48.85  ? 87  SER A CA  1 
ATOM   744  C  CA  B SER A 1 88  ? -2.600  -10.063 -6.808  0.44 54.02  ? 87  SER A CA  1 
ATOM   745  C  C   A SER A 1 88  ? -3.909  -9.866  -6.120  0.06 50.13  ? 87  SER A C   1 
ATOM   746  C  C   B SER A 1 88  ? -3.904  -9.840  -6.047  0.44 50.68  ? 87  SER A C   1 
ATOM   747  O  O   A SER A 1 88  ? -4.294  -10.789 -5.377  0.06 50.76  ? 87  SER A O   1 
ATOM   748  O  O   B SER A 1 88  ? -4.264  -10.702 -5.217  0.44 56.18  ? 87  SER A O   1 
ATOM   749  C  CB  A SER A 1 88  ? -2.700  -10.640 -8.183  0.06 48.37  ? 87  SER A CB  1 
ATOM   750  C  CB  B SER A 1 88  ? -2.893  -10.784 -8.092  0.44 57.50  ? 87  SER A CB  1 
ATOM   751  O  OG  A SER A 1 88  ? -3.491  -11.818 -8.116  0.06 47.14  ? 87  SER A OG  1 
ATOM   752  O  OG  B SER A 1 88  ? -1.941  -10.447 -9.080  0.44 65.37  ? 87  SER A OG  1 
ATOM   753  N  N   . MET A 1 89  ? -4.588  -8.739  -6.350  1.00 51.52  ? 88  MET A N   1 
ATOM   754  C  CA  . MET A 1 89  ? -5.944  -8.468  -5.824  1.00 58.83  ? 88  MET A CA  1 
ATOM   755  C  C   . MET A 1 89  ? -6.928  -9.332  -6.623  1.00 54.59  ? 88  MET A C   1 
ATOM   756  O  O   . MET A 1 89  ? -6.859  -9.312  -7.868  1.00 51.49  ? 88  MET A O   1 
ATOM   757  C  CB  . MET A 1 89  ? -6.262  -6.987  -6.026  1.00 68.16  ? 88  MET A CB  1 
ATOM   758  C  CG  . MET A 1 89  ? -5.342  -6.073  -5.225  1.00 79.56  ? 88  MET A CG  1 
ATOM   759  S  SD  . MET A 1 89  ? -5.209  -4.441  -5.977  1.00 88.83  ? 88  MET A SD  1 
ATOM   760  C  CE  . MET A 1 89  ? -6.871  -4.264  -6.618  1.00 85.30  ? 88  MET A CE  1 
ATOM   761  N  N   . VAL A 1 90  ? -7.772  -10.108 -5.954  1.00 57.93  ? 89  VAL A N   1 
ATOM   762  C  CA  . VAL A 1 90  ? -8.818  -10.921 -6.640  1.00 61.39  ? 89  VAL A CA  1 
ATOM   763  C  C   . VAL A 1 90  ? -9.842  -9.967  -7.268  1.00 57.85  ? 89  VAL A C   1 
ATOM   764  O  O   . VAL A 1 90  ? -10.436 -10.368 -8.291  1.00 46.24  ? 89  VAL A O   1 
ATOM   765  C  CB  . VAL A 1 90  ? -9.503  -11.901 -5.667  1.00 73.49  ? 89  VAL A CB  1 
ATOM   766  C  CG1 . VAL A 1 90  ? -10.679 -12.603 -6.327  1.00 71.57  ? 89  VAL A CG1 1 
ATOM   767  C  CG2 . VAL A 1 90  ? -8.521  -12.916 -5.102  1.00 77.41  ? 89  VAL A CG2 1 
ATOM   768  N  N   . SER A 1 91  ? -10.067 -8.799  -6.630  1.00 55.15  ? 90  SER A N   1 
ATOM   769  C  CA  . SER A 1 91  ? -11.060 -7.743  -6.999  1.00 61.97  ? 90  SER A CA  1 
ATOM   770  C  C   . SER A 1 91  ? -10.598 -6.346  -6.548  1.00 51.58  ? 90  SER A C   1 
ATOM   771  O  O   . SER A 1 91  ? -10.216 -6.177  -5.366  1.00 63.41  ? 90  SER A O   1 
ATOM   772  C  CB  . SER A 1 91  ? -12.440 -8.023  -6.418  1.00 65.16  ? 90  SER A CB  1 
ATOM   773  O  OG  . SER A 1 91  ? -13.390 -7.081  -6.911  1.00 78.26  ? 90  SER A OG  1 
ATOM   774  N  N   . VAL A 1 92  ? -10.786 -5.370  -7.437  1.00 53.87  ? 91  VAL A N   1 
ATOM   775  C  CA  . VAL A 1 92  ? -10.509 -3.919  -7.234  1.00 60.61  ? 91  VAL A CA  1 
ATOM   776  C  C   . VAL A 1 92  ? -11.775 -3.219  -6.697  1.00 53.48  ? 91  VAL A C   1 
ATOM   777  O  O   . VAL A 1 92  ? -11.673 -2.068  -6.258  1.00 57.19  ? 91  VAL A O   1 
ATOM   778  C  CB  . VAL A 1 92  ? -9.975  -3.287  -8.540  1.00 61.78  ? 91  VAL A CB  1 
ATOM   779  C  CG1 . VAL A 1 92  ? -8.751  -4.026  -9.066  1.00 64.56  ? 91  VAL A CG1 1 
ATOM   780  C  CG2 . VAL A 1 92  ? -11.037 -3.201  -9.634  1.00 65.62  ? 91  VAL A CG2 1 
ATOM   781  N  N   . SER A 1 93  ? -12.918 -3.901  -6.674  1.00 49.26  ? 92  SER A N   1 
ATOM   782  C  CA  . SER A 1 93  ? -14.220 -3.332  -6.256  1.00 52.63  ? 92  SER A CA  1 
ATOM   783  C  C   . SER A 1 93  ? -14.421 -3.441  -4.739  1.00 50.99  ? 92  SER A C   1 
ATOM   784  O  O   . SER A 1 93  ? -15.417 -2.922  -4.237  1.00 53.71  ? 92  SER A O   1 
ATOM   785  C  CB  . SER A 1 93  ? -15.325 -4.037  -6.974  1.00 61.90  ? 92  SER A CB  1 
ATOM   786  O  OG  . SER A 1 93  ? -15.525 -5.332  -6.416  1.00 65.68  ? 92  SER A OG  1 
ATOM   787  N  N   . THR A 1 94  ? -13.563 -4.168  -4.031  1.00 49.14  ? 93  THR A N   1 
ATOM   788  C  CA  . THR A 1 94  ? -13.681 -4.374  -2.568  1.00 52.03  ? 93  THR A CA  1 
ATOM   789  C  C   . THR A 1 94  ? -13.316 -3.080  -1.845  1.00 51.69  ? 93  THR A C   1 
ATOM   790  O  O   . THR A 1 94  ? -12.299 -2.456  -2.159  1.00 47.08  ? 93  THR A O   1 
ATOM   791  C  CB  . THR A 1 94  ? -12.759 -5.502  -2.096  1.00 52.88  ? 93  THR A CB  1 
ATOM   792  O  OG1 . THR A 1 94  ? -12.625 -6.432  -3.175  1.00 63.79  ? 93  THR A OG1 1 
ATOM   793  C  CG2 . THR A 1 94  ? -13.280 -6.168  -0.844  1.00 51.01  ? 93  THR A CG2 1 
ATOM   794  N  N   . PRO A 1 95  ? -14.137 -2.645  -0.867  1.00 47.27  ? 94  PRO A N   1 
ATOM   795  C  CA  . PRO A 1 95  ? -13.777 -1.554  0.032   1.00 48.86  ? 94  PRO A CA  1 
ATOM   796  C  C   . PRO A 1 95  ? -12.523 -1.889  0.844   1.00 47.97  ? 94  PRO A C   1 
ATOM   797  O  O   . PRO A 1 95  ? -12.447 -2.997  1.352   1.00 50.35  ? 94  PRO A O   1 
ATOM   798  C  CB  . PRO A 1 95  ? -14.958 -1.406  0.998   1.00 51.98  ? 94  PRO A CB  1 
ATOM   799  C  CG  . PRO A 1 95  ? -16.105 -2.131  0.316   1.00 55.37  ? 94  PRO A CG  1 
ATOM   800  C  CD  . PRO A 1 95  ? -15.476 -3.183  -0.581  1.00 55.44  ? 94  PRO A CD  1 
ATOM   801  N  N   . ILE A 1 96  ? -11.591 -0.934  0.955   1.00 40.71  ? 95  ILE A N   1 
ATOM   802  C  CA  . ILE A 1 96  ? -10.277 -1.147  1.632   1.00 41.74  ? 95  ILE A CA  1 
ATOM   803  C  C   . ILE A 1 96  ? -10.519 -1.557  3.088   1.00 38.87  ? 95  ILE A C   1 
ATOM   804  O  O   . ILE A 1 96  ? -9.664  -2.238  3.634   1.00 38.79  ? 95  ILE A O   1 
ATOM   805  C  CB  . ILE A 1 96  ? -9.293  0.046   1.489   1.00 42.24  ? 95  ILE A CB  1 
ATOM   806  C  CG1 . ILE A 1 96  ? -7.854  -0.403  1.761   1.00 42.14  ? 95  ILE A CG1 1 
ATOM   807  C  CG2 . ILE A 1 96  ? -9.637  1.223   2.393   1.00 41.06  ? 95  ILE A CG2 1 
ATOM   808  C  CD1 . ILE A 1 96  ? -6.834  0.604   1.332   1.00 45.79  ? 95  ILE A CD1 1 
ATOM   809  N  N   . SER A 1 97  ? -11.614 -1.153  3.738   1.00 40.52  ? 96  SER A N   1 
ATOM   810  C  CA  . SER A 1 97  ? -11.917 -1.617  5.126   1.00 40.09  ? 96  SER A CA  1 
ATOM   811  C  C   . SER A 1 97  ? -12.000 -3.160  5.172   1.00 42.69  ? 96  SER A C   1 
ATOM   812  O  O   . SER A 1 97  ? -11.440 -3.725  6.137   1.00 37.57  ? 96  SER A O   1 
ATOM   813  C  CB  . SER A 1 97  ? -13.184 -0.998  5.651   1.00 39.19  ? 96  SER A CB  1 
ATOM   814  O  OG  . SER A 1 97  ? -14.228 -1.170  4.705   1.00 39.30  ? 96  SER A OG  1 
ATOM   815  N  N   . GLU A 1 98  ? -12.694 -3.790  4.193   1.00 42.84  ? 97  GLU A N   1 
ATOM   816  C  CA  . GLU A 1 98  ? -12.823 -5.268  4.008   1.00 45.25  ? 97  GLU A CA  1 
ATOM   817  C  C   . GLU A 1 98  ? -11.475 -5.880  3.612   1.00 48.30  ? 97  GLU A C   1 
ATOM   818  O  O   . GLU A 1 98  ? -11.118 -6.945  4.163   1.00 45.19  ? 97  GLU A O   1 
ATOM   819  C  CB  . GLU A 1 98  ? -13.774 -5.649  2.872   1.00 50.94  ? 97  GLU A CB  1 
ATOM   820  C  CG  . GLU A 1 98  ? -15.255 -5.632  3.226   1.00 64.00  ? 97  GLU A CG  1 
ATOM   821  C  CD  . GLU A 1 98  ? -16.174 -5.925  2.039   1.00 67.68  ? 97  GLU A CD  1 
ATOM   822  O  OE1 . GLU A 1 98  ? -17.160 -5.176  1.839   1.00 72.07  ? 97  GLU A OE1 1 
ATOM   823  O  OE2 . GLU A 1 98  ? -15.897 -6.885  1.298   1.00 69.54  ? 97  GLU A OE2 1 
ATOM   824  N  N   . VAL A 1 99  ? -10.777 -5.278  2.637   1.00 38.70  ? 98  VAL A N   1 
ATOM   825  C  CA  . VAL A 1 99  ? -9.434  -5.774  2.232   1.00 43.79  ? 98  VAL A CA  1 
ATOM   826  C  C   . VAL A 1 99  ? -8.521  -5.770  3.460   1.00 41.00  ? 98  VAL A C   1 
ATOM   827  O  O   . VAL A 1 99  ? -7.753  -6.737  3.653   1.00 40.25  ? 98  VAL A O   1 
ATOM   828  C  CB  . VAL A 1 99  ? -8.837  -4.967  1.067   1.00 42.31  ? 98  VAL A CB  1 
ATOM   829  C  CG1 . VAL A 1 99  ? -7.402  -5.379  0.775   1.00 46.09  ? 98  VAL A CG1 1 
ATOM   830  C  CG2 . VAL A 1 99  ? -9.707  -5.120  -0.161  1.00 46.59  ? 98  VAL A CG2 1 
ATOM   831  N  N   . TYR A 1 100 ? -8.550  -4.713  4.259   1.00 33.41  ? 99  TYR A N   1 
ATOM   832  C  CA  . TYR A 1 100 ? -7.662  -4.606  5.451   1.00 35.65  ? 99  TYR A CA  1 
ATOM   833  C  C   . TYR A 1 100 ? -7.889  -5.818  6.375   1.00 39.26  ? 99  TYR A C   1 
ATOM   834  O  O   . TYR A 1 100 ? -6.919  -6.466  6.817   1.00 43.31  ? 99  TYR A O   1 
ATOM   835  C  CB  . TYR A 1 100 ? -7.888  -3.273  6.157   1.00 31.04  ? 99  TYR A CB  1 
ATOM   836  C  CG  . TYR A 1 100 ? -7.047  -3.096  7.391   1.00 35.29  ? 99  TYR A CG  1 
ATOM   837  C  CD1 . TYR A 1 100 ? -5.714  -2.734  7.315   1.00 33.51  ? 99  TYR A CD1 1 
ATOM   838  C  CD2 . TYR A 1 100 ? -7.602  -3.271  8.645   1.00 32.65  ? 99  TYR A CD2 1 
ATOM   839  C  CE1 . TYR A 1 100 ? -4.956  -2.565  8.462   1.00 32.71  ? 99  TYR A CE1 1 
ATOM   840  C  CE2 . TYR A 1 100 ? -6.848  -3.133  9.797   1.00 35.27  ? 99  TYR A CE2 1 
ATOM   841  C  CZ  . TYR A 1 100 ? -5.517  -2.765  9.703   1.00 33.44  ? 99  TYR A CZ  1 
ATOM   842  O  OH  . TYR A 1 100 ? -4.806  -2.667  10.869  1.00 35.24  ? 99  TYR A OH  1 
ATOM   843  N  N   . GLU A 1 101 ? -9.146  -6.093  6.708   1.00 38.31  ? 100 GLU A N   1 
ATOM   844  C  CA  . GLU A 1 101 ? -9.513  -7.090  7.734   1.00 42.29  ? 100 GLU A CA  1 
ATOM   845  C  C   . GLU A 1 101 ? -9.012  -8.492  7.347   1.00 36.71  ? 100 GLU A C   1 
ATOM   846  O  O   . GLU A 1 101 ? -8.736  -9.245  8.240   1.00 41.19  ? 100 GLU A O   1 
ATOM   847  C  CB  . GLU A 1 101 ? -11.022 -7.099  7.952   1.00 43.88  ? 100 GLU A CB  1 
ATOM   848  C  CG  . GLU A 1 101 ? -11.461 -6.156  9.039   1.00 57.62  ? 100 GLU A CG  1 
ATOM   849  C  CD  . GLU A 1 101 ? -12.616 -6.693  9.864   1.00 62.95  ? 100 GLU A CD  1 
ATOM   850  O  OE1 . GLU A 1 101 ? -13.270 -7.642  9.406   1.00 54.05  ? 100 GLU A OE1 1 
ATOM   851  O  OE2 . GLU A 1 101 ? -12.835 -6.152  10.961  1.00 71.41  ? 100 GLU A OE2 1 
ATOM   852  N  N   . SER A 1 102 ? -8.916  -8.808  6.066   1.00 44.75  ? 101 SER A N   1 
ATOM   853  C  CA  . SER A 1 102 ? -8.471  -10.143 5.597   1.00 46.13  ? 101 SER A CA  1 
ATOM   854  C  C   . SER A 1 102 ? -6.978  -10.117 5.224   1.00 48.78  ? 101 SER A C   1 
ATOM   855  O  O   . SER A 1 102 ? -6.329  -11.141 5.470   1.00 52.57  ? 101 SER A O   1 
ATOM   856  C  CB  . SER A 1 102 ? -9.373  -10.638 4.515   1.00 47.11  ? 101 SER A CB  1 
ATOM   857  O  OG  . SER A 1 102 ? -9.089  -10.007 3.303   1.00 63.96  ? 101 SER A OG  1 
ATOM   858  N  N   . GLU A 1 103 ? -6.408  -8.983  4.776   1.00 41.69  ? 102 GLU A N   1 
ATOM   859  C  CA  . GLU A 1 103 ? -5.040  -8.929  4.194   1.00 40.06  ? 102 GLU A CA  1 
ATOM   860  C  C   . GLU A 1 103 ? -4.066  -8.160  5.077   1.00 38.98  ? 102 GLU A C   1 
ATOM   861  O  O   . GLU A 1 103 ? -2.888  -8.086  4.707   1.00 47.99  ? 102 GLU A O   1 
ATOM   862  C  CB  . GLU A 1 103 ? -5.055  -8.318  2.801   1.00 42.60  ? 102 GLU A CB  1 
ATOM   863  C  CG  . GLU A 1 103 ? -5.922  -9.070  1.810   1.00 45.85  ? 102 GLU A CG  1 
ATOM   864  C  CD  . GLU A 1 103 ? -5.496  -10.491 1.471   1.00 54.27  ? 102 GLU A CD  1 
ATOM   865  O  OE1 . GLU A 1 103 ? -4.353  -10.889 1.787   1.00 50.53  ? 102 GLU A OE1 1 
ATOM   866  O  OE2 . GLU A 1 103 ? -6.320  -11.196 0.899   1.00 52.84  ? 102 GLU A OE2 1 
ATOM   867  N  N   . LYS A 1 104 ? -4.491  -7.644  6.219   1.00 42.56  ? 103 LYS A N   1 
ATOM   868  C  CA  . LYS A 1 104 ? -3.559  -6.913  7.102   1.00 34.87  ? 103 LYS A CA  1 
ATOM   869  C  C   . LYS A 1 104 ? -2.410  -7.836  7.522   1.00 45.05  ? 103 LYS A C   1 
ATOM   870  O  O   . LYS A 1 104 ? -2.662  -9.024  7.665   1.00 41.85  ? 103 LYS A O   1 
ATOM   871  C  CB  . LYS A 1 104 ? -4.232  -6.452  8.383   1.00 39.59  ? 103 LYS A CB  1 
ATOM   872  C  CG  . LYS A 1 104 ? -4.909  -7.517  9.216   1.00 40.51  ? 103 LYS A CG  1 
ATOM   873  C  CD  . LYS A 1 104 ? -5.726  -6.927  10.331  1.00 45.46  ? 103 LYS A CD  1 
ATOM   874  C  CE  . LYS A 1 104 ? -6.317  -8.022  11.186  1.00 48.96  ? 103 LYS A CE  1 
ATOM   875  N  NZ  . LYS A 1 104 ? -7.381  -8.759  10.467  1.00 56.01  ? 103 LYS A NZ  1 
ATOM   876  N  N   . ASP A 1 105 ? -1.229  -7.262  7.755   1.00 46.92  ? 104 ASP A N   1 
ATOM   877  C  CA  . ASP A 1 105 ? -0.074  -7.887  8.447   1.00 49.75  ? 104 ASP A CA  1 
ATOM   878  C  C   . ASP A 1 105 ? -0.344  -8.044  9.948   1.00 52.25  ? 104 ASP A C   1 
ATOM   879  O  O   . ASP A 1 105 ? -1.215  -7.328  10.530  1.00 43.06  ? 104 ASP A O   1 
ATOM   880  C  CB  . ASP A 1 105 ? 1.166   -7.014  8.275   1.00 51.07  ? 104 ASP A CB  1 
ATOM   881  C  CG  . ASP A 1 105 ? 2.488   -7.750  8.424   1.00 49.25  ? 104 ASP A CG  1 
ATOM   882  O  OD1 . ASP A 1 105 ? 2.927   -8.381  7.433   1.00 48.83  ? 104 ASP A OD1 1 
ATOM   883  O  OD2 . ASP A 1 105 ? 3.063   -7.661  9.503   1.00 43.38  ? 104 ASP A OD2 1 
ATOM   884  N  N   . GLU A 1 106 ? 0.436   -8.900  10.597  1.00 44.78  ? 105 GLU A N   1 
ATOM   885  C  CA  . GLU A 1 106 ? 0.421   -9.049  12.075  1.00 45.26  ? 105 GLU A CA  1 
ATOM   886  C  C   . GLU A 1 106 ? 0.862   -7.773  12.785  1.00 42.02  ? 105 GLU A C   1 
ATOM   887  O  O   . GLU A 1 106 ? 0.446   -7.619  13.930  1.00 41.79  ? 105 GLU A O   1 
ATOM   888  C  CB  . GLU A 1 106 ? 1.370   -10.148 12.540  1.00 52.31  ? 105 GLU A CB  1 
ATOM   889  C  CG  . GLU A 1 106 ? 0.661   -11.422 12.878  1.00 58.65  ? 105 GLU A CG  1 
ATOM   890  C  CD  . GLU A 1 106 ? 1.640   -12.537 13.234  1.00 68.42  ? 105 GLU A CD  1 
ATOM   891  O  OE1 . GLU A 1 106 ? 2.035   -12.647 14.451  1.00 52.07  ? 105 GLU A OE1 1 
ATOM   892  O  OE2 . GLU A 1 106 ? 2.040   -13.251 12.281  1.00 70.55  ? 105 GLU A OE2 1 
ATOM   893  N  N   . ASP A 1 107 ? 1.673   -6.902  12.166  1.00 44.04  ? 106 ASP A N   1 
ATOM   894  C  CA  . ASP A 1 107 ? 2.066   -5.597  12.792  1.00 48.86  ? 106 ASP A CA  1 
ATOM   895  C  C   . ASP A 1 107 ? 0.896   -4.592  12.701  1.00 50.14  ? 106 ASP A C   1 
ATOM   896  O  O   . ASP A 1 107 ? 0.875   -3.603  13.509  1.00 46.05  ? 106 ASP A O   1 
ATOM   897  C  CB  . ASP A 1 107 ? 3.365   -5.044  12.203  1.00 47.84  ? 106 ASP A CB  1 
ATOM   898  C  CG  . ASP A 1 107 ? 3.294   -4.614  10.749  1.00 53.17  ? 106 ASP A CG  1 
ATOM   899  O  OD1 . ASP A 1 107 ? 2.181   -4.608  10.182  1.00 45.01  ? 106 ASP A OD1 1 
ATOM   900  O  OD2 . ASP A 1 107 ? 4.368   -4.273  10.195  1.00 48.95  ? 106 ASP A OD2 1 
ATOM   901  N  N   . GLY A 1 108 ? -0.040  -4.849  11.776  1.00 44.09  ? 107 GLY A N   1 
ATOM   902  C  CA  . GLY A 1 108 ? -1.312  -4.101  11.612  1.00 46.69  ? 107 GLY A CA  1 
ATOM   903  C  C   . GLY A 1 108 ? -1.306  -3.141  10.431  1.00 41.84  ? 107 GLY A C   1 
ATOM   904  O  O   . GLY A 1 108 ? -2.355  -2.483  10.201  1.00 38.45  ? 107 GLY A O   1 
ATOM   905  N  N   . PHE A 1 109 ? -0.196  -3.037  9.697   1.00 39.98  ? 108 PHE A N   1 
ATOM   906  C  CA  . PHE A 1 109 ? -0.154  -2.340  8.384   1.00 40.60  ? 108 PHE A CA  1 
ATOM   907  C  C   . PHE A 1 109 ? -0.771  -3.241  7.315   1.00 42.08  ? 108 PHE A C   1 
ATOM   908  O  O   . PHE A 1 109 ? -0.768  -4.501  7.470   1.00 40.81  ? 108 PHE A O   1 
ATOM   909  C  CB  . PHE A 1 109 ? 1.282   -1.949  8.005   1.00 42.97  ? 108 PHE A CB  1 
ATOM   910  C  CG  . PHE A 1 109 ? 1.761   -0.706  8.694   1.00 45.80  ? 108 PHE A CG  1 
ATOM   911  C  CD1 . PHE A 1 109 ? 1.248   0.537   8.340   1.00 42.04  ? 108 PHE A CD1 1 
ATOM   912  C  CD2 . PHE A 1 109 ? 2.662   -0.783  9.744   1.00 44.29  ? 108 PHE A CD2 1 
ATOM   913  C  CE1 . PHE A 1 109 ? 1.635   1.673   9.032   1.00 46.57  ? 108 PHE A CE1 1 
ATOM   914  C  CE2 . PHE A 1 109 ? 3.081   0.366   10.398  1.00 48.29  ? 108 PHE A CE2 1 
ATOM   915  C  CZ  . PHE A 1 109 ? 2.552   1.589   10.054  1.00 44.24  ? 108 PHE A CZ  1 
ATOM   916  N  N   . LEU A 1 110 ? -1.240  -2.613  6.242   1.00 36.26  ? 109 LEU A N   1 
ATOM   917  C  CA  . LEU A 1 110 ? -1.574  -3.267  4.952   1.00 41.47  ? 109 LEU A CA  1 
ATOM   918  C  C   . LEU A 1 110 ? -0.428  -2.951  3.979   1.00 42.67  ? 109 LEU A C   1 
ATOM   919  O  O   . LEU A 1 110 ? -0.231  -1.752  3.686   1.00 41.51  ? 109 LEU A O   1 
ATOM   920  C  CB  . LEU A 1 110 ? -2.921  -2.721  4.462   1.00 40.43  ? 109 LEU A CB  1 
ATOM   921  C  CG  . LEU A 1 110 ? -3.530  -3.405  3.246   1.00 44.56  ? 109 LEU A CG  1 
ATOM   922  C  CD1 . LEU A 1 110 ? -3.692  -4.915  3.490   1.00 44.31  ? 109 LEU A CD1 1 
ATOM   923  C  CD2 . LEU A 1 110 ? -4.876  -2.740  2.894   1.00 42.07  ? 109 LEU A CD2 1 
ATOM   924  N  N   . TYR A 1 111 ? 0.293   -3.981  3.517   1.00 41.43  ? 110 TYR A N   1 
ATOM   925  C  CA  . TYR A 1 111 ? 1.543   -3.881  2.711   1.00 43.50  ? 110 TYR A CA  1 
ATOM   926  C  C   . TYR A 1 111 ? 1.200   -4.038  1.238   1.00 43.48  ? 110 TYR A C   1 
ATOM   927  O  O   . TYR A 1 111 ? 0.428   -4.925  0.836   1.00 42.60  ? 110 TYR A O   1 
ATOM   928  C  CB  . TYR A 1 111 ? 2.602   -4.910  3.149   1.00 43.54  ? 110 TYR A CB  1 
ATOM   929  C  CG  . TYR A 1 111 ? 3.264   -4.562  4.466   1.00 37.82  ? 110 TYR A CG  1 
ATOM   930  C  CD1 . TYR A 1 111 ? 2.691   -4.906  5.672   1.00 37.41  ? 110 TYR A CD1 1 
ATOM   931  C  CD2 . TYR A 1 111 ? 4.438   -3.831  4.505   1.00 37.21  ? 110 TYR A CD2 1 
ATOM   932  C  CE1 . TYR A 1 111 ? 3.264   -4.530  6.878   1.00 32.98  ? 110 TYR A CE1 1 
ATOM   933  C  CE2 . TYR A 1 111 ? 5.029   -3.463  5.703   1.00 36.36  ? 110 TYR A CE2 1 
ATOM   934  C  CZ  . TYR A 1 111 ? 4.451   -3.831  6.903   1.00 34.26  ? 110 TYR A CZ  1 
ATOM   935  O  OH  . TYR A 1 111 ? 5.048   -3.469  8.093   1.00 39.90  ? 110 TYR A OH  1 
ATOM   936  N  N   . MET A 1 112 ? 1.715   -3.115  0.447   1.00 41.89  ? 111 MET A N   1 
ATOM   937  C  CA  . MET A 1 112 ? 1.456   -3.081  -1.002  1.00 46.47  ? 111 MET A CA  1 
ATOM   938  C  C   . MET A 1 112 ? 2.780   -2.833  -1.697  1.00 45.23  ? 111 MET A C   1 
ATOM   939  O  O   . MET A 1 112 ? 3.659   -2.150  -1.135  1.00 42.80  ? 111 MET A O   1 
ATOM   940  C  CB  . MET A 1 112 ? 0.480   -1.972  -1.374  1.00 43.90  ? 111 MET A CB  1 
ATOM   941  C  CG  . MET A 1 112 ? -0.769  -2.065  -0.571  1.00 48.12  ? 111 MET A CG  1 
ATOM   942  S  SD  . MET A 1 112 ? -2.082  -1.107  -1.298  1.00 49.42  ? 111 MET A SD  1 
ATOM   943  C  CE  . MET A 1 112 ? -3.389  -1.551  -0.149  1.00 44.49  ? 111 MET A CE  1 
ATOM   944  N  N   A VAL A 1 113 ? 2.893   -3.363  -2.911  0.41 45.15  ? 112 VAL A N   1 
ATOM   945  N  N   B VAL A 1 113 ? 2.950   -3.420  -2.883  0.10 44.41  ? 112 VAL A N   1 
ATOM   946  C  CA  A VAL A 1 113 ? 4.106   -3.277  -3.771  0.41 45.56  ? 112 VAL A CA  1 
ATOM   947  C  CA  B VAL A 1 113 ? 4.151   -3.219  -3.745  0.10 43.94  ? 112 VAL A CA  1 
ATOM   948  C  C   A VAL A 1 113 ? 3.621   -3.082  -5.205  0.41 46.38  ? 112 VAL A C   1 
ATOM   949  C  C   B VAL A 1 113 ? 3.681   -3.123  -5.199  0.10 44.48  ? 112 VAL A C   1 
ATOM   950  O  O   A VAL A 1 113 ? 2.652   -3.763  -5.590  0.41 47.94  ? 112 VAL A O   1 
ATOM   951  O  O   B VAL A 1 113 ? 2.791   -3.904  -5.588  0.10 44.71  ? 112 VAL A O   1 
ATOM   952  C  CB  A VAL A 1 113 ? 4.983   -4.539  -3.647  0.41 48.18  ? 112 VAL A CB  1 
ATOM   953  C  CB  B VAL A 1 113 ? 5.206   -4.327  -3.551  0.10 43.95  ? 112 VAL A CB  1 
ATOM   954  C  CG1 A VAL A 1 113 ? 6.178   -4.474  -4.585  0.41 51.37  ? 112 VAL A CG1 1 
ATOM   955  C  CG1 B VAL A 1 113 ? 5.889   -4.225  -2.196  0.10 43.56  ? 112 VAL A CG1 1 
ATOM   956  C  CG2 A VAL A 1 113 ? 5.432   -4.783  -2.212  0.41 47.43  ? 112 VAL A CG2 1 
ATOM   957  C  CG2 B VAL A 1 113 ? 4.626   -5.717  -3.754  0.10 43.68  ? 112 VAL A CG2 1 
ATOM   958  N  N   . TYR A 1 114 ? 4.262   -2.184  -5.951  1.00 43.34  ? 113 TYR A N   1 
ATOM   959  C  CA  . TYR A 1 114 ? 3.883   -1.889  -7.345  1.00 46.32  ? 113 TYR A CA  1 
ATOM   960  C  C   . TYR A 1 114 ? 5.071   -2.103  -8.286  1.00 51.86  ? 113 TYR A C   1 
ATOM   961  O  O   . TYR A 1 114 ? 6.262   -1.942  -7.890  1.00 53.28  ? 113 TYR A O   1 
ATOM   962  C  CB  . TYR A 1 114 ? 3.341   -0.467  -7.429  1.00 45.22  ? 113 TYR A CB  1 
ATOM   963  C  CG  . TYR A 1 114 ? 4.320   0.632   -7.125  1.00 41.60  ? 113 TYR A CG  1 
ATOM   964  C  CD1 . TYR A 1 114 ? 4.403   1.203   -5.871  1.00 42.26  ? 113 TYR A CD1 1 
ATOM   965  C  CD2 . TYR A 1 114 ? 5.106   1.163   -8.131  1.00 47.57  ? 113 TYR A CD2 1 
ATOM   966  C  CE1 . TYR A 1 114 ? 5.270   2.258   -5.616  1.00 46.45  ? 113 TYR A CE1 1 
ATOM   967  C  CE2 . TYR A 1 114 ? 5.990   2.201   -7.891  1.00 42.13  ? 113 TYR A CE2 1 
ATOM   968  C  CZ  . TYR A 1 114 ? 6.069   2.762   -6.637  1.00 48.42  ? 113 TYR A CZ  1 
ATOM   969  O  OH  . TYR A 1 114 ? 6.933   3.811   -6.456  1.00 46.97  ? 113 TYR A OH  1 
ATOM   970  N  N   . ALA A 1 115 ? 4.712   -2.394  -9.530  1.00 47.82  ? 114 ALA A N   1 
ATOM   971  C  CA  . ALA A 1 115 ? 5.642   -2.623  -10.651 1.00 60.66  ? 114 ALA A CA  1 
ATOM   972  C  C   . ALA A 1 115 ? 4.910   -2.412  -11.985 1.00 57.90  ? 114 ALA A C   1 
ATOM   973  O  O   . ALA A 1 115 ? 3.657   -2.417  -11.984 1.00 55.85  ? 114 ALA A O   1 
ATOM   974  C  CB  . ALA A 1 115 ? 6.203   -4.022  -10.521 1.00 59.20  ? 114 ALA A CB  1 
ATOM   975  N  N   . SER A 1 116 ? 5.678   -2.289  -13.078 1.00 66.22  ? 115 SER A N   1 
ATOM   976  C  CA  . SER A 1 116 ? 5.190   -2.088  -14.472 1.00 69.31  ? 115 SER A CA  1 
ATOM   977  C  C   . SER A 1 116 ? 4.958   -3.435  -15.159 1.00 72.70  ? 115 SER A C   1 
ATOM   978  O  O   . SER A 1 116 ? 4.299   -3.436  -16.225 1.00 80.41  ? 115 SER A O   1 
ATOM   979  C  CB  . SER A 1 116 ? 6.122   -1.208  -15.280 1.00 65.68  ? 115 SER A CB  1 
ATOM   980  O  OG  . SER A 1 116 ? 7.421   -1.214  -14.732 1.00 68.57  ? 115 SER A OG  1 
ATOM   981  N  N   . GLN A 1 117 ? 5.435   -4.536  -14.565 1.00 63.81  ? 116 GLN A N   1 
ATOM   982  C  CA  . GLN A 1 117 ? 5.137   -5.910  -15.050 1.00 69.64  ? 116 GLN A CA  1 
ATOM   983  C  C   . GLN A 1 117 ? 4.236   -6.607  -14.020 1.00 71.80  ? 116 GLN A C   1 
ATOM   984  O  O   . GLN A 1 117 ? 4.409   -6.335  -12.814 1.00 72.47  ? 116 GLN A O   1 
ATOM   985  C  CB  . GLN A 1 117 ? 6.435   -6.690  -15.277 1.00 65.23  ? 116 GLN A CB  1 
ATOM   986  N  N   . GLU A 1 118 ? 3.314   -7.459  -14.486 1.00 76.18  ? 117 GLU A N   1 
ATOM   987  C  CA  . GLU A 1 118 ? 2.602   -8.490  -13.674 1.00 88.40  ? 117 GLU A CA  1 
ATOM   988  C  C   . GLU A 1 118 ? 3.593   -9.508  -13.090 1.00 94.29  ? 117 GLU A C   1 
ATOM   989  O  O   . GLU A 1 118 ? 3.301   -10.056 -12.008 1.00 96.10  ? 117 GLU A O   1 
ATOM   990  C  CB  . GLU A 1 118 ? 1.587   -9.256  -14.523 1.00 97.98  ? 117 GLU A CB  1 
ATOM   991  C  CG  . GLU A 1 118 ? 0.147   -9.047  -14.092 1.00 107.60 ? 117 GLU A CG  1 
ATOM   992  C  CD  . GLU A 1 118 ? -0.887  -9.409  -15.143 1.00 118.74 ? 117 GLU A CD  1 
ATOM   993  O  OE1 . GLU A 1 118 ? -0.649  -9.115  -16.336 1.00 128.19 ? 117 GLU A OE1 1 
ATOM   994  O  OE2 . GLU A 1 118 ? -1.932  -9.981  -14.769 1.00 124.72 ? 117 GLU A OE2 1 
ATOM   995  N  N   . THR A 1 119 ? 4.683   -9.800  -13.812 1.00 108.95 ? 118 THR A N   1 
ATOM   996  C  CA  . THR A 1 119 ? 5.811   -10.655 -13.350 1.00 117.51 ? 118 THR A CA  1 
ATOM   997  C  C   . THR A 1 119 ? 6.685   -9.837  -12.382 1.00 123.26 ? 118 THR A C   1 
ATOM   998  O  O   . THR A 1 119 ? 7.603   -9.133  -12.861 1.00 134.27 ? 118 THR A O   1 
ATOM   999  C  CB  . THR A 1 119 ? 6.597   -11.214 -14.546 1.00 107.00 ? 118 THR A CB  1 
ATOM   1000 N  N   . PHE A 1 120 ? 6.385   -9.906  -11.076 1.00 122.77 ? 119 PHE A N   1 
ATOM   1001 C  CA  . PHE A 1 120 ? 7.151   -9.258  -9.975  1.00 118.44 ? 119 PHE A CA  1 
ATOM   1002 C  C   . PHE A 1 120 ? 8.366   -10.129 -9.635  1.00 119.76 ? 119 PHE A C   1 
ATOM   1003 O  O   . PHE A 1 120 ? 8.486   -10.643 -8.519  1.00 107.87 ? 119 PHE A O   1 
ATOM   1004 C  CB  . PHE A 1 120 ? 6.280   -9.051  -8.730  1.00 119.55 ? 119 PHE A CB  1 
ATOM   1005 C  CG  . PHE A 1 120 ? 5.273   -7.930  -8.823  1.00 123.54 ? 119 PHE A CG  1 
ATOM   1006 C  CD1 . PHE A 1 120 ? 4.108   -8.082  -9.564  1.00 117.25 ? 119 PHE A CD1 1 
ATOM   1007 C  CD2 . PHE A 1 120 ? 5.471   -6.733  -8.142  1.00 117.71 ? 119 PHE A CD2 1 
ATOM   1008 C  CE1 . PHE A 1 120 ? 3.173   -7.060  -9.641  1.00 109.67 ? 119 PHE A CE1 1 
ATOM   1009 C  CE2 . PHE A 1 120 ? 4.537   -5.709  -8.222  1.00 110.31 ? 119 PHE A CE2 1 
ATOM   1010 C  CZ  . PHE A 1 120 ? 3.394   -5.873  -8.975  1.00 113.40 ? 119 PHE A CZ  1 
HETATM 1011 N  N1  . K8L B 2 .   ? -4.589  9.033   1.786   0.44 62.37  ? 201 K8L A N1  1 
HETATM 1012 C  C4  . K8L B 2 .   ? -3.570  7.887   -0.156  0.44 63.49  ? 201 K8L A C4  1 
HETATM 1013 C  C5  . K8L B 2 .   ? -3.174  6.671   -0.560  0.44 62.93  ? 201 K8L A C5  1 
HETATM 1014 C  C6  . K8L B 2 .   ? -1.716  7.852   -1.665  0.44 62.92  ? 201 K8L A C6  1 
HETATM 1015 C  C1  . K8L B 2 .   ? -4.351  11.171  0.703   0.44 59.91  ? 201 K8L A C1  1 
HETATM 1016 C  C2  . K8L B 2 .   ? -4.827  10.347  1.857   0.44 60.81  ? 201 K8L A C2  1 
HETATM 1017 C  C3  . K8L B 2 .   ? -4.818  8.253   0.581   0.44 63.18  ? 201 K8L A C3  1 
HETATM 1018 N  N2  . K8L B 2 .   ? -2.072  6.629   -1.389  0.44 64.37  ? 201 K8L A N2  1 
HETATM 1019 O  O1  . K8L B 2 .   ? -5.432  10.856  2.797   0.44 63.35  ? 201 K8L A O1  1 
HETATM 1020 S  S1  . K8L B 2 .   ? -2.399  9.051   -0.661  0.44 67.19  ? 201 K8L A S1  1 
HETATM 1021 N  N1  . K8L C 2 .   ? -3.026  0.986   21.943  0.88 76.10  ? 202 K8L A N1  1 
HETATM 1022 C  C4  . K8L C 2 .   ? -3.372  -1.396  22.638  0.88 79.86  ? 202 K8L A C4  1 
HETATM 1023 C  C5  . K8L C 2 .   ? -2.669  -2.223  23.426  0.88 79.89  ? 202 K8L A C5  1 
HETATM 1024 C  C6  . K8L C 2 .   ? -3.646  -3.747  22.223  0.88 82.42  ? 202 K8L A C6  1 
HETATM 1025 C  C1  . K8L C 2 .   ? -3.446  3.240   21.224  0.88 79.85  ? 202 K8L A C1  1 
HETATM 1026 C  C2  . K8L C 2 .   ? -3.724  1.774   21.113  0.88 78.95  ? 202 K8L A C2  1 
HETATM 1027 C  C3  . K8L C 2 .   ? -3.678  0.057   22.848  0.88 80.25  ? 202 K8L A C3  1 
HETATM 1028 N  N2  . K8L C 2 .   ? -3.009  -3.560  23.350  0.88 79.06  ? 202 K8L A N2  1 
HETATM 1029 O  O1  . K8L C 2 .   ? -4.519  1.332   20.281  0.88 71.24  ? 202 K8L A O1  1 
HETATM 1030 S  S1  . K8L C 2 .   ? -4.053  -2.329  21.350  0.88 84.41  ? 202 K8L A S1  1 
HETATM 1031 C  C1  . EDO D 3 .   ? -5.463  -13.682 -6.147  1.00 96.72  ? 203 EDO A C1  1 
HETATM 1032 O  O1  . EDO D 3 .   ? -4.199  -13.799 -5.484  1.00 92.09  ? 203 EDO A O1  1 
HETATM 1033 C  C2  . EDO D 3 .   ? -5.546  -14.301 -7.513  1.00 93.72  ? 203 EDO A C2  1 
HETATM 1034 O  O2  . EDO D 3 .   ? -6.528  -15.330 -7.662  1.00 78.37  ? 203 EDO A O2  1 
HETATM 1035 C  C1  . EDO E 3 .   ? 5.559   -10.562 9.522   1.00 76.53  ? 204 EDO A C1  1 
HETATM 1036 O  O1  . EDO E 3 .   ? 6.834   -10.376 8.917   1.00 67.02  ? 204 EDO A O1  1 
HETATM 1037 C  C2  . EDO E 3 .   ? 5.356   -9.818  10.799  1.00 80.31  ? 204 EDO A C2  1 
HETATM 1038 O  O2  . EDO E 3 .   ? 5.805   -8.477  10.734  1.00 77.60  ? 204 EDO A O2  1 
HETATM 1039 C  C1  . EDO F 3 .   ? -7.711  6.490   -15.398 1.00 71.38  ? 205 EDO A C1  1 
HETATM 1040 O  O1  . EDO F 3 .   ? -9.096  6.481   -14.993 1.00 58.50  ? 205 EDO A O1  1 
HETATM 1041 C  C2  . EDO F 3 .   ? -6.770  6.827   -14.291 1.00 69.36  ? 205 EDO A C2  1 
HETATM 1042 O  O2  . EDO F 3 .   ? -6.137  5.733   -13.657 1.00 65.37  ? 205 EDO A O2  1 
HETATM 1043 C  C1  . EDO G 3 .   ? -8.740  0.131   -12.178 1.00 83.95  ? 206 EDO A C1  1 
HETATM 1044 O  O1  . EDO G 3 .   ? -8.112  -1.042  -11.658 1.00 72.32  ? 206 EDO A O1  1 
HETATM 1045 C  C2  . EDO G 3 .   ? -8.365  1.420   -11.479 1.00 74.95  ? 206 EDO A C2  1 
HETATM 1046 O  O2  . EDO G 3 .   ? -7.563  2.322   -12.232 1.00 78.78  ? 206 EDO A O2  1 
HETATM 1047 C  C1  . EDO H 3 .   ? 10.360  -4.678  -1.553  1.00 134.24 ? 207 EDO A C1  1 
HETATM 1048 O  O1  . EDO H 3 .   ? 9.252   -5.060  -0.764  1.00 126.01 ? 207 EDO A O1  1 
HETATM 1049 C  C2  . EDO H 3 .   ? 10.040  -4.683  -2.999  1.00 135.23 ? 207 EDO A C2  1 
HETATM 1050 O  O2  . EDO H 3 .   ? 10.142  -5.966  -3.611  1.00 129.90 ? 207 EDO A O2  1 
HETATM 1051 C  C1  . EDO I 3 .   ? 6.038   3.220   12.061  1.00 75.11  ? 208 EDO A C1  1 
HETATM 1052 O  O1  . EDO I 3 .   ? 5.998   2.808   13.417  1.00 75.76  ? 208 EDO A O1  1 
HETATM 1053 C  C2  . EDO I 3 .   ? 6.558   4.619   11.879  1.00 85.17  ? 208 EDO A C2  1 
HETATM 1054 O  O2  . EDO I 3 .   ? 6.649   5.078   10.530  1.00 83.60  ? 208 EDO A O2  1 
HETATM 1055 C  C1  . EDO J 3 .   ? 6.542   -11.242 2.650   1.00 111.27 ? 209 EDO A C1  1 
HETATM 1056 O  O1  . EDO J 3 .   ? 7.874   -10.771 2.773   1.00 96.07  ? 209 EDO A O1  1 
HETATM 1057 C  C2  . EDO J 3 .   ? 5.988   -11.130 1.272   1.00 110.74 ? 209 EDO A C2  1 
HETATM 1058 O  O2  . EDO J 3 .   ? 5.118   -12.195 0.909   1.00 104.54 ? 209 EDO A O2  1 
HETATM 1059 C  C1  . EDO K 3 .   ? -7.155  -8.016  -1.921  1.00 97.89  ? 210 EDO A C1  1 
HETATM 1060 O  O1  . EDO K 3 .   ? -5.919  -8.661  -2.201  1.00 92.64  ? 210 EDO A O1  1 
HETATM 1061 C  C2  . EDO K 3 .   ? -7.550  -6.998  -2.944  1.00 97.77  ? 210 EDO A C2  1 
HETATM 1062 O  O2  . EDO K 3 .   ? -8.949  -6.844  -3.196  1.00 88.41  ? 210 EDO A O2  1 
HETATM 1063 CL CL  . CL  L 4 .   ? -10.063 9.848   11.150  1.00 49.68  ? 211 CL  A CL  1 
HETATM 1064 O  O   . HOH M 5 .   ? 11.572  -5.551  4.417   1.00 84.82  ? 301 HOH A O   1 
HETATM 1065 O  O   . HOH M 5 .   ? 12.452  -0.746  -6.317  1.00 68.20  ? 302 HOH A O   1 
HETATM 1066 O  O   . HOH M 5 .   ? -14.728 -8.713  0.853   1.00 72.44  ? 303 HOH A O   1 
HETATM 1067 O  O   . HOH M 5 .   ? 10.283  1.691   1.454   1.00 78.41  ? 304 HOH A O   1 
HETATM 1068 O  O   . HOH M 5 .   ? 5.783   -8.380  4.401   1.00 54.52  ? 305 HOH A O   1 
HETATM 1069 O  O   . HOH M 5 .   ? -14.119 -8.034  7.306   1.00 67.29  ? 306 HOH A O   1 
HETATM 1070 O  O   . HOH M 5 .   ? -3.229  -6.879  -8.050  1.00 61.46  ? 307 HOH A O   1 
HETATM 1071 O  O   . HOH M 5 .   ? -13.209 1.028   1.394   1.00 198.39 ? 308 HOH A O   1 
HETATM 1072 O  O   . HOH M 5 .   ? 14.166  -1.137  -8.630  1.00 84.29  ? 309 HOH A O   1 
HETATM 1073 O  O   . HOH M 5 .   ? -12.479 4.032   -9.105  1.00 43.59  ? 310 HOH A O   1 
HETATM 1074 O  O   . HOH M 5 .   ? 2.521   9.147   6.598   1.00 65.00  ? 311 HOH A O   1 
HETATM 1075 O  O   . HOH M 5 .   ? 1.588   16.586  -14.284 1.00 58.84  ? 312 HOH A O   1 
HETATM 1076 O  O   . HOH M 5 .   ? -13.892 -7.476  -9.331  1.00 76.56  ? 313 HOH A O   1 
HETATM 1077 O  O   . HOH M 5 .   ? 11.845  -4.653  21.011  1.00 81.87  ? 314 HOH A O   1 
HETATM 1078 O  O   . HOH M 5 .   ? 5.319   10.584  -5.215  1.00 50.92  ? 315 HOH A O   1 
HETATM 1079 O  O   . HOH M 5 .   ? 1.268   -12.413 4.098   1.00 52.15  ? 316 HOH A O   1 
HETATM 1080 O  O   . HOH M 5 .   ? 7.112   4.296   -0.961  1.00 54.64  ? 317 HOH A O   1 
HETATM 1081 O  O   . HOH M 5 .   ? -2.926  -11.646 -11.138 1.00 85.76  ? 318 HOH A O   1 
HETATM 1082 O  O   . HOH M 5 .   ? 7.751   -10.195 5.314   1.00 84.47  ? 319 HOH A O   1 
HETATM 1083 O  O   . HOH M 5 .   ? -12.074 -10.076 -10.313 1.00 62.59  ? 320 HOH A O   1 
HETATM 1084 O  O   . HOH M 5 .   ? 1.638   -8.472  4.770   1.00 43.05  ? 321 HOH A O   1 
HETATM 1085 O  O   . HOH M 5 .   ? -6.898  3.317   11.841  1.00 63.26  ? 322 HOH A O   1 
HETATM 1086 O  O   . HOH M 5 .   ? -4.550  -10.958 7.421   1.00 56.46  ? 323 HOH A O   1 
HETATM 1087 O  O   . HOH M 5 .   ? -1.512  -1.651  -15.700 1.00 67.52  ? 324 HOH A O   1 
HETATM 1088 O  O   . HOH M 5 .   ? -7.671  -7.675  -9.854  1.00 76.71  ? 325 HOH A O   1 
HETATM 1089 O  O   . HOH M 5 .   ? -12.980 -8.632  5.156   1.00 62.50  ? 326 HOH A O   1 
HETATM 1090 O  O   . HOH M 5 .   ? 11.838  7.707   -8.739  1.00 63.42  ? 327 HOH A O   1 
HETATM 1091 O  O   . HOH M 5 .   ? 0.914   -11.300 16.532  1.00 67.40  ? 328 HOH A O   1 
HETATM 1092 O  O   . HOH M 5 .   ? 9.741   4.959   8.587   1.00 75.54  ? 329 HOH A O   1 
HETATM 1093 O  O   . HOH M 5 .   ? 5.196   -3.034  0.964   1.00 52.49  ? 330 HOH A O   1 
HETATM 1094 O  O   . HOH M 5 .   ? 2.605   -7.697  -17.163 1.00 74.04  ? 331 HOH A O   1 
HETATM 1095 O  O   . HOH M 5 .   ? 8.192   4.348   -3.360  1.00 54.84  ? 332 HOH A O   1 
HETATM 1096 O  O   . HOH M 5 .   ? -9.261  4.300   -16.739 1.00 103.80 ? 333 HOH A O   1 
HETATM 1097 O  O   . HOH M 5 .   ? 9.678   7.096   2.209   1.00 63.70  ? 334 HOH A O   1 
HETATM 1098 O  O   . HOH M 5 .   ? -11.509 -2.292  8.542   1.00 38.79  ? 335 HOH A O   1 
HETATM 1099 O  O   . HOH M 5 .   ? 2.811   -11.447 2.324   1.00 55.91  ? 336 HOH A O   1 
HETATM 1100 O  O   . HOH M 5 .   ? 7.237   10.507  -6.452  1.00 53.35  ? 337 HOH A O   1 
HETATM 1101 O  O   . HOH M 5 .   ? -16.413 3.221   5.645   1.00 47.61  ? 338 HOH A O   1 
HETATM 1102 O  O   . HOH M 5 .   ? -2.925  11.031  -5.320  1.00 45.14  ? 339 HOH A O   1 
HETATM 1103 O  O   . HOH M 5 .   ? -8.997  2.302   13.017  1.00 35.13  ? 340 HOH A O   1 
HETATM 1104 O  O   . HOH M 5 .   ? -0.394  -6.749  4.532   1.00 37.57  ? 341 HOH A O   1 
HETATM 1105 O  O   . HOH M 5 .   ? -1.064  -3.215  15.542  1.00 62.03  ? 342 HOH A O   1 
HETATM 1106 O  O   . HOH M 5 .   ? -7.879  11.606  10.138  1.00 47.24  ? 343 HOH A O   1 
HETATM 1107 O  O   . HOH M 5 .   ? -5.342  8.069   -11.999 1.00 48.11  ? 344 HOH A O   1 
HETATM 1108 O  O   . HOH M 5 .   ? -15.168 6.598   6.564   1.00 47.78  ? 345 HOH A O   1 
HETATM 1109 O  O   . HOH M 5 .   ? -7.164  -10.641 12.651  1.00 64.89  ? 346 HOH A O   1 
HETATM 1110 O  O   . HOH M 5 .   ? -1.296  10.022  4.094   1.00 39.28  ? 347 HOH A O   1 
HETATM 1111 O  O   . HOH M 5 .   ? 5.032   1.798   -16.571 1.00 87.57  ? 348 HOH A O   1 
HETATM 1112 O  O   . HOH M 5 .   ? -3.102  -9.134  -12.237 1.00 74.19  ? 349 HOH A O   1 
HETATM 1113 O  O   . HOH M 5 .   ? 5.251   -11.599 -2.377  1.00 57.73  ? 350 HOH A O   1 
HETATM 1114 O  O   . HOH M 5 .   ? -5.949  -0.270  12.119  1.00 46.67  ? 351 HOH A O   1 
HETATM 1115 O  O   . HOH M 5 .   ? 2.445   -6.689  -1.202  1.00 44.88  ? 352 HOH A O   1 
HETATM 1116 O  O   . HOH M 5 .   ? -2.256  -13.539 4.962   1.00 49.09  ? 353 HOH A O   1 
HETATM 1117 O  O   . HOH M 5 .   ? 8.391   -3.604  4.254   1.00 48.19  ? 354 HOH A O   1 
HETATM 1118 O  O   . HOH M 5 .   ? -13.948 4.243   -4.007  1.00 42.27  ? 355 HOH A O   1 
HETATM 1119 O  O   . HOH M 5 .   ? -3.143  0.899   -13.873 1.00 56.49  ? 356 HOH A O   1 
HETATM 1120 O  O   . HOH M 5 .   ? -5.723  -11.177 9.710   1.00 59.65  ? 357 HOH A O   1 
HETATM 1121 O  O   . HOH M 5 .   ? -11.668 8.496   6.018   1.00 44.08  ? 358 HOH A O   1 
HETATM 1122 O  O   . HOH M 5 .   ? -4.439  1.945   12.364  1.00 54.51  ? 359 HOH A O   1 
HETATM 1123 O  O   . HOH M 5 .   ? -13.448 7.042   5.391   1.00 54.00  ? 360 HOH A O   1 
HETATM 1124 O  O   . HOH M 5 .   ? -1.792  11.144  -13.399 1.00 58.11  ? 361 HOH A O   1 
HETATM 1125 O  O   . HOH M 5 .   ? 8.518   -5.192  -14.596 1.00 68.28  ? 362 HOH A O   1 
HETATM 1126 O  O   . HOH M 5 .   ? 8.439   6.084   6.506   1.00 76.29  ? 363 HOH A O   1 
HETATM 1127 O  O   . HOH M 5 .   ? 3.714   15.906  -9.657  1.00 74.63  ? 364 HOH A O   1 
HETATM 1128 O  O   . HOH M 5 .   ? -3.148  -4.257  -10.190 1.00 57.28  ? 365 HOH A O   1 
HETATM 1129 O  O   . HOH M 5 .   ? 6.821   7.362   5.239   1.00 45.03  ? 366 HOH A O   1 
HETATM 1130 O  O   . HOH M 5 .   ? 10.597  7.272   -0.312  1.00 68.20  ? 367 HOH A O   1 
HETATM 1131 O  O   . HOH M 5 .   ? -3.060  -2.298  -10.742 1.00 84.33  ? 368 HOH A O   1 
HETATM 1132 O  O   . HOH M 5 .   ? 1.171   -11.429 8.683   1.00 60.28  ? 369 HOH A O   1 
HETATM 1133 O  O   . HOH M 5 .   ? 0.729   -12.131 -15.832 1.00 90.95  ? 370 HOH A O   1 
HETATM 1134 O  O   . HOH M 5 .   ? 10.937  -3.025  -14.551 1.00 67.89  ? 371 HOH A O   1 
HETATM 1135 O  O   . HOH M 5 .   ? 9.976   2.411   -2.109  1.00 55.25  ? 372 HOH A O   1 
HETATM 1136 O  O   . HOH M 5 .   ? 1.915   12.523  18.507  1.00 65.03  ? 373 HOH A O   1 
HETATM 1137 O  O   . HOH M 5 .   ? -12.277 -6.317  -10.395 1.00 76.31  ? 374 HOH A O   1 
HETATM 1138 O  O   . HOH M 5 .   ? -11.745 10.754  1.027   1.00 57.66  ? 375 HOH A O   1 
HETATM 1139 O  O   . HOH M 5 .   ? -9.618  12.205  15.268  1.00 48.57  ? 376 HOH A O   1 
HETATM 1140 O  O   . HOH M 5 .   ? -0.602  -11.817 6.879   1.00 74.86  ? 377 HOH A O   1 
HETATM 1141 O  O   . HOH M 5 .   ? 5.350   0.209   -18.874 1.00 76.12  ? 378 HOH A O   1 
HETATM 1142 O  O   . HOH M 5 .   ? 1.076   8.901   8.627   1.00 95.90  ? 379 HOH A O   1 
HETATM 1143 O  O   . HOH M 5 .   ? 6.071   -5.312  0.983   1.00 53.75  ? 380 HOH A O   1 
HETATM 1144 O  O   . HOH M 5 .   ? 6.108   -9.217  -0.952  1.00 64.29  ? 381 HOH A O   1 
HETATM 1145 O  O   . HOH M 5 .   ? 5.249   9.191   6.375   1.00 70.69  ? 382 HOH A O   1 
HETATM 1146 O  O   . HOH M 5 .   ? 9.112   7.855   4.347   1.00 85.94  ? 383 HOH A O   1 
HETATM 1147 O  O   . HOH M 5 .   ? 4.386   -7.307  0.500   1.00 45.42  ? 384 HOH A O   1 
HETATM 1148 O  O   . HOH M 5 .   ? 8.504   7.685   15.605  1.00 84.99  ? 385 HOH A O   1 
HETATM 1149 O  O   . HOH M 5 .   ? -14.429 -2.448  -9.815  1.00 115.97 ? 386 HOH A O   1 
HETATM 1150 O  O   . HOH M 5 .   ? -15.369 9.307   8.656   1.00 84.24  ? 387 HOH A O   1 
HETATM 1151 O  O   . HOH M 5 .   ? 3.525   -8.511  2.754   1.00 54.55  ? 388 HOH A O   1 
HETATM 1152 O  O   . HOH M 5 .   ? 7.429   -5.743  3.604   1.00 64.19  ? 389 HOH A O   1 
HETATM 1153 O  O   . HOH M 5 .   ? 0.370   -7.042  18.446  1.00 63.58  ? 390 HOH A O   1 
HETATM 1154 O  O   . HOH M 5 .   ? -6.818  -5.099  -12.286 1.00 71.87  ? 391 HOH A O   1 
# 
